data_3RA0
# 
_entry.id   3RA0 
# 
_audit_conform.dict_name       mmcif_pdbx.dic 
_audit_conform.dict_version    5.379 
_audit_conform.dict_location   http://mmcif.pdb.org/dictionaries/ascii/mmcif_pdbx.dic 
# 
loop_
_database_2.database_id 
_database_2.database_code 
_database_2.pdbx_database_accession 
_database_2.pdbx_DOI 
PDB   3RA0         pdb_00003ra0 10.2210/pdb3ra0/pdb 
NDB   NA1040       ?            ?                   
RCSB  RCSB064676   ?            ?                   
WWPDB D_1000064676 ?            ?                   
# 
loop_
_pdbx_database_related.db_name 
_pdbx_database_related.db_id 
_pdbx_database_related.details 
_pdbx_database_related.content_type 
PDB 3R9Y 'StWhy2 K67A (form I)'               unspecified 
PDB 3R9Z 'StWhy2 K67A (form II)'              unspecified 
PDB 3N1H 'Same protein without K67A mutation' unspecified 
PDB 3N1I 'Same protein without K67A mutation' unspecified 
PDB 3N1J 'Same protein without K67A mutation' unspecified 
PDB 3N1K 'Same protein without K67A mutation' unspecified 
PDB 3N1L 'Same protein without K67A mutation' unspecified 
PDB 1L3A 'Paralogue protein'                  unspecified 
# 
_pdbx_database_status.entry_id                        3RA0 
_pdbx_database_status.status_code                     REL 
_pdbx_database_status.deposit_site                    RCSB 
_pdbx_database_status.process_site                    RCSB 
_pdbx_database_status.recvd_initial_deposition_date   2011-03-26 
_pdbx_database_status.status_code_sf                  REL 
_pdbx_database_status.status_code_mr                  ? 
_pdbx_database_status.SG_entry                        ? 
_pdbx_database_status.status_code_cs                  ? 
_pdbx_database_status.pdb_format_compatible           Y 
_pdbx_database_status.status_code_nmr_data            ? 
_pdbx_database_status.methods_development_category    ? 
# 
loop_
_audit_author.name 
_audit_author.pdbx_ordinal 
'Cappadocia, L.' 1 
'Brisson, N.'    2 
'Sygusch, J.'    3 
# 
_citation.id                        primary 
_citation.title                     
;A conserved lysine residue of plant Whirly proteins is necessary for higher order protein assembly and protection against DNA damage.
;
_citation.journal_abbrev            'Nucleic Acids Res.' 
_citation.journal_volume            40 
_citation.page_first                258 
_citation.page_last                 269 
_citation.year                      2012 
_citation.journal_id_ASTM           NARHAD 
_citation.country                   UK 
_citation.journal_id_ISSN           0305-1048 
_citation.journal_id_CSD            0389 
_citation.book_publisher            ? 
_citation.pdbx_database_id_PubMed   21911368 
_citation.pdbx_database_id_DOI      10.1093/nar/gkr740 
# 
loop_
_citation_author.citation_id 
_citation_author.name 
_citation_author.ordinal 
_citation_author.identifier_ORCID 
primary 'Cappadocia, L.' 1 ? 
primary 'Parent, J.S.'   2 ? 
primary 'Zampini, E.'    3 ? 
primary 'Lepage, E.'     4 ? 
primary 'Sygusch, J.'    5 ? 
primary 'Brisson, N.'    6 ? 
# 
_cell.length_a           166.465 
_cell.length_b           166.465 
_cell.length_c           166.465 
_cell.angle_alpha        90.000 
_cell.angle_beta         90.000 
_cell.angle_gamma        90.000 
_cell.entry_id           3RA0 
_cell.pdbx_unique_axis   ? 
_cell.Z_PDB              96 
_cell.length_a_esd       ? 
_cell.length_b_esd       ? 
_cell.length_c_esd       ? 
_cell.angle_alpha_esd    ? 
_cell.angle_beta_esd     ? 
_cell.angle_gamma_esd    ? 
# 
_symmetry.space_group_name_H-M             'F 4 3 2' 
_symmetry.entry_id                         3RA0 
_symmetry.pdbx_full_space_group_name_H-M   ? 
_symmetry.Int_Tables_number                209 
_symmetry.cell_setting                     ? 
_symmetry.space_group_name_Hall            ? 
# 
loop_
_entity.id 
_entity.type 
_entity.src_method 
_entity.pdbx_description 
_entity.formula_weight 
_entity.pdbx_number_of_molecules 
_entity.pdbx_ec 
_entity.pdbx_mutation 
_entity.pdbx_fragment 
_entity.details 
1 polymer man 'Why2 protein'    19942.613 1  ? K67A 'Residues 48-216' ? 
2 polymer syn 'DNA 32-mer dT32' 9689.213  1  ? ?    ?                 ? 
3 water   nat water             18.015    30 ? ?    ?                 ? 
# 
loop_
_entity_poly.entity_id 
_entity_poly.type 
_entity_poly.nstd_linkage 
_entity_poly.nstd_monomer 
_entity_poly.pdbx_seq_one_letter_code 
_entity_poly.pdbx_seq_one_letter_code_can 
_entity_poly.pdbx_strand_id 
_entity_poly.pdbx_target_identifier 
1 'polypeptide(L)'        no no 
;MADAGKREGRVFAPYSVFKGAAALSAEPRLPTFNRLDSGGVKLNRRGVIMLTFWPSVGERKYDWEKRQLFALSATEVGSL
ISMGTRDSSEFFHDPSMLSSNAGQVRKSLSIKPNADGSGYFISLSVVNNNLKTNDRFTVPVTTAEFAVMRTAFSFALPHI
MGWDRFTNRPLEHHHHHH
;
;MADAGKREGRVFAPYSVFKGAAALSAEPRLPTFNRLDSGGVKLNRRGVIMLTFWPSVGERKYDWEKRQLFALSATEVGSL
ISMGTRDSSEFFHDPSMLSSNAGQVRKSLSIKPNADGSGYFISLSVVNNNLKTNDRFTVPVTTAEFAVMRTAFSFALPHI
MGWDRFTNRPLEHHHHHH
;
A ? 
2 polydeoxyribonucleotide no no 
;(DT)(DT)(DT)(DT)(DT)(DT)(DT)(DT)(DT)(DT)(DT)(DT)(DT)(DT)(DT)(DT)(DT)(DT)(DT)(DT)
(DT)(DT)(DT)(DT)(DT)(DT)(DT)(DT)(DT)(DT)(DT)(DT)
;
TTTTTTTTTTTTTTTTTTTTTTTTTTTTTTTT B ? 
# 
loop_
_entity_poly_seq.entity_id 
_entity_poly_seq.num 
_entity_poly_seq.mon_id 
_entity_poly_seq.hetero 
1 1   MET n 
1 2   ALA n 
1 3   ASP n 
1 4   ALA n 
1 5   GLY n 
1 6   LYS n 
1 7   ARG n 
1 8   GLU n 
1 9   GLY n 
1 10  ARG n 
1 11  VAL n 
1 12  PHE n 
1 13  ALA n 
1 14  PRO n 
1 15  TYR n 
1 16  SER n 
1 17  VAL n 
1 18  PHE n 
1 19  LYS n 
1 20  GLY n 
1 21  ALA n 
1 22  ALA n 
1 23  ALA n 
1 24  LEU n 
1 25  SER n 
1 26  ALA n 
1 27  GLU n 
1 28  PRO n 
1 29  ARG n 
1 30  LEU n 
1 31  PRO n 
1 32  THR n 
1 33  PHE n 
1 34  ASN n 
1 35  ARG n 
1 36  LEU n 
1 37  ASP n 
1 38  SER n 
1 39  GLY n 
1 40  GLY n 
1 41  VAL n 
1 42  LYS n 
1 43  LEU n 
1 44  ASN n 
1 45  ARG n 
1 46  ARG n 
1 47  GLY n 
1 48  VAL n 
1 49  ILE n 
1 50  MET n 
1 51  LEU n 
1 52  THR n 
1 53  PHE n 
1 54  TRP n 
1 55  PRO n 
1 56  SER n 
1 57  VAL n 
1 58  GLY n 
1 59  GLU n 
1 60  ARG n 
1 61  LYS n 
1 62  TYR n 
1 63  ASP n 
1 64  TRP n 
1 65  GLU n 
1 66  LYS n 
1 67  ARG n 
1 68  GLN n 
1 69  LEU n 
1 70  PHE n 
1 71  ALA n 
1 72  LEU n 
1 73  SER n 
1 74  ALA n 
1 75  THR n 
1 76  GLU n 
1 77  VAL n 
1 78  GLY n 
1 79  SER n 
1 80  LEU n 
1 81  ILE n 
1 82  SER n 
1 83  MET n 
1 84  GLY n 
1 85  THR n 
1 86  ARG n 
1 87  ASP n 
1 88  SER n 
1 89  SER n 
1 90  GLU n 
1 91  PHE n 
1 92  PHE n 
1 93  HIS n 
1 94  ASP n 
1 95  PRO n 
1 96  SER n 
1 97  MET n 
1 98  LEU n 
1 99  SER n 
1 100 SER n 
1 101 ASN n 
1 102 ALA n 
1 103 GLY n 
1 104 GLN n 
1 105 VAL n 
1 106 ARG n 
1 107 LYS n 
1 108 SER n 
1 109 LEU n 
1 110 SER n 
1 111 ILE n 
1 112 LYS n 
1 113 PRO n 
1 114 ASN n 
1 115 ALA n 
1 116 ASP n 
1 117 GLY n 
1 118 SER n 
1 119 GLY n 
1 120 TYR n 
1 121 PHE n 
1 122 ILE n 
1 123 SER n 
1 124 LEU n 
1 125 SER n 
1 126 VAL n 
1 127 VAL n 
1 128 ASN n 
1 129 ASN n 
1 130 ASN n 
1 131 LEU n 
1 132 LYS n 
1 133 THR n 
1 134 ASN n 
1 135 ASP n 
1 136 ARG n 
1 137 PHE n 
1 138 THR n 
1 139 VAL n 
1 140 PRO n 
1 141 VAL n 
1 142 THR n 
1 143 THR n 
1 144 ALA n 
1 145 GLU n 
1 146 PHE n 
1 147 ALA n 
1 148 VAL n 
1 149 MET n 
1 150 ARG n 
1 151 THR n 
1 152 ALA n 
1 153 PHE n 
1 154 SER n 
1 155 PHE n 
1 156 ALA n 
1 157 LEU n 
1 158 PRO n 
1 159 HIS n 
1 160 ILE n 
1 161 MET n 
1 162 GLY n 
1 163 TRP n 
1 164 ASP n 
1 165 ARG n 
1 166 PHE n 
1 167 THR n 
1 168 ASN n 
1 169 ARG n 
1 170 PRO n 
1 171 LEU n 
1 172 GLU n 
1 173 HIS n 
1 174 HIS n 
1 175 HIS n 
1 176 HIS n 
1 177 HIS n 
1 178 HIS n 
2 1   DT  n 
2 2   DT  n 
2 3   DT  n 
2 4   DT  n 
2 5   DT  n 
2 6   DT  n 
2 7   DT  n 
2 8   DT  n 
2 9   DT  n 
2 10  DT  n 
2 11  DT  n 
2 12  DT  n 
2 13  DT  n 
2 14  DT  n 
2 15  DT  n 
2 16  DT  n 
2 17  DT  n 
2 18  DT  n 
2 19  DT  n 
2 20  DT  n 
2 21  DT  n 
2 22  DT  n 
2 23  DT  n 
2 24  DT  n 
2 25  DT  n 
2 26  DT  n 
2 27  DT  n 
2 28  DT  n 
2 29  DT  n 
2 30  DT  n 
2 31  DT  n 
2 32  DT  n 
# 
_entity_src_gen.entity_id                          1 
_entity_src_gen.pdbx_src_id                        1 
_entity_src_gen.pdbx_alt_source_flag               sample 
_entity_src_gen.pdbx_seq_type                      ? 
_entity_src_gen.pdbx_beg_seq_num                   ? 
_entity_src_gen.pdbx_end_seq_num                   ? 
_entity_src_gen.gene_src_common_name               potatoes 
_entity_src_gen.gene_src_genus                     ? 
_entity_src_gen.pdbx_gene_src_gene                 StWhy2 
_entity_src_gen.gene_src_species                   ? 
_entity_src_gen.gene_src_strain                    kennebec 
_entity_src_gen.gene_src_tissue                    ? 
_entity_src_gen.gene_src_tissue_fraction           ? 
_entity_src_gen.gene_src_details                   ? 
_entity_src_gen.pdbx_gene_src_fragment             ? 
_entity_src_gen.pdbx_gene_src_scientific_name      'Solanum tuberosum' 
_entity_src_gen.pdbx_gene_src_ncbi_taxonomy_id     4113 
_entity_src_gen.pdbx_gene_src_variant              ? 
_entity_src_gen.pdbx_gene_src_cell_line            ? 
_entity_src_gen.pdbx_gene_src_atcc                 ? 
_entity_src_gen.pdbx_gene_src_organ                ? 
_entity_src_gen.pdbx_gene_src_organelle            ? 
_entity_src_gen.pdbx_gene_src_cell                 ? 
_entity_src_gen.pdbx_gene_src_cellular_location    ? 
_entity_src_gen.host_org_common_name               ? 
_entity_src_gen.pdbx_host_org_scientific_name      'Escherichia coli' 
_entity_src_gen.pdbx_host_org_ncbi_taxonomy_id     469008 
_entity_src_gen.host_org_genus                     ? 
_entity_src_gen.pdbx_host_org_gene                 ? 
_entity_src_gen.pdbx_host_org_organ                ? 
_entity_src_gen.host_org_species                   ? 
_entity_src_gen.pdbx_host_org_tissue               ? 
_entity_src_gen.pdbx_host_org_tissue_fraction      ? 
_entity_src_gen.pdbx_host_org_strain               'BL21(DE3)' 
_entity_src_gen.pdbx_host_org_variant              ? 
_entity_src_gen.pdbx_host_org_cell_line            ? 
_entity_src_gen.pdbx_host_org_atcc                 ? 
_entity_src_gen.pdbx_host_org_culture_collection   ? 
_entity_src_gen.pdbx_host_org_cell                 ? 
_entity_src_gen.pdbx_host_org_organelle            ? 
_entity_src_gen.pdbx_host_org_cellular_location    ? 
_entity_src_gen.pdbx_host_org_vector_type          plasmid 
_entity_src_gen.pdbx_host_org_vector               ? 
_entity_src_gen.host_org_details                   ? 
_entity_src_gen.expression_system_id               ? 
_entity_src_gen.plasmid_name                       pET21a 
_entity_src_gen.plasmid_details                    ? 
_entity_src_gen.pdbx_description                   ? 
# 
_pdbx_entity_src_syn.entity_id              2 
_pdbx_entity_src_syn.pdbx_src_id            1 
_pdbx_entity_src_syn.pdbx_alt_source_flag   sample 
_pdbx_entity_src_syn.pdbx_beg_seq_num       ? 
_pdbx_entity_src_syn.pdbx_end_seq_num       ? 
_pdbx_entity_src_syn.organism_scientific    ? 
_pdbx_entity_src_syn.organism_common_name   ? 
_pdbx_entity_src_syn.ncbi_taxonomy_id       ? 
_pdbx_entity_src_syn.details                'DNA synthesis' 
# 
loop_
_struct_ref.id 
_struct_ref.db_name 
_struct_ref.db_code 
_struct_ref.pdbx_db_accession 
_struct_ref.entity_id 
_struct_ref.pdbx_seq_one_letter_code 
_struct_ref.pdbx_align_begin 
_struct_ref.pdbx_db_isoform 
1 UNP D9J034_SOLTU D9J034 1 
;ADAGKREGRVFAPYSVFKGKAALSAEPRLPTFNRLDSGGVKLNRRGVIMLTFWPSVGERKYDWEKRQLFALSATEVGSLI
SMGTRDSSEFFHDPSMLSSNAGQVRKSLSIKPNADGSGYFISLSVVNNNLKTNDRFTVPVTTAEFAVMRTAFSFALPHIM
GWDRFTNRP
;
48 ? 
2 PDB 3RA0         3RA0   2 TTTTTTTTTTTTTTTTTTTTTTTTTTTTTTTT ?  ? 
# 
loop_
_struct_ref_seq.align_id 
_struct_ref_seq.ref_id 
_struct_ref_seq.pdbx_PDB_id_code 
_struct_ref_seq.pdbx_strand_id 
_struct_ref_seq.seq_align_beg 
_struct_ref_seq.pdbx_seq_align_beg_ins_code 
_struct_ref_seq.seq_align_end 
_struct_ref_seq.pdbx_seq_align_end_ins_code 
_struct_ref_seq.pdbx_db_accession 
_struct_ref_seq.db_align_beg 
_struct_ref_seq.pdbx_db_align_beg_ins_code 
_struct_ref_seq.db_align_end 
_struct_ref_seq.pdbx_db_align_end_ins_code 
_struct_ref_seq.pdbx_auth_seq_align_beg 
_struct_ref_seq.pdbx_auth_seq_align_end 
1 1 3RA0 A 2 ? 170 ? D9J034 48 ? 216 ? 48 216 
2 2 3RA0 B 1 ? 32  ? 3RA0   1  ? 32  ? 1  32  
# 
loop_
_struct_ref_seq_dif.align_id 
_struct_ref_seq_dif.pdbx_pdb_id_code 
_struct_ref_seq_dif.mon_id 
_struct_ref_seq_dif.pdbx_pdb_strand_id 
_struct_ref_seq_dif.seq_num 
_struct_ref_seq_dif.pdbx_pdb_ins_code 
_struct_ref_seq_dif.pdbx_seq_db_name 
_struct_ref_seq_dif.pdbx_seq_db_accession_code 
_struct_ref_seq_dif.db_mon_id 
_struct_ref_seq_dif.pdbx_seq_db_seq_num 
_struct_ref_seq_dif.details 
_struct_ref_seq_dif.pdbx_auth_seq_num 
_struct_ref_seq_dif.pdbx_ordinal 
1 3RA0 MET A 1   ? UNP D9J034 ?   ?  'initiating methionine' 47  1  
1 3RA0 ALA A 21  ? UNP D9J034 LYS 67 'engineered mutation'   67  2  
1 3RA0 LEU A 171 ? UNP D9J034 ?   ?  'expression tag'        217 3  
1 3RA0 GLU A 172 ? UNP D9J034 ?   ?  'expression tag'        218 4  
1 3RA0 HIS A 173 ? UNP D9J034 ?   ?  'expression tag'        219 5  
1 3RA0 HIS A 174 ? UNP D9J034 ?   ?  'expression tag'        220 6  
1 3RA0 HIS A 175 ? UNP D9J034 ?   ?  'expression tag'        221 7  
1 3RA0 HIS A 176 ? UNP D9J034 ?   ?  'expression tag'        222 8  
1 3RA0 HIS A 177 ? UNP D9J034 ?   ?  'expression tag'        223 9  
1 3RA0 HIS A 178 ? UNP D9J034 ?   ?  'expression tag'        224 10 
# 
loop_
_chem_comp.id 
_chem_comp.type 
_chem_comp.mon_nstd_flag 
_chem_comp.name 
_chem_comp.pdbx_synonyms 
_chem_comp.formula 
_chem_comp.formula_weight 
ALA 'L-peptide linking' y ALANINE                      ? 'C3 H7 N O2'      89.093  
ARG 'L-peptide linking' y ARGININE                     ? 'C6 H15 N4 O2 1'  175.209 
ASN 'L-peptide linking' y ASPARAGINE                   ? 'C4 H8 N2 O3'     132.118 
ASP 'L-peptide linking' y 'ASPARTIC ACID'              ? 'C4 H7 N O4'      133.103 
DT  'DNA linking'       y "THYMIDINE-5'-MONOPHOSPHATE" ? 'C10 H15 N2 O8 P' 322.208 
GLN 'L-peptide linking' y GLUTAMINE                    ? 'C5 H10 N2 O3'    146.144 
GLU 'L-peptide linking' y 'GLUTAMIC ACID'              ? 'C5 H9 N O4'      147.129 
GLY 'peptide linking'   y GLYCINE                      ? 'C2 H5 N O2'      75.067  
HIS 'L-peptide linking' y HISTIDINE                    ? 'C6 H10 N3 O2 1'  156.162 
HOH non-polymer         . WATER                        ? 'H2 O'            18.015  
ILE 'L-peptide linking' y ISOLEUCINE                   ? 'C6 H13 N O2'     131.173 
LEU 'L-peptide linking' y LEUCINE                      ? 'C6 H13 N O2'     131.173 
LYS 'L-peptide linking' y LYSINE                       ? 'C6 H15 N2 O2 1'  147.195 
MET 'L-peptide linking' y METHIONINE                   ? 'C5 H11 N O2 S'   149.211 
PHE 'L-peptide linking' y PHENYLALANINE                ? 'C9 H11 N O2'     165.189 
PRO 'L-peptide linking' y PROLINE                      ? 'C5 H9 N O2'      115.130 
SER 'L-peptide linking' y SERINE                       ? 'C3 H7 N O3'      105.093 
THR 'L-peptide linking' y THREONINE                    ? 'C4 H9 N O3'      119.119 
TRP 'L-peptide linking' y TRYPTOPHAN                   ? 'C11 H12 N2 O2'   204.225 
TYR 'L-peptide linking' y TYROSINE                     ? 'C9 H11 N O3'     181.189 
VAL 'L-peptide linking' y VALINE                       ? 'C5 H11 N O2'     117.146 
# 
_exptl.entry_id          3RA0 
_exptl.method            'X-RAY DIFFRACTION' 
_exptl.crystals_number   1 
# 
_exptl_crystal.id                    1 
_exptl_crystal.density_Matthews      2.14 
_exptl_crystal.density_meas          ? 
_exptl_crystal.density_percent_sol   47.29 
_exptl_crystal.description           ? 
_exptl_crystal.F_000                 ? 
_exptl_crystal.preparation           ? 
# 
_exptl_crystal_grow.crystal_id      1 
_exptl_crystal_grow.method          'VAPOR DIFFUSION, HANGING DROP' 
_exptl_crystal_grow.pH              8 
_exptl_crystal_grow.temp            298 
_exptl_crystal_grow.pdbx_details    '100mM Tris pH8.0, 15% PEG6000, 1200mM LiCl, vapor diffusion, hanging drop, temperature 298K' 
_exptl_crystal_grow.temp_details    ? 
_exptl_crystal_grow.pdbx_pH_range   ? 
# 
_diffrn.id                     1 
_diffrn.ambient_temp           100 
_diffrn.ambient_temp_details   ? 
_diffrn.crystal_id             1 
# 
_diffrn_detector.diffrn_id              1 
_diffrn_detector.detector               CCD 
_diffrn_detector.type                   'ADSC QUANTUM 315' 
_diffrn_detector.pdbx_collection_date   2008-08-13 
_diffrn_detector.details                ? 
# 
_diffrn_radiation.diffrn_id                        1 
_diffrn_radiation.pdbx_diffrn_protocol             'SINGLE WAVELENGTH' 
_diffrn_radiation.monochromator                    'SI 111 CHANNEL' 
_diffrn_radiation.wavelength_id                    1 
_diffrn_radiation.pdbx_monochromatic_or_laue_m_l   M 
_diffrn_radiation.pdbx_scattering_type             x-ray 
# 
_diffrn_radiation_wavelength.id           1 
_diffrn_radiation_wavelength.wavelength   1.08 
_diffrn_radiation_wavelength.wt           1.0 
# 
_diffrn_source.diffrn_id                   1 
_diffrn_source.source                      SYNCHROTRON 
_diffrn_source.type                        'NSLS BEAMLINE X29A' 
_diffrn_source.pdbx_wavelength_list        1.08 
_diffrn_source.pdbx_wavelength             ? 
_diffrn_source.pdbx_synchrotron_site       NSLS 
_diffrn_source.pdbx_synchrotron_beamline   X29A 
# 
_reflns.entry_id                     3RA0 
_reflns.B_iso_Wilson_estimate        67.510 
_reflns.observed_criterion_sigma_F   0 
_reflns.observed_criterion_sigma_I   0 
_reflns.d_resolution_high            2.45 
_reflns.d_resolution_low             50 
_reflns.number_all                   7712 
_reflns.number_obs                   7685 
_reflns.percent_possible_obs         99.65 
_reflns.pdbx_Rmerge_I_obs            ? 
_reflns.pdbx_Rsym_value              0.067 
_reflns.pdbx_netI_over_sigmaI        24.5 
_reflns.pdbx_redundancy              17.6 
_reflns.R_free_details               ? 
_reflns.limit_h_max                  ? 
_reflns.limit_h_min                  ? 
_reflns.limit_k_max                  ? 
_reflns.limit_k_min                  ? 
_reflns.limit_l_max                  ? 
_reflns.limit_l_min                  ? 
_reflns.observed_criterion_F_max     ? 
_reflns.observed_criterion_F_min     ? 
_reflns.pdbx_chi_squared             ? 
_reflns.pdbx_scaling_rejects         ? 
_reflns.pdbx_ordinal                 1 
_reflns.pdbx_diffrn_id               1 
# 
_refine.entry_id                                 3RA0 
_refine.ls_d_res_high                            2.4510 
_refine.ls_d_res_low                             29.4270 
_refine.pdbx_ls_sigma_F                          0.000 
_refine.pdbx_data_cutoff_high_absF               ? 
_refine.pdbx_data_cutoff_low_absF                ? 
_refine.ls_percent_reflns_obs                    97.7700 
_refine.ls_number_reflns_obs                     7540 
_refine.ls_number_reflns_all                     7712 
_refine.pdbx_ls_cross_valid_method               THROUGHOUT 
_refine.pdbx_R_Free_selection_details            RANDOM 
_refine.details                                  ? 
_refine.ls_R_factor_all                          ? 
_refine.ls_R_factor_obs                          0.2514 
_refine.ls_R_factor_R_work                       0.2498 
_refine.ls_wR_factor_R_work                      ? 
_refine.ls_R_factor_R_free                       0.2673 
_refine.ls_wR_factor_R_free                      ? 
_refine.ls_percent_reflns_R_free                 7.8900 
_refine.ls_number_reflns_R_free                  595 
_refine.ls_R_factor_R_free_error                 ? 
_refine.B_iso_mean                               68.9694 
_refine.solvent_model_param_bsol                 57.8010 
_refine.solvent_model_param_ksol                 0.3280 
_refine.pdbx_isotropic_thermal_model             ? 
_refine.aniso_B[1][1]                            0.0000 
_refine.aniso_B[2][2]                            0.0000 
_refine.aniso_B[3][3]                            -0.0000 
_refine.aniso_B[1][2]                            0.0000 
_refine.aniso_B[1][3]                            0.0000 
_refine.aniso_B[2][3]                            -0.0000 
_refine.correlation_coeff_Fo_to_Fc               ? 
_refine.correlation_coeff_Fo_to_Fc_free          ? 
_refine.overall_SU_R_Cruickshank_DPI             ? 
_refine.overall_SU_R_free                        ? 
_refine.pdbx_overall_ESU_R_Free                  ? 
_refine.overall_SU_ML                            0.4000 
_refine.overall_SU_B                             ? 
_refine.solvent_model_details                    'FLAT BULK SOLVENT MODEL' 
_refine.pdbx_solvent_vdw_probe_radii             0.9000 
_refine.pdbx_solvent_ion_probe_radii             ? 
_refine.pdbx_solvent_shrinkage_radii             0.6100 
_refine.ls_number_parameters                     ? 
_refine.ls_number_restraints                     ? 
_refine.pdbx_starting_model                      'PDB 3N1J' 
_refine.pdbx_method_to_determine_struct          'MOLECULAR REPLACEMENT' 
_refine.pdbx_stereochemistry_target_values       ML 
_refine.pdbx_stereochem_target_val_spec_case     ? 
_refine.overall_FOM_work_R_set                   0.7179 
_refine.B_iso_max                                109.490 
_refine.B_iso_min                                45.410 
_refine.occupancy_max                            1.000 
_refine.occupancy_min                            0.740 
_refine.pdbx_ls_sigma_I                          ? 
_refine.ls_redundancy_reflns_obs                 ? 
_refine.ls_R_factor_R_free_error_details         ? 
_refine.pdbx_data_cutoff_high_rms_absF           ? 
_refine.overall_FOM_free_R_set                   ? 
_refine.pdbx_overall_phase_error                 ? 
_refine.pdbx_refine_id                           'X-RAY DIFFRACTION' 
_refine.pdbx_diffrn_id                           1 
_refine.pdbx_overall_ESU_R                       ? 
_refine.pdbx_TLS_residual_ADP_flag               ? 
_refine.pdbx_overall_SU_R_free_Cruickshank_DPI   ? 
_refine.pdbx_overall_SU_R_Blow_DPI               ? 
_refine.pdbx_overall_SU_R_free_Blow_DPI          ? 
# 
_refine_hist.pdbx_refine_id                   'X-RAY DIFFRACTION' 
_refine_hist.cycle_id                         LAST 
_refine_hist.pdbx_number_atoms_protein        1262 
_refine_hist.pdbx_number_atoms_nucleic_acid   180 
_refine_hist.pdbx_number_atoms_ligand         0 
_refine_hist.number_atoms_solvent             30 
_refine_hist.number_atoms_total               1472 
_refine_hist.d_res_high                       2.4510 
_refine_hist.d_res_low                        29.4270 
# 
loop_
_refine_ls_restr.type 
_refine_ls_restr.number 
_refine_ls_restr.dev_ideal 
_refine_ls_restr.dev_ideal_target 
_refine_ls_restr.weight 
_refine_ls_restr.pdbx_restraint_function 
_refine_ls_restr.pdbx_refine_id 
f_bond_d           1491 0.003  ? ? ? 'X-RAY DIFFRACTION' 
f_angle_d          2052 0.705  ? ? ? 'X-RAY DIFFRACTION' 
f_chiral_restr     225  0.040  ? ? ? 'X-RAY DIFFRACTION' 
f_plane_restr      236  0.002  ? ? ? 'X-RAY DIFFRACTION' 
f_dihedral_angle_d 557  16.718 ? ? ? 'X-RAY DIFFRACTION' 
# 
loop_
_refine_ls_shell.d_res_high 
_refine_ls_shell.d_res_low 
_refine_ls_shell.pdbx_total_number_of_bins_used 
_refine_ls_shell.percent_reflns_obs 
_refine_ls_shell.number_reflns_R_work 
_refine_ls_shell.R_factor_all 
_refine_ls_shell.R_factor_R_work 
_refine_ls_shell.R_factor_R_free 
_refine_ls_shell.percent_reflns_R_free 
_refine_ls_shell.number_reflns_R_free 
_refine_ls_shell.R_factor_R_free_error 
_refine_ls_shell.number_reflns_all 
_refine_ls_shell.number_reflns_obs 
_refine_ls_shell.redundancy_reflns_obs 
_refine_ls_shell.pdbx_refine_id 
2.4512 2.6977  4 93.0000  1590 . 0.3724 0.4157 . 132 . 1722 . . 'X-RAY DIFFRACTION' 
2.6977 3.0877  4 98.0000  1733 . 0.3104 0.4117 . 123 . 1856 . . 'X-RAY DIFFRACTION' 
3.0877 3.8888  4 100.0000 1735 . 0.2402 0.2733 . 170 . 1905 . . 'X-RAY DIFFRACTION' 
3.8888 29.4292 4 100.0000 1887 . 0.2296 0.2314 . 170 . 2057 . . 'X-RAY DIFFRACTION' 
# 
_struct.entry_id                  3RA0 
_struct.title                     'Crystal Structure of a StWhy2 K67A-dT32 complex' 
_struct.pdbx_model_details        ? 
_struct.pdbx_CASP_flag            ? 
_struct.pdbx_model_type_details   ? 
# 
_struct_keywords.entry_id        3RA0 
_struct_keywords.text            
;StWhy2, single-stranded DNA binding protein, Plant, Potato, Whirly, protein-DNA complex, Mitochondria, DNA BINDING PROTEIN-DNA complex
;
_struct_keywords.pdbx_keywords   'DNA BINDING PROTEIN/DNA' 
# 
loop_
_struct_asym.id 
_struct_asym.pdbx_blank_PDB_chainid_flag 
_struct_asym.pdbx_modified 
_struct_asym.entity_id 
_struct_asym.details 
A N N 1 ? 
B N N 2 ? 
C N N 3 ? 
D N N 3 ? 
# 
_struct_biol.id        1 
_struct_biol.details   
;Authors state that the biological unit is a tetramer protein plus a 32-mer DNA molecule, as indicated as pentamer in remark 350. Please refer to remark 999 for more details on the sequences specificity of this crystal structure.
;
# 
loop_
_struct_conf.conf_type_id 
_struct_conf.id 
_struct_conf.pdbx_PDB_helix_id 
_struct_conf.beg_label_comp_id 
_struct_conf.beg_label_asym_id 
_struct_conf.beg_label_seq_id 
_struct_conf.pdbx_beg_PDB_ins_code 
_struct_conf.end_label_comp_id 
_struct_conf.end_label_asym_id 
_struct_conf.end_label_seq_id 
_struct_conf.pdbx_end_PDB_ins_code 
_struct_conf.beg_auth_comp_id 
_struct_conf.beg_auth_asym_id 
_struct_conf.beg_auth_seq_id 
_struct_conf.end_auth_comp_id 
_struct_conf.end_auth_asym_id 
_struct_conf.end_auth_seq_id 
_struct_conf.pdbx_PDB_helix_class 
_struct_conf.details 
_struct_conf.pdbx_PDB_helix_length 
HELX_P HELX_P1 1 ASP A 63  ? ARG A 67  ? ASP A 109 ARG A 113 5 ? 5  
HELX_P HELX_P2 2 SER A 73  ? SER A 82  ? SER A 119 SER A 128 1 ? 10 
HELX_P HELX_P3 3 THR A 142 ? MET A 161 ? THR A 188 MET A 207 1 ? 20 
HELX_P HELX_P4 4 GLY A 162 ? PHE A 166 ? GLY A 208 PHE A 212 5 ? 5  
# 
_struct_conf_type.id          HELX_P 
_struct_conf_type.criteria    ? 
_struct_conf_type.reference   ? 
# 
loop_
_struct_sheet.id 
_struct_sheet.type 
_struct_sheet.number_strands 
_struct_sheet.details 
A ? 4 ? 
B ? 2 ? 
C ? 4 ? 
# 
loop_
_struct_sheet_order.sheet_id 
_struct_sheet_order.range_id_1 
_struct_sheet_order.range_id_2 
_struct_sheet_order.offset 
_struct_sheet_order.sense 
A 1 2 ? anti-parallel 
A 2 3 ? anti-parallel 
A 3 4 ? anti-parallel 
B 1 2 ? anti-parallel 
C 1 2 ? anti-parallel 
C 2 3 ? anti-parallel 
C 3 4 ? anti-parallel 
# 
loop_
_struct_sheet_range.sheet_id 
_struct_sheet_range.id 
_struct_sheet_range.beg_label_comp_id 
_struct_sheet_range.beg_label_asym_id 
_struct_sheet_range.beg_label_seq_id 
_struct_sheet_range.pdbx_beg_PDB_ins_code 
_struct_sheet_range.end_label_comp_id 
_struct_sheet_range.end_label_asym_id 
_struct_sheet_range.end_label_seq_id 
_struct_sheet_range.pdbx_end_PDB_ins_code 
_struct_sheet_range.beg_auth_comp_id 
_struct_sheet_range.beg_auth_asym_id 
_struct_sheet_range.beg_auth_seq_id 
_struct_sheet_range.end_auth_comp_id 
_struct_sheet_range.end_auth_asym_id 
_struct_sheet_range.end_auth_seq_id 
A 1 TYR A 15  ? PHE A 18  ? TYR A 61  PHE A 64  
A 2 ALA A 22  ? ARG A 29  ? ALA A 68  ARG A 75  
A 3 VAL A 48  ? PRO A 55  ? VAL A 94  PRO A 101 
A 4 GLN A 68  ? LEU A 72  ? GLN A 114 LEU A 118 
B 1 PHE A 33  ? ARG A 35  ? PHE A 79  ARG A 81  
B 2 VAL A 41  ? LEU A 43  ? VAL A 87  LEU A 89  
C 1 SER A 89  ? HIS A 93  ? SER A 135 HIS A 139 
C 2 VAL A 105 ? PRO A 113 ? VAL A 151 PRO A 159 
C 3 TYR A 120 ? ASN A 128 ? TYR A 166 ASN A 174 
C 4 THR A 133 ? VAL A 141 ? THR A 179 VAL A 187 
# 
loop_
_pdbx_struct_sheet_hbond.sheet_id 
_pdbx_struct_sheet_hbond.range_id_1 
_pdbx_struct_sheet_hbond.range_id_2 
_pdbx_struct_sheet_hbond.range_1_label_atom_id 
_pdbx_struct_sheet_hbond.range_1_label_comp_id 
_pdbx_struct_sheet_hbond.range_1_label_asym_id 
_pdbx_struct_sheet_hbond.range_1_label_seq_id 
_pdbx_struct_sheet_hbond.range_1_PDB_ins_code 
_pdbx_struct_sheet_hbond.range_1_auth_atom_id 
_pdbx_struct_sheet_hbond.range_1_auth_comp_id 
_pdbx_struct_sheet_hbond.range_1_auth_asym_id 
_pdbx_struct_sheet_hbond.range_1_auth_seq_id 
_pdbx_struct_sheet_hbond.range_2_label_atom_id 
_pdbx_struct_sheet_hbond.range_2_label_comp_id 
_pdbx_struct_sheet_hbond.range_2_label_asym_id 
_pdbx_struct_sheet_hbond.range_2_label_seq_id 
_pdbx_struct_sheet_hbond.range_2_PDB_ins_code 
_pdbx_struct_sheet_hbond.range_2_auth_atom_id 
_pdbx_struct_sheet_hbond.range_2_auth_comp_id 
_pdbx_struct_sheet_hbond.range_2_auth_asym_id 
_pdbx_struct_sheet_hbond.range_2_auth_seq_id 
A 1 2 N VAL A 17  ? N VAL A 63  O LEU A 24  ? O LEU A 70  
A 2 3 N ARG A 29  ? N ARG A 75  O VAL A 48  ? O VAL A 94  
A 3 4 N LEU A 51  ? N LEU A 97  O PHE A 70  ? O PHE A 116 
B 1 2 N ASN A 34  ? N ASN A 80  O LYS A 42  ? O LYS A 88  
C 1 2 N HIS A 93  ? N HIS A 139 O LYS A 107 ? O LYS A 153 
C 2 3 N LYS A 112 ? N LYS A 158 O PHE A 121 ? O PHE A 167 
C 3 4 N VAL A 126 ? N VAL A 172 O ASP A 135 ? O ASP A 181 
# 
_atom_sites.entry_id                    3RA0 
_atom_sites.fract_transf_matrix[1][1]   0.00448395 
_atom_sites.fract_transf_matrix[1][2]   0.00143910 
_atom_sites.fract_transf_matrix[1][3]   0.00372924 
_atom_sites.fract_transf_matrix[2][1]   -0.00283083 
_atom_sites.fract_transf_matrix[2][2]   0.00509993 
_atom_sites.fract_transf_matrix[2][3]   0.00143568 
_atom_sites.fract_transf_matrix[3][1]   -0.00282217 
_atom_sites.fract_transf_matrix[3][2]   -0.00282910 
_atom_sites.fract_transf_matrix[3][3]   0.00448504 
_atom_sites.fract_transf_vector[1]      0.410457 
_atom_sites.fract_transf_vector[2]      0.733119 
_atom_sites.fract_transf_vector[3]      -0.414776 
# 
loop_
_atom_type.symbol 
C 
N 
O 
P 
S 
# 
loop_
_atom_site.group_PDB 
_atom_site.id 
_atom_site.type_symbol 
_atom_site.label_atom_id 
_atom_site.label_alt_id 
_atom_site.label_comp_id 
_atom_site.label_asym_id 
_atom_site.label_entity_id 
_atom_site.label_seq_id 
_atom_site.pdbx_PDB_ins_code 
_atom_site.Cartn_x 
_atom_site.Cartn_y 
_atom_site.Cartn_z 
_atom_site.occupancy 
_atom_site.B_iso_or_equiv 
_atom_site.pdbx_formal_charge 
_atom_site.auth_seq_id 
_atom_site.auth_comp_id 
_atom_site.auth_asym_id 
_atom_site.auth_atom_id 
_atom_site.pdbx_PDB_model_num 
ATOM   1    N N     . GLY A 1 9   ? -5.829  21.345  2.920   1.00 87.30  ? 55  GLY A N     1 
ATOM   2    C CA    . GLY A 1 9   ? -6.663  20.522  2.062   1.00 88.78  ? 55  GLY A CA    1 
ATOM   3    C C     . GLY A 1 9   ? -5.975  19.234  1.655   1.00 88.66  ? 55  GLY A C     1 
ATOM   4    O O     . GLY A 1 9   ? -4.757  19.104  1.775   1.00 85.29  ? 55  GLY A O     1 
ATOM   5    N N     . ARG A 1 10  ? -6.759  18.275  1.171   1.00 85.73  ? 56  ARG A N     1 
ATOM   6    C CA    . ARG A 1 10  ? -6.217  16.989  0.750   1.00 83.70  ? 56  ARG A CA    1 
ATOM   7    C C     . ARG A 1 10  ? -5.512  17.106  -0.597  1.00 84.72  ? 56  ARG A C     1 
ATOM   8    O O     . ARG A 1 10  ? -5.601  18.135  -1.269  1.00 83.98  ? 56  ARG A O     1 
ATOM   9    C CB    . ARG A 1 10  ? -7.317  15.927  0.684   1.00 85.61  ? 56  ARG A CB    1 
ATOM   10   C CG    . ARG A 1 10  ? -7.951  15.604  2.028   1.00 96.12  ? 56  ARG A CG    1 
ATOM   11   C CD    . ARG A 1 10  ? -8.968  16.663  2.439   1.00 101.71 ? 56  ARG A CD    1 
ATOM   12   N NE    . ARG A 1 10  ? -9.273  16.607  3.866   1.00 100.98 ? 56  ARG A NE    1 
ATOM   13   C CZ    . ARG A 1 10  ? -10.072 15.706  4.426   1.00 106.19 ? 56  ARG A CZ    1 
ATOM   14   N NH1   . ARG A 1 10  ? -10.651 14.773  3.681   1.00 104.86 ? 56  ARG A NH1   1 
ATOM   15   N NH2   . ARG A 1 10  ? -10.291 15.735  5.735   1.00 109.49 ? 56  ARG A NH2   1 
ATOM   16   N N     . VAL A 1 11  ? -4.809  16.046  -0.981  1.00 80.36  ? 57  VAL A N     1 
ATOM   17   C CA    . VAL A 1 11  ? -4.067  16.029  -2.236  1.00 75.32  ? 57  VAL A CA    1 
ATOM   18   C C     . VAL A 1 11  ? -4.155  14.662  -2.908  1.00 73.96  ? 57  VAL A C     1 
ATOM   19   O O     . VAL A 1 11  ? -3.948  13.630  -2.265  1.00 75.38  ? 57  VAL A O     1 
ATOM   20   C CB    . VAL A 1 11  ? -2.586  16.393  -2.016  1.00 70.49  ? 57  VAL A CB    1 
ATOM   21   C CG1   . VAL A 1 11  ? -1.776  16.097  -3.264  1.00 65.60  ? 57  VAL A CG1   1 
ATOM   22   C CG2   . VAL A 1 11  ? -2.453  17.853  -1.621  1.00 72.29  ? 57  VAL A CG2   1 
ATOM   23   N N     . PHE A 1 12  ? -4.464  14.659  -4.201  1.00 70.53  ? 58  PHE A N     1 
ATOM   24   C CA    . PHE A 1 12  ? -4.600  13.415  -4.952  1.00 70.49  ? 58  PHE A CA    1 
ATOM   25   C C     . PHE A 1 12  ? -3.583  13.330  -6.085  1.00 67.64  ? 58  PHE A C     1 
ATOM   26   O O     . PHE A 1 12  ? -3.824  13.815  -7.190  1.00 64.71  ? 58  PHE A O     1 
ATOM   27   C CB    . PHE A 1 12  ? -6.020  13.269  -5.502  1.00 72.29  ? 58  PHE A CB    1 
ATOM   28   C CG    . PHE A 1 12  ? -7.092  13.487  -4.472  1.00 77.22  ? 58  PHE A CG    1 
ATOM   29   C CD1   . PHE A 1 12  ? -7.870  14.634  -4.494  1.00 78.07  ? 58  PHE A CD1   1 
ATOM   30   C CD2   . PHE A 1 12  ? -7.312  12.554  -3.473  1.00 77.95  ? 58  PHE A CD2   1 
ATOM   31   C CE1   . PHE A 1 12  ? -8.855  14.839  -3.546  1.00 82.20  ? 58  PHE A CE1   1 
ATOM   32   C CE2   . PHE A 1 12  ? -8.296  12.754  -2.521  1.00 81.86  ? 58  PHE A CE2   1 
ATOM   33   C CZ    . PHE A 1 12  ? -9.068  13.897  -2.557  1.00 83.47  ? 58  PHE A CZ    1 
ATOM   34   N N     . ALA A 1 13  ? -2.443  12.710  -5.796  1.00 65.18  ? 59  ALA A N     1 
ATOM   35   C CA    . ALA A 1 13  ? -1.393  12.520  -6.787  1.00 60.73  ? 59  ALA A CA    1 
ATOM   36   C C     . ALA A 1 13  ? -0.913  11.078  -6.755  1.00 56.68  ? 59  ALA A C     1 
ATOM   37   O O     . ALA A 1 13  ? 0.223   10.803  -6.372  1.00 54.41  ? 59  ALA A O     1 
ATOM   38   C CB    . ALA A 1 13  ? -0.239  13.470  -6.523  1.00 57.76  ? 59  ALA A CB    1 
ATOM   39   N N     . PRO A 1 14  ? -1.784  10.146  -7.160  1.00 61.08  ? 60  PRO A N     1 
ATOM   40   C CA    . PRO A 1 14  ? -1.485  8.714   -7.098  1.00 59.21  ? 60  PRO A CA    1 
ATOM   41   C C     . PRO A 1 14  ? -0.471  8.315   -8.154  1.00 58.98  ? 60  PRO A C     1 
ATOM   42   O O     . PRO A 1 14  ? -0.441  8.911   -9.230  1.00 61.14  ? 60  PRO A O     1 
ATOM   43   C CB    . PRO A 1 14  ? -2.831  8.058   -7.429  1.00 57.29  ? 60  PRO A CB    1 
ATOM   44   C CG    . PRO A 1 14  ? -3.851  9.154   -7.361  1.00 64.05  ? 60  PRO A CG    1 
ATOM   45   C CD    . PRO A 1 14  ? -3.122  10.401  -7.710  1.00 62.76  ? 60  PRO A CD    1 
ATOM   46   N N     . TYR A 1 15  ? 0.360   7.328   -7.843  1.00 56.22  ? 61  TYR A N     1 
ATOM   47   C CA    . TYR A 1 15  ? 1.135   6.664   -8.876  1.00 58.66  ? 61  TYR A CA    1 
ATOM   48   C C     . TYR A 1 15  ? 0.370   5.413   -9.270  1.00 58.91  ? 61  TYR A C     1 
ATOM   49   O O     . TYR A 1 15  ? 0.274   4.464   -8.493  1.00 57.79  ? 61  TYR A O     1 
ATOM   50   C CB    . TYR A 1 15  ? 2.539   6.305   -8.393  1.00 57.69  ? 61  TYR A CB    1 
ATOM   51   C CG    . TYR A 1 15  ? 3.363   5.593   -9.446  1.00 60.46  ? 61  TYR A CG    1 
ATOM   52   C CD1   . TYR A 1 15  ? 3.646   6.203   -10.662 1.00 57.00  ? 61  TYR A CD1   1 
ATOM   53   C CD2   . TYR A 1 15  ? 3.857   4.313   -9.225  1.00 60.56  ? 61  TYR A CD2   1 
ATOM   54   C CE1   . TYR A 1 15  ? 4.397   5.560   -11.628 1.00 58.88  ? 61  TYR A CE1   1 
ATOM   55   C CE2   . TYR A 1 15  ? 4.611   3.660   -10.187 1.00 57.84  ? 61  TYR A CE2   1 
ATOM   56   C CZ    . TYR A 1 15  ? 4.877   4.288   -11.386 1.00 61.25  ? 61  TYR A CZ    1 
ATOM   57   O OH    . TYR A 1 15  ? 5.627   3.648   -12.349 1.00 57.92  ? 61  TYR A OH    1 
ATOM   58   N N     . SER A 1 16  ? -0.195  5.424   -10.470 1.00 60.47  ? 62  SER A N     1 
ATOM   59   C CA    . SER A 1 16  ? -1.057  4.336   -10.907 1.00 61.53  ? 62  SER A CA    1 
ATOM   60   C C     . SER A 1 16  ? -0.452  3.515   -12.037 1.00 63.59  ? 62  SER A C     1 
ATOM   61   O O     . SER A 1 16  ? 0.146   4.054   -12.968 1.00 65.97  ? 62  SER A O     1 
ATOM   62   C CB    . SER A 1 16  ? -2.431  4.872   -11.315 1.00 64.93  ? 62  SER A CB    1 
ATOM   63   O OG    . SER A 1 16  ? -3.127  5.390   -10.193 1.00 65.45  ? 62  SER A OG    1 
ATOM   64   N N     . VAL A 1 17  ? -0.612  2.201   -11.934 1.00 67.92  ? 63  VAL A N     1 
ATOM   65   C CA    . VAL A 1 17  ? -0.184  1.275   -12.970 1.00 67.89  ? 63  VAL A CA    1 
ATOM   66   C C     . VAL A 1 17  ? -1.372  0.437   -13.431 1.00 68.76  ? 63  VAL A C     1 
ATOM   67   O O     . VAL A 1 17  ? -1.997  -0.259  -12.630 1.00 69.10  ? 63  VAL A O     1 
ATOM   68   C CB    . VAL A 1 17  ? 0.922   0.341   -12.459 1.00 67.14  ? 63  VAL A CB    1 
ATOM   69   C CG1   . VAL A 1 17  ? 1.199   -0.758  -13.475 1.00 69.84  ? 63  VAL A CG1   1 
ATOM   70   C CG2   . VAL A 1 17  ? 2.186   1.132   -12.150 1.00 67.00  ? 63  VAL A CG2   1 
ATOM   71   N N     . PHE A 1 18  ? -1.690  0.513   -14.719 1.00 70.15  ? 64  PHE A N     1 
ATOM   72   C CA    . PHE A 1 18  ? -2.820  -0.229  -15.267 1.00 69.05  ? 64  PHE A CA    1 
ATOM   73   C C     . PHE A 1 18  ? -2.360  -1.431  -16.084 1.00 72.59  ? 64  PHE A C     1 
ATOM   74   O O     . PHE A 1 18  ? -1.442  -1.329  -16.897 1.00 74.23  ? 64  PHE A O     1 
ATOM   75   C CB    . PHE A 1 18  ? -3.697  0.684   -16.118 1.00 68.63  ? 64  PHE A CB    1 
ATOM   76   C CG    . PHE A 1 18  ? -4.295  1.831   -15.356 1.00 70.69  ? 64  PHE A CG    1 
ATOM   77   C CD1   . PHE A 1 18  ? -5.626  1.810   -14.980 1.00 72.48  ? 64  PHE A CD1   1 
ATOM   78   C CD2   . PHE A 1 18  ? -3.525  2.927   -15.015 1.00 68.35  ? 64  PHE A CD2   1 
ATOM   79   C CE1   . PHE A 1 18  ? -6.179  2.865   -14.278 1.00 73.20  ? 64  PHE A CE1   1 
ATOM   80   C CE2   . PHE A 1 18  ? -4.072  3.984   -14.315 1.00 68.77  ? 64  PHE A CE2   1 
ATOM   81   C CZ    . PHE A 1 18  ? -5.399  3.953   -13.945 1.00 70.20  ? 64  PHE A CZ    1 
ATOM   82   N N     . LYS A 1 19  ? -3.005  -2.571  -15.858 1.00 74.71  ? 65  LYS A N     1 
ATOM   83   C CA    . LYS A 1 19  ? -2.666  -3.804  -16.561 1.00 71.00  ? 65  LYS A CA    1 
ATOM   84   C C     . LYS A 1 19  ? -3.923  -4.599  -16.918 1.00 71.69  ? 65  LYS A C     1 
ATOM   85   O O     . LYS A 1 19  ? -5.043  -4.117  -16.738 1.00 72.12  ? 65  LYS A O     1 
ATOM   86   C CB    . LYS A 1 19  ? -1.710  -4.652  -15.722 1.00 69.72  ? 65  LYS A CB    1 
ATOM   87   C CG    . LYS A 1 19  ? -0.335  -4.029  -15.511 1.00 68.45  ? 65  LYS A CG    1 
ATOM   88   C CD    . LYS A 1 19  ? 0.394   -3.830  -16.831 1.00 69.27  ? 65  LYS A CD    1 
ATOM   89   C CE    . LYS A 1 19  ? 1.906   -3.964  -16.670 1.00 66.26  ? 65  LYS A CE    1 
ATOM   90   N NZ    . LYS A 1 19  ? 2.511   -2.869  -15.866 1.00 62.44  ? 65  LYS A NZ    1 
ATOM   91   N N     . GLY A 1 20  ? -3.730  -5.814  -17.422 1.00 72.26  ? 66  GLY A N     1 
ATOM   92   C CA    . GLY A 1 20  ? -4.825  -6.624  -17.930 1.00 70.08  ? 66  GLY A CA    1 
ATOM   93   C C     . GLY A 1 20  ? -6.012  -6.799  -17.001 1.00 74.17  ? 66  GLY A C     1 
ATOM   94   O O     . GLY A 1 20  ? -7.084  -6.236  -17.236 1.00 70.71  ? 66  GLY A O     1 
ATOM   95   N N     . ALA A 1 21  ? -5.823  -7.585  -15.945 1.00 76.39  ? 67  ALA A N     1 
ATOM   96   C CA    . ALA A 1 21  ? -6.910  -7.920  -15.027 1.00 73.34  ? 67  ALA A CA    1 
ATOM   97   C C     . ALA A 1 21  ? -7.288  -6.780  -14.086 1.00 72.28  ? 67  ALA A C     1 
ATOM   98   O O     . ALA A 1 21  ? -8.466  -6.461  -13.931 1.00 74.87  ? 67  ALA A O     1 
ATOM   99   C CB    . ALA A 1 21  ? -6.563  -9.167  -14.229 1.00 74.72  ? 67  ALA A CB    1 
ATOM   100  N N     . ALA A 1 22  ? -6.291  -6.171  -13.450 1.00 73.78  ? 68  ALA A N     1 
ATOM   101  C CA    . ALA A 1 22  ? -6.562  -5.119  -12.473 1.00 74.38  ? 68  ALA A CA    1 
ATOM   102  C C     . ALA A 1 22  ? -5.622  -3.922  -12.588 1.00 73.90  ? 68  ALA A C     1 
ATOM   103  O O     . ALA A 1 22  ? -4.661  -3.934  -13.361 1.00 72.54  ? 68  ALA A O     1 
ATOM   104  C CB    . ALA A 1 22  ? -6.525  -5.688  -11.057 1.00 73.08  ? 68  ALA A CB    1 
ATOM   105  N N     . ALA A 1 23  ? -5.919  -2.884  -11.811 1.00 72.78  ? 69  ALA A N     1 
ATOM   106  C CA    . ALA A 1 23  ? -5.085  -1.691  -11.755 1.00 71.68  ? 69  ALA A CA    1 
ATOM   107  C C     . ALA A 1 23  ? -4.528  -1.490  -10.348 1.00 70.10  ? 69  ALA A C     1 
ATOM   108  O O     . ALA A 1 23  ? -5.139  -1.902  -9.359  1.00 67.98  ? 69  ALA A O     1 
ATOM   109  C CB    . ALA A 1 23  ? -5.873  -0.470  -12.196 1.00 72.20  ? 69  ALA A CB    1 
ATOM   110  N N     . LEU A 1 24  ? -3.366  -0.851  -10.266 1.00 70.02  ? 70  LEU A N     1 
ATOM   111  C CA    . LEU A 1 24  ? -2.695  -0.640  -8.989  1.00 67.35  ? 70  LEU A CA    1 
ATOM   112  C C     . LEU A 1 24  ? -2.381  0.832   -8.754  1.00 62.15  ? 70  LEU A C     1 
ATOM   113  O O     . LEU A 1 24  ? -1.843  1.506   -9.629  1.00 61.61  ? 70  LEU A O     1 
ATOM   114  C CB    . LEU A 1 24  ? -1.409  -1.462  -8.932  1.00 62.55  ? 70  LEU A CB    1 
ATOM   115  C CG    . LEU A 1 24  ? -0.572  -1.258  -7.675  1.00 60.14  ? 70  LEU A CG    1 
ATOM   116  C CD1   . LEU A 1 24  ? -1.437  -1.446  -6.441  1.00 62.14  ? 70  LEU A CD1   1 
ATOM   117  C CD2   . LEU A 1 24  ? 0.614   -2.206  -7.665  1.00 61.05  ? 70  LEU A CD2   1 
ATOM   118  N N     . SER A 1 25  ? -2.721  1.326   -7.568  1.00 59.35  ? 71  SER A N     1 
ATOM   119  C CA    . SER A 1 25  ? -2.488  2.725   -7.230  1.00 59.20  ? 71  SER A CA    1 
ATOM   120  C C     . SER A 1 25  ? -1.781  2.867   -5.888  1.00 56.70  ? 71  SER A C     1 
ATOM   121  O O     . SER A 1 25  ? -2.006  2.076   -4.975  1.00 57.77  ? 71  SER A O     1 
ATOM   122  C CB    . SER A 1 25  ? -3.808  3.488   -7.204  1.00 59.56  ? 71  SER A CB    1 
ATOM   123  O OG    . SER A 1 25  ? -3.589  4.863   -6.962  1.00 64.34  ? 71  SER A OG    1 
ATOM   124  N N     . ALA A 1 26  ? -0.927  3.877   -5.768  1.00 59.23  ? 72  ALA A N     1 
ATOM   125  C CA    . ALA A 1 26  ? -0.173  4.088   -4.534  1.00 56.15  ? 72  ALA A CA    1 
ATOM   126  C C     . ALA A 1 26  ? 0.017   5.567   -4.218  1.00 54.27  ? 72  ALA A C     1 
ATOM   127  O O     . ALA A 1 26  ? 0.527   6.326   -5.043  1.00 53.00  ? 72  ALA A O     1 
ATOM   128  C CB    . ALA A 1 26  ? 1.176   3.389   -4.609  1.00 50.34  ? 72  ALA A CB    1 
ATOM   129  N N     . GLU A 1 27  ? -0.401  5.968   -3.023  1.00 52.10  ? 73  GLU A N     1 
ATOM   130  C CA    . GLU A 1 27  ? -0.152  7.321   -2.539  1.00 55.44  ? 73  GLU A CA    1 
ATOM   131  C C     . GLU A 1 27  ? -0.073  7.350   -1.018  1.00 52.70  ? 73  GLU A C     1 
ATOM   132  O O     . GLU A 1 27  ? -0.778  6.604   -0.341  1.00 53.27  ? 73  GLU A O     1 
ATOM   133  C CB    . GLU A 1 27  ? -1.223  8.297   -3.032  1.00 56.27  ? 73  GLU A CB    1 
ATOM   134  C CG    . GLU A 1 27  ? -2.550  8.182   -2.315  1.00 60.13  ? 73  GLU A CG    1 
ATOM   135  C CD    . GLU A 1 27  ? -3.581  9.159   -2.848  1.00 68.08  ? 73  GLU A CD    1 
ATOM   136  O OE1   . GLU A 1 27  ? -3.183  10.133  -3.530  1.00 65.64  ? 73  GLU A OE1   1 
ATOM   137  O OE2   . GLU A 1 27  ? -4.788  8.952   -2.588  1.00 70.20  ? 73  GLU A OE2   1 
ATOM   138  N N     . PRO A 1 28  ? 0.800   8.214   -0.481  1.00 51.38  ? 74  PRO A N     1 
ATOM   139  C CA    . PRO A 1 28  ? 1.045   8.342   0.957   1.00 50.74  ? 74  PRO A CA    1 
ATOM   140  C C     . PRO A 1 28  ? -0.155  8.885   1.721   1.00 50.97  ? 74  PRO A C     1 
ATOM   141  O O     . PRO A 1 28  ? -0.932  9.672   1.189   1.00 57.49  ? 74  PRO A O     1 
ATOM   142  C CB    . PRO A 1 28  ? 2.188   9.361   1.027   1.00 50.38  ? 74  PRO A CB    1 
ATOM   143  C CG    . PRO A 1 28  ? 2.816   9.337   -0.326  1.00 54.04  ? 74  PRO A CG    1 
ATOM   144  C CD    . PRO A 1 28  ? 1.693   9.079   -1.269  1.00 51.72  ? 74  PRO A CD    1 
ATOM   145  N N     . ARG A 1 29  ? -0.290  8.450   2.968   1.00 52.72  ? 75  ARG A N     1 
ATOM   146  C CA    . ARG A 1 29  ? -1.215  9.043   3.920   1.00 53.15  ? 75  ARG A CA    1 
ATOM   147  C C     . ARG A 1 29  ? -0.383  9.537   5.091   1.00 53.51  ? 75  ARG A C     1 
ATOM   148  O O     . ARG A 1 29  ? 0.187   8.734   5.830   1.00 50.32  ? 75  ARG A O     1 
ATOM   149  C CB    . ARG A 1 29  ? -2.220  8.004   4.411   1.00 55.75  ? 75  ARG A CB    1 
ATOM   150  C CG    . ARG A 1 29  ? -3.669  8.363   4.149   1.00 63.90  ? 75  ARG A CG    1 
ATOM   151  C CD    . ARG A 1 29  ? -3.958  8.401   2.660   1.00 69.72  ? 75  ARG A CD    1 
ATOM   152  N NE    . ARG A 1 29  ? -5.143  7.621   2.317   1.00 69.49  ? 75  ARG A NE    1 
ATOM   153  C CZ    . ARG A 1 29  ? -5.500  7.320   1.073   1.00 74.53  ? 75  ARG A CZ    1 
ATOM   154  N NH1   . ARG A 1 29  ? -4.763  7.736   0.047   1.00 66.49  ? 75  ARG A NH1   1 
ATOM   155  N NH2   . ARG A 1 29  ? -6.594  6.601   0.853   1.00 71.45  ? 75  ARG A NH2   1 
ATOM   156  N N     . LEU A 1 30  ? -0.298  10.852  5.250   1.00 54.54  ? 76  LEU A N     1 
ATOM   157  C CA    . LEU A 1 30  ? 0.573   11.442  6.261   1.00 52.92  ? 76  LEU A CA    1 
ATOM   158  C C     . LEU A 1 30  ? 0.099   11.103  7.663   1.00 53.36  ? 76  LEU A C     1 
ATOM   159  O O     . LEU A 1 30  ? -1.038  10.676  7.850   1.00 52.71  ? 76  LEU A O     1 
ATOM   160  C CB    . LEU A 1 30  ? 0.647   12.959  6.087   1.00 53.93  ? 76  LEU A CB    1 
ATOM   161  C CG    . LEU A 1 30  ? 1.305   13.421  4.790   1.00 59.14  ? 76  LEU A CG    1 
ATOM   162  C CD1   . LEU A 1 30  ? 1.344   14.934  4.725   1.00 65.70  ? 76  LEU A CD1   1 
ATOM   163  C CD2   . LEU A 1 30  ? 2.701   12.839  4.681   1.00 58.86  ? 76  LEU A CD2   1 
ATOM   164  N N     . PRO A 1 31  ? 0.976   11.287  8.659   1.00 54.84  ? 77  PRO A N     1 
ATOM   165  C CA    . PRO A 1 31  ? 0.611   11.011  10.049  1.00 58.57  ? 77  PRO A CA    1 
ATOM   166  C C     . PRO A 1 31  ? -0.259  12.126  10.611  1.00 61.72  ? 77  PRO A C     1 
ATOM   167  O O     . PRO A 1 31  ? -0.234  13.245  10.099  1.00 61.10  ? 77  PRO A O     1 
ATOM   168  C CB    . PRO A 1 31  ? 1.963   11.010  10.780  1.00 56.28  ? 77  PRO A CB    1 
ATOM   169  C CG    . PRO A 1 31  ? 3.013   11.116  9.718   1.00 56.85  ? 77  PRO A CG    1 
ATOM   170  C CD    . PRO A 1 31  ? 2.365   11.751  8.541   1.00 55.95  ? 77  PRO A CD    1 
ATOM   171  N N     . THR A 1 32  ? -1.020  11.817  11.655  1.00 63.81  ? 78  THR A N     1 
ATOM   172  C CA    . THR A 1 32  ? -1.746  12.836  12.395  1.00 65.26  ? 78  THR A CA    1 
ATOM   173  C C     . THR A 1 32  ? -0.949  13.197  13.637  1.00 67.51  ? 78  THR A C     1 
ATOM   174  O O     . THR A 1 32  ? -0.329  12.334  14.259  1.00 66.09  ? 78  THR A O     1 
ATOM   175  C CB    . THR A 1 32  ? -3.136  12.351  12.833  1.00 68.27  ? 78  THR A CB    1 
ATOM   176  O OG1   . THR A 1 32  ? -3.006  11.152  13.608  1.00 69.61  ? 78  THR A OG1   1 
ATOM   177  C CG2   . THR A 1 32  ? -4.016  12.084  11.624  1.00 67.09  ? 78  THR A CG2   1 
ATOM   178  N N     . PHE A 1 33  ? -0.969  14.476  13.992  1.00 69.98  ? 79  PHE A N     1 
ATOM   179  C CA    . PHE A 1 33  ? -0.249  14.957  15.163  1.00 69.30  ? 79  PHE A CA    1 
ATOM   180  C C     . PHE A 1 33  ? -1.201  15.593  16.170  1.00 71.27  ? 79  PHE A C     1 
ATOM   181  O O     . PHE A 1 33  ? -2.219  16.174  15.793  1.00 72.52  ? 79  PHE A O     1 
ATOM   182  C CB    . PHE A 1 33  ? 0.805   15.987  14.752  1.00 65.67  ? 79  PHE A CB    1 
ATOM   183  C CG    . PHE A 1 33  ? 1.940   15.415  13.955  1.00 68.61  ? 79  PHE A CG    1 
ATOM   184  C CD1   . PHE A 1 33  ? 1.800   15.170  12.600  1.00 67.53  ? 79  PHE A CD1   1 
ATOM   185  C CD2   . PHE A 1 33  ? 3.154   15.137  14.557  1.00 70.12  ? 79  PHE A CD2   1 
ATOM   186  C CE1   . PHE A 1 33  ? 2.846   14.648  11.865  1.00 66.24  ? 79  PHE A CE1   1 
ATOM   187  C CE2   . PHE A 1 33  ? 4.204   14.616  13.827  1.00 66.79  ? 79  PHE A CE2   1 
ATOM   188  C CZ    . PHE A 1 33  ? 4.049   14.371  12.479  1.00 64.05  ? 79  PHE A CZ    1 
ATOM   189  N N     . ASN A 1 34  ? -0.864  15.479  17.451  1.00 73.14  ? 80  ASN A N     1 
ATOM   190  C CA    . ASN A 1 34  ? -1.575  16.204  18.497  1.00 72.06  ? 80  ASN A CA    1 
ATOM   191  C C     . ASN A 1 34  ? -0.658  17.224  19.140  1.00 70.82  ? 80  ASN A C     1 
ATOM   192  O O     . ASN A 1 34  ? 0.461   16.899  19.533  1.00 71.49  ? 80  ASN A O     1 
ATOM   193  C CB    . ASN A 1 34  ? -2.087  15.251  19.575  1.00 73.60  ? 80  ASN A CB    1 
ATOM   194  C CG    . ASN A 1 34  ? -3.211  14.363  19.086  1.00 76.81  ? 80  ASN A CG    1 
ATOM   195  O OD1   . ASN A 1 34  ? -3.890  14.680  18.107  1.00 76.20  ? 80  ASN A OD1   1 
ATOM   196  N ND2   . ASN A 1 34  ? -3.419  13.245  19.773  1.00 75.03  ? 80  ASN A ND2   1 
ATOM   197  N N     . ARG A 1 35  ? -1.126  18.461  19.249  1.00 73.77  ? 81  ARG A N     1 
ATOM   198  C CA    . ARG A 1 35  ? -0.347  19.482  19.932  1.00 75.55  ? 81  ARG A CA    1 
ATOM   199  C C     . ARG A 1 35  ? -0.512  19.347  21.437  1.00 72.23  ? 81  ARG A C     1 
ATOM   200  O O     . ARG A 1 35  ? -1.609  19.513  21.972  1.00 72.29  ? 81  ARG A O     1 
ATOM   201  C CB    . ARG A 1 35  ? -0.749  20.883  19.473  1.00 79.71  ? 81  ARG A CB    1 
ATOM   202  C CG    . ARG A 1 35  ? 0.086   21.418  18.323  1.00 86.43  ? 81  ARG A CG    1 
ATOM   203  C CD    . ARG A 1 35  ? 0.262   22.922  18.435  1.00 91.75  ? 81  ARG A CD    1 
ATOM   204  N NE    . ARG A 1 35  ? -0.767  23.722  17.760  1.00 95.24  ? 81  ARG A NE    1 
ATOM   205  C CZ    . ARG A 1 35  ? -1.654  23.266  16.875  1.00 94.41  ? 81  ARG A CZ    1 
ATOM   206  N NH1   . ARG A 1 35  ? -1.672  21.986  16.521  1.00 92.48  ? 81  ARG A NH1   1 
ATOM   207  N NH2   . ARG A 1 35  ? -2.533  24.105  16.334  1.00 92.80  ? 81  ARG A NH2   1 
ATOM   208  N N     . LEU A 1 36  ? 0.586   19.037  22.116  1.00 76.61  ? 82  LEU A N     1 
ATOM   209  C CA    . LEU A 1 36  ? 0.559   18.858  23.558  1.00 78.54  ? 82  LEU A CA    1 
ATOM   210  C C     . LEU A 1 36  ? 0.237   20.177  24.239  1.00 84.26  ? 82  LEU A C     1 
ATOM   211  O O     . LEU A 1 36  ? 0.274   21.236  23.611  1.00 83.36  ? 82  LEU A O     1 
ATOM   212  C CB    . LEU A 1 36  ? 1.903   18.329  24.055  1.00 78.64  ? 82  LEU A CB    1 
ATOM   213  C CG    . LEU A 1 36  ? 2.360   16.986  23.487  1.00 80.90  ? 82  LEU A CG    1 
ATOM   214  C CD1   . LEU A 1 36  ? 3.699   16.594  24.089  1.00 82.11  ? 82  LEU A CD1   1 
ATOM   215  C CD2   . LEU A 1 36  ? 1.316   15.906  23.736  1.00 80.55  ? 82  LEU A CD2   1 
ATOM   216  N N     . ASP A 1 37  ? -0.084  20.107  25.526  1.00 87.15  ? 83  ASP A N     1 
ATOM   217  C CA    . ASP A 1 37  ? -0.312  21.309  26.313  1.00 85.84  ? 83  ASP A CA    1 
ATOM   218  C C     . ASP A 1 37  ? 1.028   21.998  26.558  1.00 87.28  ? 83  ASP A C     1 
ATOM   219  O O     . ASP A 1 37  ? 1.100   23.221  26.663  1.00 85.71  ? 83  ASP A O     1 
ATOM   220  C CB    . ASP A 1 37  ? -0.997  20.963  27.638  1.00 80.47  ? 83  ASP A CB    1 
ATOM   221  C CG    . ASP A 1 37  ? -1.825  22.114  28.185  1.00 86.56  ? 83  ASP A CG    1 
ATOM   222  O OD1   . ASP A 1 37  ? -2.955  21.865  28.660  1.00 80.43  ? 83  ASP A OD1   1 
ATOM   223  O OD2   . ASP A 1 37  ? -1.350  23.269  28.137  1.00 93.11  ? 83  ASP A OD2   1 
ATOM   224  N N     . SER A 1 38  ? 2.091   21.201  26.626  1.00 87.48  ? 84  SER A N     1 
ATOM   225  C CA    . SER A 1 38  ? 3.434   21.723  26.869  1.00 89.72  ? 84  SER A CA    1 
ATOM   226  C C     . SER A 1 38  ? 3.948   22.574  25.707  1.00 90.45  ? 84  SER A C     1 
ATOM   227  O O     . SER A 1 38  ? 4.992   23.217  25.818  1.00 93.44  ? 84  SER A O     1 
ATOM   228  C CB    . SER A 1 38  ? 4.415   20.580  27.155  1.00 91.38  ? 84  SER A CB    1 
ATOM   229  O OG    . SER A 1 38  ? 4.536   19.714  26.040  1.00 91.19  ? 84  SER A OG    1 
ATOM   230  N N     . GLY A 1 39  ? 3.213   22.573  24.598  1.00 88.21  ? 85  GLY A N     1 
ATOM   231  C CA    . GLY A 1 39  ? 3.586   23.365  23.437  1.00 88.82  ? 85  GLY A CA    1 
ATOM   232  C C     . GLY A 1 39  ? 4.081   22.532  22.266  1.00 90.06  ? 85  GLY A C     1 
ATOM   233  O O     . GLY A 1 39  ? 3.769   22.820  21.108  1.00 87.34  ? 85  GLY A O     1 
ATOM   234  N N     . GLY A 1 40  ? 4.855   21.493  22.569  1.00 84.85  ? 86  GLY A N     1 
ATOM   235  C CA    . GLY A 1 40  ? 5.386   20.618  21.542  1.00 82.43  ? 86  GLY A CA    1 
ATOM   236  C C     . GLY A 1 40  ? 4.302   19.823  20.844  1.00 79.46  ? 86  GLY A C     1 
ATOM   237  O O     . GLY A 1 40  ? 3.118   19.963  21.152  1.00 77.53  ? 86  GLY A O     1 
ATOM   238  N N     . VAL A 1 41  ? 4.710   18.981  19.900  1.00 78.44  ? 87  VAL A N     1 
ATOM   239  C CA    . VAL A 1 41  ? 3.772   18.172  19.132  1.00 74.67  ? 87  VAL A CA    1 
ATOM   240  C C     . VAL A 1 41  ? 4.129   16.689  19.227  1.00 75.06  ? 87  VAL A C     1 
ATOM   241  O O     . VAL A 1 41  ? 5.293   16.332  19.416  1.00 74.15  ? 87  VAL A O     1 
ATOM   242  C CB    . VAL A 1 41  ? 3.742   18.604  17.652  1.00 73.53  ? 87  VAL A CB    1 
ATOM   243  C CG1   . VAL A 1 41  ? 2.704   17.806  16.888  1.00 73.18  ? 87  VAL A CG1   1 
ATOM   244  C CG2   . VAL A 1 41  ? 3.455   20.095  17.540  1.00 75.98  ? 87  VAL A CG2   1 
ATOM   245  N N     . LYS A 1 42  ? 3.124   15.830  19.108  1.00 70.79  ? 88  LYS A N     1 
ATOM   246  C CA    . LYS A 1 42  ? 3.338   14.395  19.237  1.00 69.63  ? 88  LYS A CA    1 
ATOM   247  C C     . LYS A 1 42  ? 2.623   13.625  18.137  1.00 70.95  ? 88  LYS A C     1 
ATOM   248  O O     . LYS A 1 42  ? 1.420   13.790  17.932  1.00 72.99  ? 88  LYS A O     1 
ATOM   249  C CB    . LYS A 1 42  ? 2.856   13.908  20.601  1.00 73.17  ? 88  LYS A CB    1 
ATOM   250  C CG    . LYS A 1 42  ? 3.130   12.436  20.867  1.00 75.19  ? 88  LYS A CG    1 
ATOM   251  C CD    . LYS A 1 42  ? 2.671   12.054  22.264  1.00 81.47  ? 88  LYS A CD    1 
ATOM   252  C CE    . LYS A 1 42  ? 3.398   10.824  22.785  1.00 80.23  ? 88  LYS A CE    1 
ATOM   253  N NZ    . LYS A 1 42  ? 3.044   10.563  24.211  1.00 81.73  ? 88  LYS A NZ    1 
ATOM   254  N N     . LEU A 1 43  ? 3.365   12.779  17.433  1.00 68.68  ? 89  LEU A N     1 
ATOM   255  C CA    . LEU A 1 43  ? 2.773   11.943  16.398  1.00 69.39  ? 89  LEU A CA    1 
ATOM   256  C C     . LEU A 1 43  ? 1.739   11.006  17.010  1.00 66.81  ? 89  LEU A C     1 
ATOM   257  O O     . LEU A 1 43  ? 2.010   10.327  17.999  1.00 65.17  ? 89  LEU A O     1 
ATOM   258  C CB    . LEU A 1 43  ? 3.852   11.150  15.656  1.00 65.38  ? 89  LEU A CB    1 
ATOM   259  C CG    . LEU A 1 43  ? 3.379   10.397  14.414  1.00 63.11  ? 89  LEU A CG    1 
ATOM   260  C CD1   . LEU A 1 43  ? 4.469   10.356  13.362  1.00 60.31  ? 89  LEU A CD1   1 
ATOM   261  C CD2   . LEU A 1 43  ? 2.904   8.997   14.769  1.00 66.32  ? 89  LEU A CD2   1 
ATOM   262  N N     . ASN A 1 44  ? 0.551   10.981  16.418  1.00 67.70  ? 90  ASN A N     1 
ATOM   263  C CA    . ASN A 1 44  ? -0.554  10.197  16.951  1.00 70.50  ? 90  ASN A CA    1 
ATOM   264  C C     . ASN A 1 44  ? -0.817  8.939   16.131  1.00 72.28  ? 90  ASN A C     1 
ATOM   265  O O     . ASN A 1 44  ? -0.367  7.850   16.486  1.00 68.96  ? 90  ASN A O     1 
ATOM   266  C CB    . ASN A 1 44  ? -1.819  11.051  17.009  1.00 70.92  ? 90  ASN A CB    1 
ATOM   267  C CG    . ASN A 1 44  ? -3.002  10.296  17.563  1.00 73.96  ? 90  ASN A CG    1 
ATOM   268  O OD1   . ASN A 1 44  ? -2.844  9.388   18.377  1.00 77.46  ? 90  ASN A OD1   1 
ATOM   269  N ND2   . ASN A 1 44  ? -4.200  10.663  17.121  1.00 72.25  ? 90  ASN A ND2   1 
ATOM   270  N N     . ARG A 1 45  ? -1.554  9.095   15.036  1.00 70.81  ? 91  ARG A N     1 
ATOM   271  C CA    . ARG A 1 45  ? -1.793  7.991   14.115  1.00 69.98  ? 91  ARG A CA    1 
ATOM   272  C C     . ARG A 1 45  ? -0.722  7.978   13.026  1.00 69.58  ? 91  ARG A C     1 
ATOM   273  O O     . ARG A 1 45  ? -0.526  8.967   12.317  1.00 65.59  ? 91  ARG A O     1 
ATOM   274  C CB    . ARG A 1 45  ? -3.189  8.091   13.498  1.00 73.01  ? 91  ARG A CB    1 
ATOM   275  C CG    . ARG A 1 45  ? -3.558  6.916   12.606  1.00 75.55  ? 91  ARG A CG    1 
ATOM   276  C CD    . ARG A 1 45  ? -5.037  6.926   12.248  1.00 83.58  ? 91  ARG A CD    1 
ATOM   277  N NE    . ARG A 1 45  ? -5.410  8.096   11.456  1.00 86.67  ? 91  ARG A NE    1 
ATOM   278  C CZ    . ARG A 1 45  ? -5.453  8.113   10.125  1.00 86.64  ? 91  ARG A CZ    1 
ATOM   279  N NH1   . ARG A 1 45  ? -5.148  7.020   9.436   1.00 85.91  ? 91  ARG A NH1   1 
ATOM   280  N NH2   . ARG A 1 45  ? -5.804  9.223   9.483   1.00 82.37  ? 91  ARG A NH2   1 
ATOM   281  N N     . ARG A 1 46  ? -0.020  6.857   12.907  1.00 69.78  ? 92  ARG A N     1 
ATOM   282  C CA    . ARG A 1 46  ? 1.104   6.752   11.987  1.00 64.51  ? 92  ARG A CA    1 
ATOM   283  C C     . ARG A 1 46  ? 0.661   6.808   10.531  1.00 61.83  ? 92  ARG A C     1 
ATOM   284  O O     . ARG A 1 46  ? -0.419  6.333   10.181  1.00 65.33  ? 92  ARG A O     1 
ATOM   285  C CB    . ARG A 1 46  ? 1.874   5.460   12.249  1.00 66.09  ? 92  ARG A CB    1 
ATOM   286  C CG    . ARG A 1 46  ? 3.223   5.384   11.555  1.00 70.09  ? 92  ARG A CG    1 
ATOM   287  C CD    . ARG A 1 46  ? 4.173   6.456   12.064  1.00 65.13  ? 92  ARG A CD    1 
ATOM   288  N NE    . ARG A 1 46  ? 5.563   6.009   12.012  1.00 70.02  ? 92  ARG A NE    1 
ATOM   289  C CZ    . ARG A 1 46  ? 6.285   5.691   13.081  1.00 74.20  ? 92  ARG A CZ    1 
ATOM   290  N NH1   . ARG A 1 46  ? 5.753   5.771   14.293  1.00 73.27  ? 92  ARG A NH1   1 
ATOM   291  N NH2   . ARG A 1 46  ? 7.542   5.293   12.938  1.00 71.70  ? 92  ARG A NH2   1 
ATOM   292  N N     . GLY A 1 47  ? 1.504   7.395   9.687   1.00 58.31  ? 93  GLY A N     1 
ATOM   293  C CA    . GLY A 1 47  ? 1.237   7.458   8.264   1.00 52.98  ? 93  GLY A CA    1 
ATOM   294  C C     . GLY A 1 47  ? 1.449   6.111   7.602   1.00 55.12  ? 93  GLY A C     1 
ATOM   295  O O     . GLY A 1 47  ? 1.980   5.185   8.214   1.00 55.26  ? 93  GLY A O     1 
ATOM   296  N N     . VAL A 1 48  ? 1.029   6.002   6.347   1.00 54.36  ? 94  VAL A N     1 
ATOM   297  C CA    . VAL A 1 48  ? 1.194   4.776   5.581   1.00 48.11  ? 94  VAL A CA    1 
ATOM   298  C C     . VAL A 1 48  ? 1.363   5.106   4.105   1.00 52.73  ? 94  VAL A C     1 
ATOM   299  O O     . VAL A 1 48  ? 1.168   6.250   3.689   1.00 48.74  ? 94  VAL A O     1 
ATOM   300  C CB    . VAL A 1 48  ? -0.034  3.853   5.718   1.00 49.77  ? 94  VAL A CB    1 
ATOM   301  C CG1   . VAL A 1 48  ? -0.262  3.463   7.165   1.00 51.21  ? 94  VAL A CG1   1 
ATOM   302  C CG2   . VAL A 1 48  ? -1.272  4.524   5.147   1.00 50.08  ? 94  VAL A CG2   1 
ATOM   303  N N     . ILE A 1 49  ? 1.746   4.106   3.319   1.00 51.87  ? 95  ILE A N     1 
ATOM   304  C CA    . ILE A 1 49  ? 1.601   4.190   1.875   1.00 49.44  ? 95  ILE A CA    1 
ATOM   305  C C     . ILE A 1 49  ? 0.361   3.382   1.527   1.00 50.46  ? 95  ILE A C     1 
ATOM   306  O O     . ILE A 1 49  ? 0.354   2.163   1.666   1.00 51.66  ? 95  ILE A O     1 
ATOM   307  C CB    . ILE A 1 49  ? 2.806   3.602   1.130   1.00 50.73  ? 95  ILE A CB    1 
ATOM   308  C CG1   . ILE A 1 49  ? 4.078   4.399   1.435   1.00 50.01  ? 95  ILE A CG1   1 
ATOM   309  C CG2   . ILE A 1 49  ? 2.542   3.582   -0.369  1.00 48.46  ? 95  ILE A CG2   1 
ATOM   310  C CD1   . ILE A 1 49  ? 4.122   5.750   0.769   1.00 50.87  ? 95  ILE A CD1   1 
ATOM   311  N N     . MET A 1 50  ? -0.698  4.057   1.103   1.00 52.05  ? 96  MET A N     1 
ATOM   312  C CA    . MET A 1 50  ? -1.942  3.363   0.801   1.00 52.16  ? 96  MET A CA    1 
ATOM   313  C C     . MET A 1 50  ? -1.930  2.734   -0.587  1.00 54.11  ? 96  MET A C     1 
ATOM   314  O O     . MET A 1 50  ? -1.677  3.413   -1.584  1.00 54.71  ? 96  MET A O     1 
ATOM   315  C CB    . MET A 1 50  ? -3.134  4.305   0.921   1.00 55.41  ? 96  MET A CB    1 
ATOM   316  C CG    . MET A 1 50  ? -4.468  3.589   0.808   1.00 57.80  ? 96  MET A CG    1 
ATOM   317  S SD    . MET A 1 50  ? -4.720  2.429   2.165   1.00 58.40  ? 96  MET A SD    1 
ATOM   318  C CE    . MET A 1 50  ? -4.841  3.559   3.552   1.00 58.97  ? 96  MET A CE    1 
ATOM   319  N N     . LEU A 1 51  ? -2.213  1.437   -0.639  1.00 51.47  ? 97  LEU A N     1 
ATOM   320  C CA    . LEU A 1 51  ? -2.316  0.724   -1.905  1.00 52.76  ? 97  LEU A CA    1 
ATOM   321  C C     . LEU A 1 51  ? -3.769  0.420   -2.241  1.00 52.70  ? 97  LEU A C     1 
ATOM   322  O O     . LEU A 1 51  ? -4.507  -0.116  -1.416  1.00 54.58  ? 97  LEU A O     1 
ATOM   323  C CB    . LEU A 1 51  ? -1.513  -0.577  -1.857  1.00 51.86  ? 97  LEU A CB    1 
ATOM   324  C CG    . LEU A 1 51  ? -0.003  -0.443  -1.669  1.00 52.35  ? 97  LEU A CG    1 
ATOM   325  C CD1   . LEU A 1 51  ? 0.666   -1.813  -1.721  1.00 49.26  ? 97  LEU A CD1   1 
ATOM   326  C CD2   . LEU A 1 51  ? 0.578   0.482   -2.722  1.00 50.30  ? 97  LEU A CD2   1 
ATOM   327  N N     . THR A 1 52  ? -4.177  0.765   -3.456  1.00 53.99  ? 98  THR A N     1 
ATOM   328  C CA    . THR A 1 52  ? -5.531  0.482   -3.908  1.00 56.89  ? 98  THR A CA    1 
ATOM   329  C C     . THR A 1 52  ? -5.509  -0.423  -5.134  1.00 61.76  ? 98  THR A C     1 
ATOM   330  O O     . THR A 1 52  ? -4.666  -0.264  -6.022  1.00 61.63  ? 98  THR A O     1 
ATOM   331  C CB    . THR A 1 52  ? -6.295  1.773   -4.244  1.00 58.43  ? 98  THR A CB    1 
ATOM   332  O OG1   . THR A 1 52  ? -6.164  2.705   -3.164  1.00 57.45  ? 98  THR A OG1   1 
ATOM   333  C CG2   . THR A 1 52  ? -7.768  1.477   -4.471  1.00 60.82  ? 98  THR A CG2   1 
ATOM   334  N N     . PHE A 1 53  ? -6.431  -1.380  -5.168  1.00 61.52  ? 99  PHE A N     1 
ATOM   335  C CA    . PHE A 1 53  ? -6.564  -2.293  -6.299  1.00 64.03  ? 99  PHE A CA    1 
ATOM   336  C C     . PHE A 1 53  ? -7.997  -2.274  -6.813  1.00 63.73  ? 99  PHE A C     1 
ATOM   337  O O     . PHE A 1 53  ? -8.937  -2.167  -6.029  1.00 65.68  ? 99  PHE A O     1 
ATOM   338  C CB    . PHE A 1 53  ? -6.202  -3.722  -5.885  1.00 60.16  ? 99  PHE A CB    1 
ATOM   339  C CG    . PHE A 1 53  ? -4.739  -3.931  -5.600  1.00 60.02  ? 99  PHE A CG    1 
ATOM   340  C CD1   . PHE A 1 53  ? -4.172  -3.465  -4.424  1.00 58.51  ? 99  PHE A CD1   1 
ATOM   341  C CD2   . PHE A 1 53  ? -3.937  -4.616  -6.498  1.00 59.68  ? 99  PHE A CD2   1 
ATOM   342  C CE1   . PHE A 1 53  ? -2.826  -3.666  -4.158  1.00 53.22  ? 99  PHE A CE1   1 
ATOM   343  C CE2   . PHE A 1 53  ? -2.593  -4.818  -6.235  1.00 58.33  ? 99  PHE A CE2   1 
ATOM   344  C CZ    . PHE A 1 53  ? -2.038  -4.341  -5.062  1.00 54.73  ? 99  PHE A CZ    1 
ATOM   345  N N     . TRP A 1 54  ? -8.166  -2.375  -8.126  1.00 66.69  ? 100 TRP A N     1 
ATOM   346  C CA    . TRP A 1 54  ? -9.496  -2.536  -8.707  1.00 69.04  ? 100 TRP A CA    1 
ATOM   347  C C     . TRP A 1 54  ? -9.435  -3.257  -10.054 1.00 71.88  ? 100 TRP A C     1 
ATOM   348  O O     . TRP A 1 54  ? -8.426  -3.183  -10.756 1.00 71.67  ? 100 TRP A O     1 
ATOM   349  C CB    . TRP A 1 54  ? -10.242 -1.195  -8.792  1.00 70.71  ? 100 TRP A CB    1 
ATOM   350  C CG    . TRP A 1 54  ? -9.628  -0.165  -9.691  1.00 74.01  ? 100 TRP A CG    1 
ATOM   351  C CD1   . TRP A 1 54  ? -10.141 0.301   -10.867 1.00 75.67  ? 100 TRP A CD1   1 
ATOM   352  C CD2   . TRP A 1 54  ? -8.399  0.543   -9.479  1.00 74.20  ? 100 TRP A CD2   1 
ATOM   353  N NE1   . TRP A 1 54  ? -9.304  1.250   -11.404 1.00 75.74  ? 100 TRP A NE1   1 
ATOM   354  C CE2   . TRP A 1 54  ? -8.227  1.417   -10.573 1.00 75.99  ? 100 TRP A CE2   1 
ATOM   355  C CE3   . TRP A 1 54  ? -7.425  0.523   -8.476  1.00 69.54  ? 100 TRP A CE3   1 
ATOM   356  C CZ2   . TRP A 1 54  ? -7.123  2.258   -10.691 1.00 73.45  ? 100 TRP A CZ2   1 
ATOM   357  C CZ3   . TRP A 1 54  ? -6.329  1.359   -8.595  1.00 66.31  ? 100 TRP A CZ3   1 
ATOM   358  C CH2   . TRP A 1 54  ? -6.188  2.215   -9.693  1.00 68.29  ? 100 TRP A CH2   1 
ATOM   359  N N     . PRO A 1 55  ? -10.517 -3.976  -10.406 1.00 76.31  ? 101 PRO A N     1 
ATOM   360  C CA    . PRO A 1 55  ? -10.581 -4.872  -11.568 1.00 74.39  ? 101 PRO A CA    1 
ATOM   361  C C     . PRO A 1 55  ? -10.847 -4.146  -12.882 1.00 75.23  ? 101 PRO A C     1 
ATOM   362  O O     . PRO A 1 55  ? -11.094 -2.943  -12.886 1.00 77.75  ? 101 PRO A O     1 
ATOM   363  C CB    . PRO A 1 55  ? -11.782 -5.776  -11.247 1.00 72.04  ? 101 PRO A CB    1 
ATOM   364  C CG    . PRO A 1 55  ? -12.265 -5.367  -9.872  1.00 75.16  ? 101 PRO A CG    1 
ATOM   365  C CD    . PRO A 1 55  ? -11.777 -3.985  -9.650  1.00 73.57  ? 101 PRO A CD    1 
ATOM   366  N N     . SER A 1 56  ? -10.812 -4.890  -13.984 1.00 77.77  ? 102 SER A N     1 
ATOM   367  C CA    . SER A 1 56  ? -11.110 -4.336  -15.302 1.00 81.13  ? 102 SER A CA    1 
ATOM   368  C C     . SER A 1 56  ? -12.401 -4.913  -15.881 1.00 84.31  ? 102 SER A C     1 
ATOM   369  O O     . SER A 1 56  ? -12.448 -6.078  -16.273 1.00 86.42  ? 102 SER A O     1 
ATOM   370  C CB    . SER A 1 56  ? -9.949  -4.588  -16.268 1.00 77.46  ? 102 SER A CB    1 
ATOM   371  O OG    . SER A 1 56  ? -9.675  -5.974  -16.386 1.00 75.56  ? 102 SER A OG    1 
ATOM   372  N N     . VAL A 1 57  ? -13.444 -4.093  -15.930 1.00 83.79  ? 103 VAL A N     1 
ATOM   373  C CA    . VAL A 1 57  ? -14.701 -4.490  -16.553 1.00 88.98  ? 103 VAL A CA    1 
ATOM   374  C C     . VAL A 1 57  ? -14.764 -4.020  -18.007 1.00 92.97  ? 103 VAL A C     1 
ATOM   375  O O     . VAL A 1 57  ? -15.387 -3.003  -18.317 1.00 97.03  ? 103 VAL A O     1 
ATOM   376  C CB    . VAL A 1 57  ? -15.927 -3.946  -15.780 1.00 87.83  ? 103 VAL A CB    1 
ATOM   377  C CG1   . VAL A 1 57  ? -16.175 -4.767  -14.523 1.00 86.36  ? 103 VAL A CG1   1 
ATOM   378  C CG2   . VAL A 1 57  ? -15.742 -2.472  -15.442 1.00 86.72  ? 103 VAL A CG2   1 
ATOM   379  N N     . GLY A 1 58  ? -14.114 -4.766  -18.896 1.00 89.06  ? 104 GLY A N     1 
ATOM   380  C CA    . GLY A 1 58  ? -14.084 -4.411  -20.302 1.00 87.87  ? 104 GLY A CA    1 
ATOM   381  C C     . GLY A 1 58  ? -12.703 -4.010  -20.782 1.00 91.83  ? 104 GLY A C     1 
ATOM   382  O O     . GLY A 1 58  ? -11.833 -3.659  -19.984 1.00 91.23  ? 104 GLY A O     1 
ATOM   383  N N     . GLU A 1 59  ? -12.507 -4.065  -22.097 1.00 95.44  ? 105 GLU A N     1 
ATOM   384  C CA    . GLU A 1 59  ? -11.239 -3.687  -22.717 1.00 95.01  ? 105 GLU A CA    1 
ATOM   385  C C     . GLU A 1 59  ? -10.723 -2.351  -22.186 1.00 95.40  ? 105 GLU A C     1 
ATOM   386  O O     . GLU A 1 59  ? -11.252 -1.288  -22.521 1.00 94.97  ? 105 GLU A O     1 
ATOM   387  C CB    . GLU A 1 59  ? -11.384 -3.649  -24.242 1.00 97.94  ? 105 GLU A CB    1 
ATOM   388  C CG    . GLU A 1 59  ? -12.648 -2.951  -24.733 1.00 102.59 ? 105 GLU A CG    1 
ATOM   389  C CD    . GLU A 1 59  ? -12.876 -3.119  -26.229 1.00 106.45 ? 105 GLU A CD    1 
ATOM   390  O OE1   . GLU A 1 59  ? -13.936 -2.674  -26.721 1.00 106.74 ? 105 GLU A OE1   1 
ATOM   391  O OE2   . GLU A 1 59  ? -11.998 -3.695  -26.910 1.00 97.83  ? 105 GLU A OE2   1 
ATOM   392  N N     . ARG A 1 60  ? -9.681  -2.420  -21.361 1.00 95.02  ? 106 ARG A N     1 
ATOM   393  C CA    . ARG A 1 60  ? -9.130  -1.243  -20.692 1.00 94.44  ? 106 ARG A CA    1 
ATOM   394  C C     . ARG A 1 60  ? -10.230 -0.322  -20.174 1.00 94.90  ? 106 ARG A C     1 
ATOM   395  O O     . ARG A 1 60  ? -10.431 0.779   -20.687 1.00 93.90  ? 106 ARG A O     1 
ATOM   396  C CB    . ARG A 1 60  ? -8.184  -0.467  -21.612 1.00 96.61  ? 106 ARG A CB    1 
ATOM   397  C CG    . ARG A 1 60  ? -7.337  0.571   -20.884 1.00 93.34  ? 106 ARG A CG    1 
ATOM   398  C CD    . ARG A 1 60  ? -6.482  1.399   -21.839 1.00 94.97  ? 106 ARG A CD    1 
ATOM   399  N NE    . ARG A 1 60  ? -5.567  0.574   -22.625 1.00 95.47  ? 106 ARG A NE    1 
ATOM   400  C CZ    . ARG A 1 60  ? -5.806  0.175   -23.870 1.00 98.33  ? 106 ARG A CZ    1 
ATOM   401  N NH1   . ARG A 1 60  ? -6.932  0.529   -24.476 1.00 99.54  ? 106 ARG A NH1   1 
ATOM   402  N NH2   . ARG A 1 60  ? -4.919  -0.575  -24.511 1.00 99.16  ? 106 ARG A NH2   1 
ATOM   403  N N     . LYS A 1 61  ? -10.946 -0.796  -19.161 1.00 92.33  ? 107 LYS A N     1 
ATOM   404  C CA    . LYS A 1 61  ? -11.977 -0.011  -18.497 1.00 90.08  ? 107 LYS A CA    1 
ATOM   405  C C     . LYS A 1 61  ? -12.217 -0.669  -17.147 1.00 89.34  ? 107 LYS A C     1 
ATOM   406  O O     . LYS A 1 61  ? -12.688 -1.804  -17.084 1.00 90.81  ? 107 LYS A O     1 
ATOM   407  C CB    . LYS A 1 61  ? -13.259 0.009   -19.328 1.00 89.31  ? 107 LYS A CB    1 
ATOM   408  C CG    . LYS A 1 61  ? -14.092 1.272   -19.159 1.00 91.97  ? 107 LYS A CG    1 
ATOM   409  C CD    . LYS A 1 61  ? -14.684 1.374   -17.764 1.00 90.53  ? 107 LYS A CD    1 
ATOM   410  C CE    . LYS A 1 61  ? -15.773 0.337   -17.544 1.00 90.60  ? 107 LYS A CE    1 
ATOM   411  N NZ    . LYS A 1 61  ? -16.946 0.569   -18.436 1.00 88.09  ? 107 LYS A NZ    1 
ATOM   412  N N     . TYR A 1 62  ? -11.878 0.032   -16.071 1.00 83.79  ? 108 TYR A N     1 
ATOM   413  C CA    . TYR A 1 62  ? -11.793 -0.608  -14.765 1.00 80.44  ? 108 TYR A CA    1 
ATOM   414  C C     . TYR A 1 62  ? -12.948 -0.261  -13.835 1.00 82.19  ? 108 TYR A C     1 
ATOM   415  O O     . TYR A 1 62  ? -13.575 0.789   -13.968 1.00 83.49  ? 108 TYR A O     1 
ATOM   416  C CB    . TYR A 1 62  ? -10.455 -0.274  -14.106 1.00 79.98  ? 108 TYR A CB    1 
ATOM   417  C CG    . TYR A 1 62  ? -9.263  -0.677  -14.945 1.00 77.57  ? 108 TYR A CG    1 
ATOM   418  C CD1   . TYR A 1 62  ? -8.844  0.111   -16.005 1.00 78.68  ? 108 TYR A CD1   1 
ATOM   419  C CD2   . TYR A 1 62  ? -8.565  -1.849  -14.682 1.00 74.18  ? 108 TYR A CD2   1 
ATOM   420  C CE1   . TYR A 1 62  ? -7.764  -0.253  -16.779 1.00 75.81  ? 108 TYR A CE1   1 
ATOM   421  C CE2   . TYR A 1 62  ? -7.481  -2.220  -15.452 1.00 71.33  ? 108 TYR A CE2   1 
ATOM   422  C CZ    . TYR A 1 62  ? -7.087  -1.417  -16.499 1.00 71.08  ? 108 TYR A CZ    1 
ATOM   423  O OH    . TYR A 1 62  ? -6.011  -1.769  -17.275 1.00 75.91  ? 108 TYR A OH    1 
ATOM   424  N N     . ASP A 1 63  ? -13.219 -1.158  -12.893 1.00 82.14  ? 109 ASP A N     1 
ATOM   425  C CA    . ASP A 1 63  ? -14.324 -0.988  -11.957 1.00 82.76  ? 109 ASP A CA    1 
ATOM   426  C C     . ASP A 1 63  ? -13.847 -0.402  -10.632 1.00 81.14  ? 109 ASP A C     1 
ATOM   427  O O     . ASP A 1 63  ? -13.329 -1.115  -9.773  1.00 79.45  ? 109 ASP A O     1 
ATOM   428  C CB    . ASP A 1 63  ? -15.038 -2.321  -11.718 1.00 82.00  ? 109 ASP A CB    1 
ATOM   429  C CG    . ASP A 1 63  ? -16.439 -2.141  -11.172 1.00 84.67  ? 109 ASP A CG    1 
ATOM   430  O OD1   . ASP A 1 63  ? -17.321 -2.953  -11.522 1.00 85.73  ? 109 ASP A OD1   1 
ATOM   431  O OD2   . ASP A 1 63  ? -16.659 -1.187  -10.396 1.00 84.40  ? 109 ASP A OD2   1 
ATOM   432  N N     . TRP A 1 64  ? -14.030 0.905   -10.477 1.00 80.80  ? 110 TRP A N     1 
ATOM   433  C CA    . TRP A 1 64  ? -13.596 1.610   -9.277  1.00 78.06  ? 110 TRP A CA    1 
ATOM   434  C C     . TRP A 1 64  ? -14.451 1.241   -8.071  1.00 79.26  ? 110 TRP A C     1 
ATOM   435  O O     . TRP A 1 64  ? -14.065 1.483   -6.930  1.00 78.88  ? 110 TRP A O     1 
ATOM   436  C CB    . TRP A 1 64  ? -13.638 3.123   -9.506  1.00 78.86  ? 110 TRP A CB    1 
ATOM   437  C CG    . TRP A 1 64  ? -13.110 3.926   -8.358  1.00 78.29  ? 110 TRP A CG    1 
ATOM   438  C CD1   . TRP A 1 64  ? -13.826 4.735   -7.522  1.00 78.39  ? 110 TRP A CD1   1 
ATOM   439  C CD2   . TRP A 1 64  ? -11.750 3.992   -7.915  1.00 75.08  ? 110 TRP A CD2   1 
ATOM   440  N NE1   . TRP A 1 64  ? -12.993 5.304   -6.588  1.00 78.24  ? 110 TRP A NE1   1 
ATOM   441  C CE2   . TRP A 1 64  ? -11.716 4.864   -6.805  1.00 76.69  ? 110 TRP A CE2   1 
ATOM   442  C CE3   . TRP A 1 64  ? -10.559 3.401   -8.343  1.00 74.25  ? 110 TRP A CE3   1 
ATOM   443  C CZ2   . TRP A 1 64  ? -10.536 5.154   -6.123  1.00 73.43  ? 110 TRP A CZ2   1 
ATOM   444  C CZ3   . TRP A 1 64  ? -9.392  3.693   -7.667  1.00 72.63  ? 110 TRP A CZ3   1 
ATOM   445  C CH2   . TRP A 1 64  ? -9.389  4.562   -6.568  1.00 71.29  ? 110 TRP A CH2   1 
ATOM   446  N N     . GLU A 1 65  ? -15.613 0.650   -8.330  1.00 79.98  ? 111 GLU A N     1 
ATOM   447  C CA    . GLU A 1 65  ? -16.526 0.269   -7.259  1.00 80.48  ? 111 GLU A CA    1 
ATOM   448  C C     . GLU A 1 65  ? -15.997 -0.917  -6.461  1.00 78.37  ? 111 GLU A C     1 
ATOM   449  O O     . GLU A 1 65  ? -16.207 -1.007  -5.251  1.00 77.54  ? 111 GLU A O     1 
ATOM   450  C CB    . GLU A 1 65  ? -17.908 -0.062  -7.827  1.00 83.93  ? 111 GLU A CB    1 
ATOM   451  C CG    . GLU A 1 65  ? -18.578 1.084   -8.569  1.00 89.33  ? 111 GLU A CG    1 
ATOM   452  C CD    . GLU A 1 65  ? -19.083 2.170   -7.637  1.00 94.73  ? 111 GLU A CD    1 
ATOM   453  O OE1   . GLU A 1 65  ? -18.528 2.310   -6.527  1.00 91.33  ? 111 GLU A OE1   1 
ATOM   454  O OE2   . GLU A 1 65  ? -20.036 2.883   -8.018  1.00 98.12  ? 111 GLU A OE2   1 
ATOM   455  N N     . LYS A 1 66  ? -15.316 -1.831  -7.143  1.00 73.20  ? 112 LYS A N     1 
ATOM   456  C CA    . LYS A 1 66  ? -14.832 -3.050  -6.505  1.00 73.60  ? 112 LYS A CA    1 
ATOM   457  C C     . LYS A 1 66  ? -13.379 -2.926  -6.067  1.00 71.47  ? 112 LYS A C     1 
ATOM   458  O O     . LYS A 1 66  ? -12.593 -3.860  -6.229  1.00 67.96  ? 112 LYS A O     1 
ATOM   459  C CB    . LYS A 1 66  ? -14.995 -4.246  -7.448  1.00 74.97  ? 112 LYS A CB    1 
ATOM   460  C CG    . LYS A 1 66  ? -16.439 -4.588  -7.774  1.00 77.74  ? 112 LYS A CG    1 
ATOM   461  C CD    . LYS A 1 66  ? -16.530 -5.803  -8.685  1.00 83.82  ? 112 LYS A CD    1 
ATOM   462  C CE    . LYS A 1 66  ? -17.977 -6.150  -8.998  1.00 85.96  ? 112 LYS A CE    1 
ATOM   463  N NZ    . LYS A 1 66  ? -18.084 -7.328  -9.903  1.00 87.18  ? 112 LYS A NZ    1 
ATOM   464  N N     . ARG A 1 67  ? -13.021 -1.777  -5.507  1.00 70.80  ? 113 ARG A N     1 
ATOM   465  C CA    . ARG A 1 67  ? -11.643 -1.548  -5.091  1.00 68.39  ? 113 ARG A CA    1 
ATOM   466  C C     . ARG A 1 67  ? -11.369 -2.068  -3.684  1.00 65.14  ? 113 ARG A C     1 
ATOM   467  O O     . ARG A 1 67  ? -12.256 -2.083  -2.831  1.00 65.40  ? 113 ARG A O     1 
ATOM   468  C CB    . ARG A 1 67  ? -11.293 -0.063  -5.179  1.00 68.95  ? 113 ARG A CB    1 
ATOM   469  C CG    . ARG A 1 67  ? -12.074 0.810   -4.217  1.00 70.58  ? 113 ARG A CG    1 
ATOM   470  C CD    . ARG A 1 67  ? -11.715 2.271   -4.387  1.00 70.16  ? 113 ARG A CD    1 
ATOM   471  N NE    . ARG A 1 67  ? -12.396 3.115   -3.410  1.00 72.80  ? 113 ARG A NE    1 
ATOM   472  C CZ    . ARG A 1 67  ? -13.599 3.648   -3.596  1.00 79.35  ? 113 ARG A CZ    1 
ATOM   473  N NH1   . ARG A 1 67  ? -14.257 3.427   -4.727  1.00 79.50  ? 113 ARG A NH1   1 
ATOM   474  N NH2   . ARG A 1 67  ? -14.145 4.405   -2.652  1.00 79.09  ? 113 ARG A NH2   1 
ATOM   475  N N     . GLN A 1 68  ? -10.134 -2.501  -3.454  1.00 58.35  ? 114 GLN A N     1 
ATOM   476  C CA    . GLN A 1 68  ? -9.702  -2.938  -2.134  1.00 58.90  ? 114 GLN A CA    1 
ATOM   477  C C     . GLN A 1 68  ? -8.426  -2.202  -1.739  1.00 59.15  ? 114 GLN A C     1 
ATOM   478  O O     . GLN A 1 68  ? -7.548  -1.968  -2.574  1.00 57.31  ? 114 GLN A O     1 
ATOM   479  C CB    . GLN A 1 68  ? -9.460  -4.447  -2.118  1.00 58.75  ? 114 GLN A CB    1 
ATOM   480  C CG    . GLN A 1 68  ? -10.668 -5.283  -2.501  1.00 59.95  ? 114 GLN A CG    1 
ATOM   481  C CD    . GLN A 1 68  ? -11.694 -5.380  -1.389  1.00 64.77  ? 114 GLN A CD    1 
ATOM   482  O OE1   . GLN A 1 68  ? -11.535 -4.780  -0.324  1.00 63.43  ? 114 GLN A OE1   1 
ATOM   483  N NE2   . GLN A 1 68  ? -12.752 -6.146  -1.630  1.00 65.45  ? 114 GLN A NE2   1 
ATOM   484  N N     . LEU A 1 69  ? -8.326  -1.845  -0.462  1.00 55.38  ? 115 LEU A N     1 
ATOM   485  C CA    . LEU A 1 69  ? -7.195  -1.066  0.028   1.00 55.21  ? 115 LEU A CA    1 
ATOM   486  C C     . LEU A 1 69  ? -6.227  -1.916  0.846   1.00 55.46  ? 115 LEU A C     1 
ATOM   487  O O     . LEU A 1 69  ? -6.613  -2.930  1.429   1.00 53.51  ? 115 LEU A O     1 
ATOM   488  C CB    . LEU A 1 69  ? -7.690  0.106   0.878   1.00 58.41  ? 115 LEU A CB    1 
ATOM   489  C CG    . LEU A 1 69  ? -8.752  1.011   0.250   1.00 59.74  ? 115 LEU A CG    1 
ATOM   490  C CD1   . LEU A 1 69  ? -9.290  2.001   1.269   1.00 65.17  ? 115 LEU A CD1   1 
ATOM   491  C CD2   . LEU A 1 69  ? -8.191  1.740   -0.956  1.00 58.83  ? 115 LEU A CD2   1 
ATOM   492  N N     . PHE A 1 70  ? -4.966  -1.495  0.883   1.00 54.36  ? 116 PHE A N     1 
ATOM   493  C CA    . PHE A 1 70  ? -3.960  -2.123  1.731   1.00 50.94  ? 116 PHE A CA    1 
ATOM   494  C C     . PHE A 1 70  ? -2.950  -1.068  2.157   1.00 52.02  ? 116 PHE A C     1 
ATOM   495  O O     . PHE A 1 70  ? -2.320  -0.432  1.317   1.00 53.77  ? 116 PHE A O     1 
ATOM   496  C CB    . PHE A 1 70  ? -3.253  -3.260  0.998   1.00 49.21  ? 116 PHE A CB    1 
ATOM   497  C CG    . PHE A 1 70  ? -2.524  -4.209  1.908   1.00 49.26  ? 116 PHE A CG    1 
ATOM   498  C CD1   . PHE A 1 70  ? -3.132  -5.378  2.342   1.00 51.99  ? 116 PHE A CD1   1 
ATOM   499  C CD2   . PHE A 1 70  ? -1.234  -3.937  2.326   1.00 50.61  ? 116 PHE A CD2   1 
ATOM   500  C CE1   . PHE A 1 70  ? -2.463  -6.257  3.177   1.00 53.71  ? 116 PHE A CE1   1 
ATOM   501  C CE2   . PHE A 1 70  ? -0.561  -4.811  3.161   1.00 53.91  ? 116 PHE A CE2   1 
ATOM   502  C CZ    . PHE A 1 70  ? -1.177  -5.972  3.587   1.00 54.38  ? 116 PHE A CZ    1 
ATOM   503  N N     . ALA A 1 71  ? -2.796  -0.891  3.466   1.00 52.44  ? 117 ALA A N     1 
ATOM   504  C CA    . ALA A 1 71  ? -1.975  0.185   4.003   1.00 50.47  ? 117 ALA A CA    1 
ATOM   505  C C     . ALA A 1 71  ? -0.604  -0.300  4.452   1.00 53.16  ? 117 ALA A C     1 
ATOM   506  O O     . ALA A 1 71  ? -0.476  -0.965  5.478   1.00 56.22  ? 117 ALA A O     1 
ATOM   507  C CB    . ALA A 1 71  ? -2.699  0.862   5.160   1.00 52.01  ? 117 ALA A CB    1 
ATOM   508  N N     . LEU A 1 72  ? 0.424   0.048   3.688   1.00 50.54  ? 118 LEU A N     1 
ATOM   509  C CA    . LEU A 1 72  ? 1.789   -0.312  4.044   1.00 50.51  ? 118 LEU A CA    1 
ATOM   510  C C     . LEU A 1 72  ? 2.295   0.516   5.217   1.00 52.02  ? 118 LEU A C     1 
ATOM   511  O O     . LEU A 1 72  ? 2.196   1.742   5.212   1.00 53.71  ? 118 LEU A O     1 
ATOM   512  C CB    . LEU A 1 72  ? 2.721   -0.120  2.848   1.00 52.59  ? 118 LEU A CB    1 
ATOM   513  C CG    . LEU A 1 72  ? 2.428   -1.000  1.639   1.00 51.24  ? 118 LEU A CG    1 
ATOM   514  C CD1   . LEU A 1 72  ? 3.255   -0.550  0.456   1.00 51.53  ? 118 LEU A CD1   1 
ATOM   515  C CD2   . LEU A 1 72  ? 2.703   -2.453  1.979   1.00 51.79  ? 118 LEU A CD2   1 
ATOM   516  N N     . SER A 1 73  ? 2.845   -0.163  6.218   1.00 56.66  ? 119 SER A N     1 
ATOM   517  C CA    . SER A 1 73  ? 3.446   0.501   7.367   1.00 54.87  ? 119 SER A CA    1 
ATOM   518  C C     . SER A 1 73  ? 4.867   0.931   7.037   1.00 54.98  ? 119 SER A C     1 
ATOM   519  O O     . SER A 1 73  ? 5.398   0.583   5.981   1.00 53.71  ? 119 SER A O     1 
ATOM   520  C CB    . SER A 1 73  ? 3.465   -0.439  8.574   1.00 56.82  ? 119 SER A CB    1 
ATOM   521  O OG    . SER A 1 73  ? 4.236   -1.598  8.308   1.00 57.98  ? 119 SER A OG    1 
ATOM   522  N N     . ALA A 1 74  ? 5.482   1.685   7.942   1.00 56.02  ? 120 ALA A N     1 
ATOM   523  C CA    . ALA A 1 74  ? 6.850   2.142   7.743   1.00 56.14  ? 120 ALA A CA    1 
ATOM   524  C C     . ALA A 1 74  ? 7.754   0.945   7.496   1.00 56.69  ? 120 ALA A C     1 
ATOM   525  O O     . ALA A 1 74  ? 8.515   0.910   6.527   1.00 52.46  ? 120 ALA A O     1 
ATOM   526  C CB    . ALA A 1 74  ? 7.331   2.929   8.950   1.00 53.91  ? 120 ALA A CB    1 
ATOM   527  N N     . THR A 1 75  ? 7.655   -0.042  8.378   1.00 57.02  ? 121 THR A N     1 
ATOM   528  C CA    . THR A 1 75  ? 8.476   -1.236  8.278   1.00 57.29  ? 121 THR A CA    1 
ATOM   529  C C     . THR A 1 75  ? 8.257   -1.968  6.954   1.00 55.06  ? 121 THR A C     1 
ATOM   530  O O     . THR A 1 75  ? 9.216   -2.324  6.272   1.00 55.74  ? 121 THR A O     1 
ATOM   531  C CB    . THR A 1 75  ? 8.216   -2.183  9.456   1.00 58.07  ? 121 THR A CB    1 
ATOM   532  O OG1   . THR A 1 75  ? 8.401   -1.470  10.686  1.00 57.42  ? 121 THR A OG1   1 
ATOM   533  C CG2   . THR A 1 75  ? 9.174   -3.359  9.409   1.00 56.46  ? 121 THR A CG2   1 
ATOM   534  N N     . GLU A 1 76  ? 6.999   -2.177  6.583   1.00 54.71  ? 122 GLU A N     1 
ATOM   535  C CA    . GLU A 1 76  ? 6.688   -2.866  5.335   1.00 53.64  ? 122 GLU A CA    1 
ATOM   536  C C     . GLU A 1 76  ? 7.230   -2.122  4.122   1.00 54.26  ? 122 GLU A C     1 
ATOM   537  O O     . GLU A 1 76  ? 7.637   -2.736  3.138   1.00 55.99  ? 122 GLU A O     1 
ATOM   538  C CB    . GLU A 1 76  ? 5.184   -3.083  5.205   1.00 53.07  ? 122 GLU A CB    1 
ATOM   539  C CG    . GLU A 1 76  ? 4.650   -4.093  6.196   1.00 55.75  ? 122 GLU A CG    1 
ATOM   540  C CD    . GLU A 1 76  ? 3.148   -4.052  6.314   1.00 59.29  ? 122 GLU A CD    1 
ATOM   541  O OE1   . GLU A 1 76  ? 2.566   -5.040  6.811   1.00 63.97  ? 122 GLU A OE1   1 
ATOM   542  O OE2   . GLU A 1 76  ? 2.549   -3.030  5.919   1.00 58.68  ? 122 GLU A OE2   1 
ATOM   543  N N     . VAL A 1 77  ? 7.229   -0.796  4.191   1.00 53.83  ? 123 VAL A N     1 
ATOM   544  C CA    . VAL A 1 77  ? 7.839   0.012   3.146   1.00 54.81  ? 123 VAL A CA    1 
ATOM   545  C C     . VAL A 1 77  ? 9.334   -0.268  3.123   1.00 55.73  ? 123 VAL A C     1 
ATOM   546  O O     . VAL A 1 77  ? 9.930   -0.434  2.060   1.00 59.66  ? 123 VAL A O     1 
ATOM   547  C CB    . VAL A 1 77  ? 7.603   1.521   3.382   1.00 56.37  ? 123 VAL A CB    1 
ATOM   548  C CG1   . VAL A 1 77  ? 8.443   2.351   2.424   1.00 53.32  ? 123 VAL A CG1   1 
ATOM   549  C CG2   . VAL A 1 77  ? 6.129   1.863   3.239   1.00 52.53  ? 123 VAL A CG2   1 
ATOM   550  N N     . GLY A 1 78  ? 9.936   -0.324  4.306   1.00 54.87  ? 124 GLY A N     1 
ATOM   551  C CA    . GLY A 1 78  ? 11.349  -0.627  4.426   1.00 57.95  ? 124 GLY A CA    1 
ATOM   552  C C     . GLY A 1 78  ? 11.676  -1.971  3.806   1.00 59.80  ? 124 GLY A C     1 
ATOM   553  O O     . GLY A 1 78  ? 12.715  -2.142  3.175   1.00 63.18  ? 124 GLY A O     1 
ATOM   554  N N     . SER A 1 79  ? 10.775  -2.930  3.988   1.00 58.43  ? 125 SER A N     1 
ATOM   555  C CA    . SER A 1 79  ? 10.930  -4.257  3.409   1.00 59.06  ? 125 SER A CA    1 
ATOM   556  C C     . SER A 1 79  ? 10.882  -4.215  1.885   1.00 59.96  ? 125 SER A C     1 
ATOM   557  O O     . SER A 1 79  ? 11.726  -4.797  1.207   1.00 63.09  ? 125 SER A O     1 
ATOM   558  C CB    . SER A 1 79  ? 9.837   -5.187  3.934   1.00 57.79  ? 125 SER A CB    1 
ATOM   559  O OG    . SER A 1 79  ? 9.712   -6.331  3.113   1.00 65.26  ? 125 SER A OG    1 
ATOM   560  N N     . LEU A 1 80  ? 9.886   -3.517  1.355   1.00 59.81  ? 126 LEU A N     1 
ATOM   561  C CA    . LEU A 1 80  ? 9.678   -3.423  -0.085  1.00 61.19  ? 126 LEU A CA    1 
ATOM   562  C C     . LEU A 1 80  ? 10.867  -2.804  -0.820  1.00 63.55  ? 126 LEU A C     1 
ATOM   563  O O     . LEU A 1 80  ? 11.271  -3.289  -1.876  1.00 63.72  ? 126 LEU A O     1 
ATOM   564  C CB    . LEU A 1 80  ? 8.399   -2.628  -0.371  1.00 57.78  ? 126 LEU A CB    1 
ATOM   565  C CG    . LEU A 1 80  ? 7.932   -2.464  -1.819  1.00 63.21  ? 126 LEU A CG    1 
ATOM   566  C CD1   . LEU A 1 80  ? 6.429   -2.221  -1.859  1.00 56.45  ? 126 LEU A CD1   1 
ATOM   567  C CD2   . LEU A 1 80  ? 8.688   -1.343  -2.539  1.00 59.15  ? 126 LEU A CD2   1 
ATOM   568  N N     . ILE A 1 81  ? 11.426  -1.735  -0.261  1.00 64.47  ? 127 ILE A N     1 
ATOM   569  C CA    . ILE A 1 81  ? 12.501  -1.001  -0.926  1.00 64.01  ? 127 ILE A CA    1 
ATOM   570  C C     . ILE A 1 81  ? 13.843  -1.707  -0.805  1.00 66.76  ? 127 ILE A C     1 
ATOM   571  O O     . ILE A 1 81  ? 14.775  -1.421  -1.556  1.00 68.15  ? 127 ILE A O     1 
ATOM   572  C CB    . ILE A 1 81  ? 12.651  0.423   -0.361  1.00 64.32  ? 127 ILE A CB    1 
ATOM   573  C CG1   . ILE A 1 81  ? 13.010  0.365   1.125   1.00 63.20  ? 127 ILE A CG1   1 
ATOM   574  C CG2   . ILE A 1 81  ? 11.380  1.224   -0.576  1.00 62.38  ? 127 ILE A CG2   1 
ATOM   575  C CD1   . ILE A 1 81  ? 13.131  1.724   1.771   1.00 63.62  ? 127 ILE A CD1   1 
ATOM   576  N N     . SER A 1 82  ? 13.942  -2.622  0.152   1.00 65.68  ? 128 SER A N     1 
ATOM   577  C CA    . SER A 1 82  ? 15.188  -3.340  0.379   1.00 65.32  ? 128 SER A CA    1 
ATOM   578  C C     . SER A 1 82  ? 15.228  -4.639  -0.417  1.00 67.91  ? 128 SER A C     1 
ATOM   579  O O     . SER A 1 82  ? 16.216  -5.368  -0.373  1.00 72.15  ? 128 SER A O     1 
ATOM   580  C CB    . SER A 1 82  ? 15.377  -3.627  1.869   1.00 68.19  ? 128 SER A CB    1 
ATOM   581  O OG    . SER A 1 82  ? 14.349  -4.471  2.366   1.00 70.34  ? 128 SER A OG    1 
ATOM   582  N N     . MET A 1 83  ? 14.153  -4.917  -1.147  1.00 68.96  ? 129 MET A N     1 
ATOM   583  C CA    . MET A 1 83  ? 14.043  -6.151  -1.915  1.00 67.25  ? 129 MET A CA    1 
ATOM   584  C C     . MET A 1 83  ? 15.018  -6.211  -3.078  1.00 72.36  ? 129 MET A C     1 
ATOM   585  O O     . MET A 1 83  ? 14.997  -5.350  -3.960  1.00 70.10  ? 129 MET A O     1 
ATOM   586  C CB    . MET A 1 83  ? 12.634  -6.317  -2.476  1.00 67.89  ? 129 MET A CB    1 
ATOM   587  C CG    . MET A 1 83  ? 11.560  -6.538  -1.444  1.00 66.86  ? 129 MET A CG    1 
ATOM   588  S SD    . MET A 1 83  ? 9.996   -6.873  -2.263  1.00 68.34  ? 129 MET A SD    1 
ATOM   589  C CE    . MET A 1 83  ? 10.289  -8.530  -2.878  1.00 68.50  ? 129 MET A CE    1 
ATOM   590  N N     . GLY A 1 84  ? 15.854  -7.245  -3.084  1.00 75.45  ? 130 GLY A N     1 
ATOM   591  C CA    . GLY A 1 84  ? 16.664  -7.564  -4.244  1.00 73.10  ? 130 GLY A CA    1 
ATOM   592  C C     . GLY A 1 84  ? 15.775  -8.109  -5.346  1.00 75.39  ? 130 GLY A C     1 
ATOM   593  O O     . GLY A 1 84  ? 14.588  -8.359  -5.124  1.00 72.61  ? 130 GLY A O     1 
ATOM   594  N N     . THR A 1 85  ? 16.342  -8.294  -6.533  1.00 76.67  ? 131 THR A N     1 
ATOM   595  C CA    . THR A 1 85  ? 15.565  -8.757  -7.678  1.00 75.41  ? 131 THR A CA    1 
ATOM   596  C C     . THR A 1 85  ? 14.993  -10.148 -7.444  1.00 76.41  ? 131 THR A C     1 
ATOM   597  O O     . THR A 1 85  ? 13.907  -10.473 -7.925  1.00 76.86  ? 131 THR A O     1 
ATOM   598  C CB    . THR A 1 85  ? 16.411  -8.787  -8.961  1.00 76.58  ? 131 THR A CB    1 
ATOM   599  O OG1   . THR A 1 85  ? 17.073  -7.529  -9.129  1.00 80.16  ? 131 THR A OG1   1 
ATOM   600  C CG2   . THR A 1 85  ? 15.530  -9.058  -10.171 1.00 79.01  ? 131 THR A CG2   1 
ATOM   601  N N     . ARG A 1 86  ? 15.732  -10.965 -6.701  1.00 77.10  ? 132 ARG A N     1 
ATOM   602  C CA    . ARG A 1 86  ? 15.353  -12.356 -6.476  1.00 80.70  ? 132 ARG A CA    1 
ATOM   603  C C     . ARG A 1 86  ? 14.608  -12.544 -5.158  1.00 79.19  ? 132 ARG A C     1 
ATOM   604  O O     . ARG A 1 86  ? 14.584  -13.644 -4.604  1.00 79.13  ? 132 ARG A O     1 
ATOM   605  C CB    . ARG A 1 86  ? 16.598  -13.249 -6.501  1.00 81.18  ? 132 ARG A CB    1 
ATOM   606  C CG    . ARG A 1 86  ? 17.449  -13.112 -7.760  1.00 84.46  ? 132 ARG A CG    1 
ATOM   607  C CD    . ARG A 1 86  ? 16.927  -13.984 -8.899  1.00 89.72  ? 132 ARG A CD    1 
ATOM   608  N NE    . ARG A 1 86  ? 15.578  -13.610 -9.321  1.00 90.68  ? 132 ARG A NE    1 
ATOM   609  C CZ    . ARG A 1 86  ? 15.249  -13.276 -10.565 1.00 93.94  ? 132 ARG A CZ    1 
ATOM   610  N NH1   . ARG A 1 86  ? 16.171  -13.264 -11.520 1.00 96.95  ? 132 ARG A NH1   1 
ATOM   611  N NH2   . ARG A 1 86  ? 13.996  -12.953 -10.857 1.00 90.91  ? 132 ARG A NH2   1 
ATOM   612  N N     . ASP A 1 87  ? 14.003  -11.473 -4.658  1.00 73.46  ? 133 ASP A N     1 
ATOM   613  C CA    . ASP A 1 87  ? 13.322  -11.520 -3.367  1.00 74.16  ? 133 ASP A CA    1 
ATOM   614  C C     . ASP A 1 87  ? 11.802  -11.502 -3.484  1.00 72.45  ? 133 ASP A C     1 
ATOM   615  O O     . ASP A 1 87  ? 11.246  -11.013 -4.466  1.00 70.79  ? 133 ASP A O     1 
ATOM   616  C CB    . ASP A 1 87  ? 13.787  -10.373 -2.467  1.00 74.80  ? 133 ASP A CB    1 
ATOM   617  C CG    . ASP A 1 87  ? 15.200  -10.570 -1.960  1.00 79.40  ? 133 ASP A CG    1 
ATOM   618  O OD1   . ASP A 1 87  ? 15.600  -11.736 -1.747  1.00 79.65  ? 133 ASP A OD1   1 
ATOM   619  O OD2   . ASP A 1 87  ? 15.911  -9.559  -1.772  1.00 78.59  ? 133 ASP A OD2   1 
ATOM   620  N N     . SER A 1 88  ? 11.141  -12.044 -2.467  1.00 70.94  ? 134 SER A N     1 
ATOM   621  C CA    . SER A 1 88  ? 9.685   -12.046 -2.403  1.00 70.03  ? 134 SER A CA    1 
ATOM   622  C C     . SER A 1 88  ? 9.215   -11.913 -0.959  1.00 69.97  ? 134 SER A C     1 
ATOM   623  O O     . SER A 1 88  ? 9.883   -12.376 -0.032  1.00 70.48  ? 134 SER A O     1 
ATOM   624  C CB    . SER A 1 88  ? 9.111   -13.312 -3.042  1.00 66.62  ? 134 SER A CB    1 
ATOM   625  O OG    . SER A 1 88  ? 9.645   -14.476 -2.439  1.00 71.60  ? 134 SER A OG    1 
ATOM   626  N N     . SER A 1 89  ? 8.065   -11.276 -0.773  1.00 67.86  ? 135 SER A N     1 
ATOM   627  C CA    . SER A 1 89  ? 7.532   -11.051 0.565   1.00 66.98  ? 135 SER A CA    1 
ATOM   628  C C     . SER A 1 89  ? 6.016   -11.186 0.588   1.00 64.47  ? 135 SER A C     1 
ATOM   629  O O     . SER A 1 89  ? 5.360   -11.118 -0.450  1.00 65.98  ? 135 SER A O     1 
ATOM   630  C CB    . SER A 1 89  ? 7.944   -9.669  1.074   1.00 67.73  ? 135 SER A CB    1 
ATOM   631  O OG    . SER A 1 89  ? 7.598   -8.660  0.142   1.00 63.86  ? 135 SER A OG    1 
ATOM   632  N N     . GLU A 1 90  ? 5.463   -11.375 1.782   1.00 62.39  ? 136 GLU A N     1 
ATOM   633  C CA    . GLU A 1 90  ? 4.018   -11.466 1.945   1.00 62.11  ? 136 GLU A CA    1 
ATOM   634  C C     . GLU A 1 90  ? 3.581   -10.826 3.259   1.00 62.37  ? 136 GLU A C     1 
ATOM   635  O O     . GLU A 1 90  ? 4.123   -11.137 4.319   1.00 64.18  ? 136 GLU A O     1 
ATOM   636  C CB    . GLU A 1 90  ? 3.560   -12.925 1.879   1.00 65.21  ? 136 GLU A CB    1 
ATOM   637  C CG    . GLU A 1 90  ? 2.049   -13.095 1.796   1.00 70.00  ? 136 GLU A CG    1 
ATOM   638  C CD    . GLU A 1 90  ? 1.637   -14.403 1.148   1.00 75.78  ? 136 GLU A CD    1 
ATOM   639  O OE1   . GLU A 1 90  ? 0.593   -14.421 0.462   1.00 75.39  ? 136 GLU A OE1   1 
ATOM   640  O OE2   . GLU A 1 90  ? 2.352   -15.413 1.324   1.00 79.11  ? 136 GLU A OE2   1 
ATOM   641  N N     . PHE A 1 91  ? 2.601   -9.930  3.184   1.00 59.77  ? 137 PHE A N     1 
ATOM   642  C CA    . PHE A 1 91  ? 2.101   -9.236  4.371   1.00 59.90  ? 137 PHE A CA    1 
ATOM   643  C C     . PHE A 1 91  ? 0.656   -9.622  4.655   1.00 60.06  ? 137 PHE A C     1 
ATOM   644  O O     . PHE A 1 91  ? -0.165  -9.692  3.740   1.00 61.02  ? 137 PHE A O     1 
ATOM   645  C CB    . PHE A 1 91  ? 2.205   -7.718  4.198   1.00 54.43  ? 137 PHE A CB    1 
ATOM   646  C CG    . PHE A 1 91  ? 3.565   -7.245  3.771   1.00 52.98  ? 137 PHE A CG    1 
ATOM   647  C CD1   . PHE A 1 91  ? 4.708   -7.742  4.372   1.00 55.91  ? 137 PHE A CD1   1 
ATOM   648  C CD2   . PHE A 1 91  ? 3.699   -6.310  2.757   1.00 50.80  ? 137 PHE A CD2   1 
ATOM   649  C CE1   . PHE A 1 91  ? 5.961   -7.309  3.973   1.00 56.05  ? 137 PHE A CE1   1 
ATOM   650  C CE2   . PHE A 1 91  ? 4.945   -5.874  2.357   1.00 51.32  ? 137 PHE A CE2   1 
ATOM   651  C CZ    . PHE A 1 91  ? 6.079   -6.374  2.965   1.00 53.05  ? 137 PHE A CZ    1 
ATOM   652  N N     . PHE A 1 92  ? 0.347   -9.865  5.924   1.00 60.08  ? 138 PHE A N     1 
ATOM   653  C CA    . PHE A 1 92  ? -1.007  -10.234 6.328   1.00 59.83  ? 138 PHE A CA    1 
ATOM   654  C C     . PHE A 1 92  ? -1.623  -9.172  7.229   1.00 61.51  ? 138 PHE A C     1 
ATOM   655  O O     . PHE A 1 92  ? -1.040  -8.798  8.248   1.00 64.68  ? 138 PHE A O     1 
ATOM   656  C CB    . PHE A 1 92  ? -1.000  -11.585 7.047   1.00 63.37  ? 138 PHE A CB    1 
ATOM   657  C CG    . PHE A 1 92  ? -0.595  -12.732 6.173   1.00 66.91  ? 138 PHE A CG    1 
ATOM   658  C CD1   . PHE A 1 92  ? 0.727   -13.145 6.114   1.00 68.46  ? 138 PHE A CD1   1 
ATOM   659  C CD2   . PHE A 1 92  ? -1.534  -13.397 5.401   1.00 66.85  ? 138 PHE A CD2   1 
ATOM   660  C CE1   . PHE A 1 92  ? 1.102   -14.202 5.302   1.00 72.01  ? 138 PHE A CE1   1 
ATOM   661  C CE2   . PHE A 1 92  ? -1.164  -14.457 4.589   1.00 68.47  ? 138 PHE A CE2   1 
ATOM   662  C CZ    . PHE A 1 92  ? 0.155   -14.859 4.540   1.00 69.80  ? 138 PHE A CZ    1 
ATOM   663  N N     . HIS A 1 93  ? -2.806  -8.693  6.857   1.00 59.25  ? 139 HIS A N     1 
ATOM   664  C CA    . HIS A 1 93  ? -3.491  -7.663  7.631   1.00 56.75  ? 139 HIS A CA    1 
ATOM   665  C C     . HIS A 1 93  ? -4.922  -8.049  7.972   1.00 59.95  ? 139 HIS A C     1 
ATOM   666  O O     . HIS A 1 93  ? -5.647  -8.580  7.133   1.00 60.63  ? 139 HIS A O     1 
ATOM   667  C CB    . HIS A 1 93  ? -3.511  -6.342  6.866   1.00 55.80  ? 139 HIS A CB    1 
ATOM   668  C CG    . HIS A 1 93  ? -2.190  -5.631  6.835   1.00 57.23  ? 139 HIS A CG    1 
ATOM   669  N ND1   . HIS A 1 93  ? -2.052  -4.354  6.359   1.00 57.96  ? 139 HIS A ND1   1 
ATOM   670  C CD2   . HIS A 1 93  ? -0.959  -6.036  7.229   1.00 59.07  ? 139 HIS A CD2   1 
ATOM   671  C CE1   . HIS A 1 93  ? -0.777  -3.989  6.454   1.00 57.81  ? 139 HIS A CE1   1 
ATOM   672  N NE2   . HIS A 1 93  ? -0.100  -4.990  6.974   1.00 57.48  ? 139 HIS A NE2   1 
ATOM   673  N N     . ASP A 1 94  ? -5.315  -7.777  9.212   1.00 64.88  ? 140 ASP A N     1 
ATOM   674  C CA    . ASP A 1 94  ? -6.719  -7.818  9.602   1.00 67.73  ? 140 ASP A CA    1 
ATOM   675  C C     . ASP A 1 94  ? -7.184  -6.385  9.826   1.00 67.92  ? 140 ASP A C     1 
ATOM   676  O O     . ASP A 1 94  ? -6.789  -5.746  10.802  1.00 70.03  ? 140 ASP A O     1 
ATOM   677  C CB    . ASP A 1 94  ? -6.911  -8.634  10.879  1.00 70.56  ? 140 ASP A CB    1 
ATOM   678  C CG    . ASP A 1 94  ? -8.370  -8.720  11.305  1.00 75.47  ? 140 ASP A CG    1 
ATOM   679  O OD1   . ASP A 1 94  ? -9.203  -7.935  10.799  1.00 71.08  ? 140 ASP A OD1   1 
ATOM   680  O OD2   . ASP A 1 94  ? -8.683  -9.577  12.158  1.00 81.00  ? 140 ASP A OD2   1 
ATOM   681  N N     . PRO A 1 95  ? -8.028  -5.876  8.918   1.00 66.18  ? 141 PRO A N     1 
ATOM   682  C CA    . PRO A 1 95  ? -8.471  -4.478  8.944   1.00 70.90  ? 141 PRO A CA    1 
ATOM   683  C C     . PRO A 1 95  ? -9.086  -4.096  10.285  1.00 74.41  ? 141 PRO A C     1 
ATOM   684  O O     . PRO A 1 95  ? -8.914  -2.964  10.736  1.00 76.69  ? 141 PRO A O     1 
ATOM   685  C CB    . PRO A 1 95  ? -9.540  -4.430  7.846   1.00 71.76  ? 141 PRO A CB    1 
ATOM   686  C CG    . PRO A 1 95  ? -9.211  -5.567  6.944   1.00 69.10  ? 141 PRO A CG    1 
ATOM   687  C CD    . PRO A 1 95  ? -8.667  -6.641  7.835   1.00 65.72  ? 141 PRO A CD    1 
ATOM   688  N N     . SER A 1 96  ? -9.793  -5.034  10.910  1.00 78.31  ? 142 SER A N     1 
ATOM   689  C CA    . SER A 1 96  ? -10.481 -4.769  12.169  1.00 79.68  ? 142 SER A CA    1 
ATOM   690  C C     . SER A 1 96  ? -9.815  -5.482  13.341  1.00 81.25  ? 142 SER A C     1 
ATOM   691  O O     . SER A 1 96  ? -10.482 -6.142  14.138  1.00 82.27  ? 142 SER A O     1 
ATOM   692  C CB    . SER A 1 96  ? -11.948 -5.184  12.070  1.00 80.99  ? 142 SER A CB    1 
ATOM   693  O OG    . SER A 1 96  ? -12.582 -4.553  10.970  1.00 85.05  ? 142 SER A OG    1 
ATOM   694  N N     . MET A 1 97  ? -8.497  -5.348  13.439  1.00 78.31  ? 143 MET A N     1 
ATOM   695  C CA    . MET A 1 97  ? -7.749  -5.921  14.552  1.00 82.54  ? 143 MET A CA    1 
ATOM   696  C C     . MET A 1 97  ? -8.020  -5.138  15.840  1.00 87.50  ? 143 MET A C     1 
ATOM   697  O O     . MET A 1 97  ? -8.122  -3.910  15.821  1.00 85.94  ? 143 MET A O     1 
ATOM   698  C CB    . MET A 1 97  ? -6.250  -5.935  14.236  1.00 79.31  ? 143 MET A CB    1 
ATOM   699  C CG    . MET A 1 97  ? -5.367  -6.408  15.383  1.00 79.20  ? 143 MET A CG    1 
ATOM   700  S SD    . MET A 1 97  ? -3.607  -6.182  15.055  1.00 80.61  ? 143 MET A SD    1 
ATOM   701  C CE    . MET A 1 97  ? -3.196  -7.736  14.260  1.00 70.50  ? 143 MET A CE    1 
ATOM   702  N N     . LEU A 1 98  ? -8.145  -5.859  16.952  1.00 89.16  ? 144 LEU A N     1 
ATOM   703  C CA    . LEU A 1 98  ? -8.426  -5.244  18.248  1.00 88.54  ? 144 LEU A CA    1 
ATOM   704  C C     . LEU A 1 98  ? -9.811  -4.602  18.289  1.00 91.13  ? 144 LEU A C     1 
ATOM   705  O O     . LEU A 1 98  ? -10.086 -3.751  19.137  1.00 92.82  ? 144 LEU A O     1 
ATOM   706  C CB    . LEU A 1 98  ? -7.354  -4.210  18.606  1.00 82.95  ? 144 LEU A CB    1 
ATOM   707  C CG    . LEU A 1 98  ? -5.990  -4.761  19.022  1.00 83.59  ? 144 LEU A CG    1 
ATOM   708  C CD1   . LEU A 1 98  ? -5.495  -4.046  20.269  1.00 84.55  ? 144 LEU A CD1   1 
ATOM   709  C CD2   . LEU A 1 98  ? -6.058  -6.267  19.250  1.00 84.41  ? 144 LEU A CD2   1 
ATOM   710  N N     . SER A 1 99  ? -10.678 -5.016  17.371  1.00 89.12  ? 145 SER A N     1 
ATOM   711  C CA    . SER A 1 99  ? -12.031 -4.482  17.288  1.00 88.89  ? 145 SER A CA    1 
ATOM   712  C C     . SER A 1 99  ? -13.073 -5.582  17.470  1.00 88.25  ? 145 SER A C     1 
ATOM   713  O O     . SER A 1 99  ? -12.751 -6.770  17.416  1.00 87.77  ? 145 SER A O     1 
ATOM   714  C CB    . SER A 1 99  ? -12.236 -3.767  15.949  1.00 88.67  ? 145 SER A CB    1 
ATOM   715  O OG    . SER A 1 99  ? -13.581 -3.867  15.511  1.00 93.09  ? 145 SER A OG    1 
ATOM   716  N N     . SER A 1 100 ? -14.321 -5.178  17.689  1.00 90.96  ? 146 SER A N     1 
ATOM   717  C CA    . SER A 1 100 ? -15.420 -6.114  17.908  1.00 91.62  ? 146 SER A CA    1 
ATOM   718  C C     . SER A 1 100 ? -15.435 -7.268  16.905  1.00 90.71  ? 146 SER A C     1 
ATOM   719  O O     . SER A 1 100 ? -15.698 -8.414  17.271  1.00 88.30  ? 146 SER A O     1 
ATOM   720  C CB    . SER A 1 100 ? -16.762 -5.376  17.862  1.00 91.60  ? 146 SER A CB    1 
ATOM   721  O OG    . SER A 1 100 ? -16.925 -4.691  16.631  1.00 91.76  ? 146 SER A OG    1 
ATOM   722  N N     . ASN A 1 101 ? -15.152 -6.961  15.645  1.00 89.57  ? 147 ASN A N     1 
ATOM   723  C CA    . ASN A 1 101 ? -15.250 -7.951  14.578  1.00 89.71  ? 147 ASN A CA    1 
ATOM   724  C C     . ASN A 1 101 ? -13.912 -8.290  13.920  1.00 86.49  ? 147 ASN A C     1 
ATOM   725  O O     . ASN A 1 101 ? -13.722 -8.068  12.724  1.00 85.36  ? 147 ASN A O     1 
ATOM   726  C CB    . ASN A 1 101 ? -16.271 -7.501  13.528  1.00 89.98  ? 147 ASN A CB    1 
ATOM   727  C CG    . ASN A 1 101 ? -16.293 -5.995  13.340  1.00 89.76  ? 147 ASN A CG    1 
ATOM   728  O OD1   . ASN A 1 101 ? -15.319 -5.303  13.641  1.00 91.93  ? 147 ASN A OD1   1 
ATOM   729  N ND2   . ASN A 1 101 ? -17.410 -5.478  12.842  1.00 87.85  ? 147 ASN A ND2   1 
ATOM   730  N N     . ALA A 1 102 ? -12.995 -8.837  14.711  1.00 82.71  ? 148 ALA A N     1 
ATOM   731  C CA    . ALA A 1 102 ? -11.697 -9.259  14.205  1.00 79.95  ? 148 ALA A CA    1 
ATOM   732  C C     . ALA A 1 102 ? -11.766 -10.675 13.635  1.00 81.15  ? 148 ALA A C     1 
ATOM   733  O O     . ALA A 1 102 ? -12.704 -11.419 13.916  1.00 83.38  ? 148 ALA A O     1 
ATOM   734  C CB    . ALA A 1 102 ? -10.654 -9.178  15.306  1.00 82.17  ? 148 ALA A CB    1 
ATOM   735  N N     . GLY A 1 103 ? -10.773 -11.038 12.830  1.00 78.56  ? 149 GLY A N     1 
ATOM   736  C CA    . GLY A 1 103 ? -10.700 -12.366 12.243  1.00 79.44  ? 149 GLY A CA    1 
ATOM   737  C C     . GLY A 1 103 ? -11.768 -12.630 11.195  1.00 81.36  ? 149 GLY A C     1 
ATOM   738  O O     . GLY A 1 103 ? -11.862 -13.733 10.652  1.00 79.32  ? 149 GLY A O     1 
ATOM   739  N N     . GLN A 1 104 ? -12.573 -11.614 10.905  1.00 76.67  ? 150 GLN A N     1 
ATOM   740  C CA    . GLN A 1 104 ? -13.668 -11.762 9.959   1.00 74.55  ? 150 GLN A CA    1 
ATOM   741  C C     . GLN A 1 104 ? -13.253 -11.366 8.543   1.00 71.72  ? 150 GLN A C     1 
ATOM   742  O O     . GLN A 1 104 ? -13.766 -11.901 7.561   1.00 69.43  ? 150 GLN A O     1 
ATOM   743  C CB    . GLN A 1 104 ? -14.880 -10.959 10.432  1.00 80.08  ? 150 GLN A CB    1 
ATOM   744  C CG    . GLN A 1 104 ? -15.379 -11.389 11.807  1.00 85.76  ? 150 GLN A CG    1 
ATOM   745  C CD    . GLN A 1 104 ? -16.503 -10.515 12.339  1.00 90.56  ? 150 GLN A CD    1 
ATOM   746  O OE1   . GLN A 1 104 ? -17.025 -9.651  11.634  1.00 89.23  ? 150 GLN A OE1   1 
ATOM   747  N NE2   . GLN A 1 104 ? -16.879 -10.738 13.597  1.00 87.08  ? 150 GLN A NE2   1 
ATOM   748  N N     . VAL A 1 105 ? -12.316 -10.430 8.443   1.00 66.63  ? 151 VAL A N     1 
ATOM   749  C CA    . VAL A 1 105 ? -11.745 -10.069 7.152   1.00 63.90  ? 151 VAL A CA    1 
ATOM   750  C C     . VAL A 1 105 ? -10.230 -10.220 7.186   1.00 64.05  ? 151 VAL A C     1 
ATOM   751  O O     . VAL A 1 105 ? -9.571  -9.750  8.113   1.00 65.12  ? 151 VAL A O     1 
ATOM   752  C CB    . VAL A 1 105 ? -12.122 -8.636  6.736   1.00 68.15  ? 151 VAL A CB    1 
ATOM   753  C CG1   . VAL A 1 105 ? -11.314 -8.198  5.523   1.00 64.25  ? 151 VAL A CG1   1 
ATOM   754  C CG2   . VAL A 1 105 ? -13.612 -8.549  6.447   1.00 69.05  ? 151 VAL A CG2   1 
ATOM   755  N N     . ARG A 1 106 ? -9.684  -10.891 6.179   1.00 62.10  ? 152 ARG A N     1 
ATOM   756  C CA    . ARG A 1 106 ? -8.244  -11.117 6.104   1.00 61.10  ? 152 ARG A CA    1 
ATOM   757  C C     . ARG A 1 106 ? -7.675  -10.619 4.781   1.00 57.76  ? 152 ARG A C     1 
ATOM   758  O O     . ARG A 1 106 ? -8.172  -10.962 3.707   1.00 58.74  ? 152 ARG A O     1 
ATOM   759  C CB    . ARG A 1 106 ? -7.923  -12.602 6.294   1.00 61.52  ? 152 ARG A CB    1 
ATOM   760  C CG    . ARG A 1 106 ? -6.438  -12.911 6.349   1.00 63.02  ? 152 ARG A CG    1 
ATOM   761  C CD    . ARG A 1 106 ? -6.174  -14.390 6.624   1.00 65.91  ? 152 ARG A CD    1 
ATOM   762  N NE    . ARG A 1 106 ? -6.528  -15.252 5.496   1.00 65.61  ? 152 ARG A NE    1 
ATOM   763  C CZ    . ARG A 1 106 ? -7.637  -15.986 5.431   1.00 63.34  ? 152 ARG A CZ    1 
ATOM   764  N NH1   . ARG A 1 106 ? -8.513  -15.966 6.427   1.00 58.87  ? 152 ARG A NH1   1 
ATOM   765  N NH2   . ARG A 1 106 ? -7.869  -16.741 4.365   1.00 60.83  ? 152 ARG A NH2   1 
ATOM   766  N N     . LYS A 1 107 ? -6.634  -9.802  4.865   1.00 57.81  ? 153 LYS A N     1 
ATOM   767  C CA    . LYS A 1 107 ? -5.981  -9.280  3.677   1.00 54.40  ? 153 LYS A CA    1 
ATOM   768  C C     . LYS A 1 107 ? -4.547  -9.768  3.630   1.00 54.95  ? 153 LYS A C     1 
ATOM   769  O O     . LYS A 1 107 ? -3.882  -9.866  4.659   1.00 55.99  ? 153 LYS A O     1 
ATOM   770  C CB    . LYS A 1 107 ? -5.996  -7.751  3.677   1.00 55.39  ? 153 LYS A CB    1 
ATOM   771  C CG    . LYS A 1 107 ? -7.375  -7.124  3.573   1.00 58.57  ? 153 LYS A CG    1 
ATOM   772  C CD    . LYS A 1 107 ? -7.258  -5.625  3.366   1.00 60.50  ? 153 LYS A CD    1 
ATOM   773  C CE    . LYS A 1 107 ? -8.608  -4.934  3.430   1.00 60.85  ? 153 LYS A CE    1 
ATOM   774  N NZ    . LYS A 1 107 ? -8.459  -3.458  3.298   1.00 59.42  ? 153 LYS A NZ    1 
ATOM   775  N N     . SER A 1 108 ? -4.070  -10.080 2.433   1.00 54.70  ? 154 SER A N     1 
ATOM   776  C CA    . SER A 1 108 ? -2.681  -10.464 2.262   1.00 55.87  ? 154 SER A CA    1 
ATOM   777  C C     . SER A 1 108 ? -2.133  -9.869  0.979   1.00 54.17  ? 154 SER A C     1 
ATOM   778  O O     . SER A 1 108 ? -2.727  -10.013 -0.089  1.00 52.84  ? 154 SER A O     1 
ATOM   779  C CB    . SER A 1 108 ? -2.532  -11.984 2.239   1.00 58.52  ? 154 SER A CB    1 
ATOM   780  O OG    . SER A 1 108 ? -2.696  -12.483 0.925   1.00 62.96  ? 154 SER A OG    1 
ATOM   781  N N     . LEU A 1 109 ? -1.002  -9.185  1.095   1.00 54.80  ? 155 LEU A N     1 
ATOM   782  C CA    . LEU A 1 109 ? -0.331  -8.612  -0.059  1.00 55.93  ? 155 LEU A CA    1 
ATOM   783  C C     . LEU A 1 109 ? 0.946   -9.387  -0.326  1.00 57.03  ? 155 LEU A C     1 
ATOM   784  O O     . LEU A 1 109 ? 1.725   -9.654  0.591   1.00 55.67  ? 155 LEU A O     1 
ATOM   785  C CB    . LEU A 1 109 ? 0.002   -7.143  0.194   1.00 57.60  ? 155 LEU A CB    1 
ATOM   786  C CG    . LEU A 1 109 ? 0.800   -6.450  -0.909  1.00 55.04  ? 155 LEU A CG    1 
ATOM   787  C CD1   . LEU A 1 109 ? -0.136  -5.878  -1.962  1.00 52.49  ? 155 LEU A CD1   1 
ATOM   788  C CD2   . LEU A 1 109 ? 1.670   -5.364  -0.315  1.00 51.57  ? 155 LEU A CD2   1 
ATOM   789  N N     . SER A 1 110 ? 1.165   -9.742  -1.586  1.00 60.20  ? 156 SER A N     1 
ATOM   790  C CA    . SER A 1 110 ? 2.329   -10.536 -1.948  1.00 59.52  ? 156 SER A CA    1 
ATOM   791  C C     . SER A 1 110 ? 3.124   -9.902  -3.082  1.00 57.85  ? 156 SER A C     1 
ATOM   792  O O     . SER A 1 110 ? 2.563   -9.472  -4.093  1.00 57.69  ? 156 SER A O     1 
ATOM   793  C CB    . SER A 1 110 ? 1.903   -11.950 -2.340  1.00 59.59  ? 156 SER A CB    1 
ATOM   794  O OG    . SER A 1 110 ? 0.982   -11.912 -3.415  1.00 62.65  ? 156 SER A OG    1 
ATOM   795  N N     . ILE A 1 111 ? 4.435   -9.834  -2.896  1.00 59.77  ? 157 ILE A N     1 
ATOM   796  C CA    . ILE A 1 111 ? 5.337   -9.411  -3.952  1.00 62.79  ? 157 ILE A CA    1 
ATOM   797  C C     . ILE A 1 111 ? 6.266   -10.573 -4.275  1.00 65.10  ? 157 ILE A C     1 
ATOM   798  O O     . ILE A 1 111 ? 7.046   -11.006 -3.427  1.00 63.19  ? 157 ILE A O     1 
ATOM   799  C CB    . ILE A 1 111 ? 6.184   -8.199  -3.531  1.00 62.17  ? 157 ILE A CB    1 
ATOM   800  C CG1   . ILE A 1 111 ? 5.310   -7.133  -2.871  1.00 61.27  ? 157 ILE A CG1   1 
ATOM   801  C CG2   . ILE A 1 111 ? 6.932   -7.624  -4.730  1.00 63.37  ? 157 ILE A CG2   1 
ATOM   802  C CD1   . ILE A 1 111 ? 6.097   -5.972  -2.295  1.00 55.82  ? 157 ILE A CD1   1 
ATOM   803  N N     . LYS A 1 112 ? 6.170   -11.089 -5.495  1.00 65.52  ? 158 LYS A N     1 
ATOM   804  C CA    . LYS A 1 112 ? 7.045   -12.167 -5.938  1.00 70.38  ? 158 LYS A CA    1 
ATOM   805  C C     . LYS A 1 112 ? 7.691   -11.774 -7.257  1.00 69.08  ? 158 LYS A C     1 
ATOM   806  O O     . LYS A 1 112 ? 7.042   -11.192 -8.123  1.00 68.01  ? 158 LYS A O     1 
ATOM   807  C CB    . LYS A 1 112 ? 6.259   -13.469 -6.124  1.00 68.17  ? 158 LYS A CB    1 
ATOM   808  C CG    . LYS A 1 112 ? 4.994   -13.564 -5.289  1.00 71.53  ? 158 LYS A CG    1 
ATOM   809  C CD    . LYS A 1 112 ? 3.765   -13.809 -6.161  1.00 77.05  ? 158 LYS A CD    1 
ATOM   810  C CE    . LYS A 1 112 ? 3.676   -15.261 -6.618  1.00 82.85  ? 158 LYS A CE    1 
ATOM   811  N NZ    . LYS A 1 112 ? 3.798   -15.409 -8.099  1.00 80.18  ? 158 LYS A NZ    1 
ATOM   812  N N     . PRO A 1 113 ? 8.981   -12.084 -7.413  1.00 68.60  ? 159 PRO A N     1 
ATOM   813  C CA    . PRO A 1 113 ? 9.631   -11.826 -8.698  1.00 71.20  ? 159 PRO A CA    1 
ATOM   814  C C     . PRO A 1 113 ? 9.054   -12.772 -9.731  1.00 72.34  ? 159 PRO A C     1 
ATOM   815  O O     . PRO A 1 113 ? 8.710   -13.899 -9.381  1.00 73.17  ? 159 PRO A O     1 
ATOM   816  C CB    . PRO A 1 113 ? 11.095  -12.179 -8.421  1.00 73.74  ? 159 PRO A CB    1 
ATOM   817  C CG    . PRO A 1 113 ? 11.037  -13.163 -7.300  1.00 73.25  ? 159 PRO A CG    1 
ATOM   818  C CD    . PRO A 1 113 ? 9.889   -12.716 -6.443  1.00 69.41  ? 159 PRO A CD    1 
ATOM   819  N N     . ASN A 1 114 ? 8.924   -12.322 -10.973 1.00 76.05  ? 160 ASN A N     1 
ATOM   820  C CA    . ASN A 1 114 ? 8.495   -13.212 -12.040 1.00 83.38  ? 160 ASN A CA    1 
ATOM   821  C C     . ASN A 1 114 ? 9.693   -13.955 -12.621 1.00 86.80  ? 160 ASN A C     1 
ATOM   822  O O     . ASN A 1 114 ? 10.838  -13.537 -12.437 1.00 83.98  ? 160 ASN A O     1 
ATOM   823  C CB    . ASN A 1 114 ? 7.730   -12.450 -13.126 1.00 80.77  ? 160 ASN A CB    1 
ATOM   824  C CG    . ASN A 1 114 ? 8.544   -11.335 -13.746 1.00 82.37  ? 160 ASN A CG    1 
ATOM   825  O OD1   . ASN A 1 114 ? 9.753   -11.463 -13.944 1.00 84.44  ? 160 ASN A OD1   1 
ATOM   826  N ND2   . ASN A 1 114 ? 7.881   -10.227 -14.057 1.00 81.83  ? 160 ASN A ND2   1 
ATOM   827  N N     . ALA A 1 115 ? 9.425   -15.059 -13.311 1.00 90.50  ? 161 ALA A N     1 
ATOM   828  C CA    . ALA A 1 115 ? 10.477  -15.908 -13.865 1.00 92.52  ? 161 ALA A CA    1 
ATOM   829  C C     . ALA A 1 115 ? 11.525  -15.115 -14.646 1.00 94.26  ? 161 ALA A C     1 
ATOM   830  O O     . ALA A 1 115 ? 12.722  -15.188 -14.357 1.00 90.98  ? 161 ALA A O     1 
ATOM   831  C CB    . ALA A 1 115 ? 9.868   -16.995 -14.745 1.00 94.90  ? 161 ALA A CB    1 
ATOM   832  N N     . ASP A 1 116 ? 11.060  -14.356 -15.635 1.00 95.57  ? 162 ASP A N     1 
ATOM   833  C CA    . ASP A 1 116 ? 11.936  -13.603 -16.529 1.00 92.39  ? 162 ASP A CA    1 
ATOM   834  C C     . ASP A 1 116 ? 12.925  -12.721 -15.775 1.00 91.54  ? 162 ASP A C     1 
ATOM   835  O O     . ASP A 1 116 ? 14.065  -12.543 -16.203 1.00 91.77  ? 162 ASP A O     1 
ATOM   836  C CB    . ASP A 1 116 ? 11.096  -12.728 -17.461 1.00 89.75  ? 162 ASP A CB    1 
ATOM   837  C CG    . ASP A 1 116 ? 9.685   -13.260 -17.649 1.00 94.50  ? 162 ASP A CG    1 
ATOM   838  O OD1   . ASP A 1 116 ? 9.521   -14.487 -17.830 1.00 93.35  ? 162 ASP A OD1   1 
ATOM   839  O OD2   . ASP A 1 116 ? 8.736   -12.448 -17.607 1.00 94.16  ? 162 ASP A OD2   1 
ATOM   840  N N     . GLY A 1 117 ? 12.481  -12.167 -14.652 1.00 90.75  ? 163 GLY A N     1 
ATOM   841  C CA    . GLY A 1 117 ? 13.260  -11.181 -13.928 1.00 88.13  ? 163 GLY A CA    1 
ATOM   842  C C     . GLY A 1 117 ? 12.831  -9.797  -14.372 1.00 84.04  ? 163 GLY A C     1 
ATOM   843  O O     . GLY A 1 117 ? 13.392  -8.786  -13.948 1.00 79.83  ? 163 GLY A O     1 
ATOM   844  N N     . SER A 1 118 ? 11.823  -9.766  -15.238 1.00 84.53  ? 164 SER A N     1 
ATOM   845  C CA    . SER A 1 118 ? 11.282  -8.517  -15.755 1.00 85.89  ? 164 SER A CA    1 
ATOM   846  C C     . SER A 1 118 ? 10.345  -7.868  -14.743 1.00 82.05  ? 164 SER A C     1 
ATOM   847  O O     . SER A 1 118 ? 9.267   -7.384  -15.096 1.00 79.88  ? 164 SER A O     1 
ATOM   848  C CB    . SER A 1 118 ? 10.545  -8.759  -17.074 1.00 86.04  ? 164 SER A CB    1 
ATOM   849  O OG    . SER A 1 118 ? 9.522   -9.725  -16.918 1.00 88.12  ? 164 SER A OG    1 
ATOM   850  N N     . GLY A 1 119 ? 10.759  -7.869  -13.480 1.00 78.76  ? 165 GLY A N     1 
ATOM   851  C CA    . GLY A 1 119 ? 9.997   -7.213  -12.435 1.00 76.59  ? 165 GLY A CA    1 
ATOM   852  C C     . GLY A 1 119 ? 9.410   -8.148  -11.397 1.00 73.44  ? 165 GLY A C     1 
ATOM   853  O O     . GLY A 1 119 ? 10.068  -9.084  -10.935 1.00 69.59  ? 165 GLY A O     1 
ATOM   854  N N     . TYR A 1 120 ? 8.162   -7.880  -11.029 1.00 68.90  ? 166 TYR A N     1 
ATOM   855  C CA    . TYR A 1 120 ? 7.493   -8.616  -9.967  1.00 67.68  ? 166 TYR A CA    1 
ATOM   856  C C     . TYR A 1 120 ? 6.020   -8.795  -10.282 1.00 65.71  ? 166 TYR A C     1 
ATOM   857  O O     . TYR A 1 120 ? 5.484   -8.169  -11.197 1.00 67.77  ? 166 TYR A O     1 
ATOM   858  C CB    . TYR A 1 120 ? 7.604   -7.860  -8.640  1.00 66.09  ? 166 TYR A CB    1 
ATOM   859  C CG    . TYR A 1 120 ? 9.010   -7.636  -8.130  1.00 64.85  ? 166 TYR A CG    1 
ATOM   860  C CD1   . TYR A 1 120 ? 9.789   -6.592  -8.613  1.00 63.44  ? 166 TYR A CD1   1 
ATOM   861  C CD2   . TYR A 1 120 ? 9.550   -8.453  -7.146  1.00 66.81  ? 166 TYR A CD2   1 
ATOM   862  C CE1   . TYR A 1 120 ? 11.073  -6.379  -8.142  1.00 62.65  ? 166 TYR A CE1   1 
ATOM   863  C CE2   . TYR A 1 120 ? 10.834  -8.248  -6.670  1.00 68.80  ? 166 TYR A CE2   1 
ATOM   864  C CZ    . TYR A 1 120 ? 11.589  -7.208  -7.169  1.00 64.84  ? 166 TYR A CZ    1 
ATOM   865  O OH    . TYR A 1 120 ? 12.865  -7.001  -6.697  1.00 69.10  ? 166 TYR A OH    1 
ATOM   866  N N     . PHE A 1 121 ? 5.369   -9.657  -9.512  1.00 65.21  ? 167 PHE A N     1 
ATOM   867  C CA    . PHE A 1 121 ? 3.918   -9.715  -9.489  1.00 66.63  ? 167 PHE A CA    1 
ATOM   868  C C     . PHE A 1 121 ? 3.459   -9.238  -8.122  1.00 65.46  ? 167 PHE A C     1 
ATOM   869  O O     . PHE A 1 121 ? 4.012   -9.640  -7.097  1.00 66.05  ? 167 PHE A O     1 
ATOM   870  C CB    . PHE A 1 121 ? 3.419   -11.135 -9.738  1.00 68.45  ? 167 PHE A CB    1 
ATOM   871  C CG    . PHE A 1 121 ? 3.456   -11.545 -11.178 1.00 71.59  ? 167 PHE A CG    1 
ATOM   872  C CD1   . PHE A 1 121 ? 4.545   -12.231 -11.691 1.00 72.92  ? 167 PHE A CD1   1 
ATOM   873  C CD2   . PHE A 1 121 ? 2.397   -11.248 -12.020 1.00 71.95  ? 167 PHE A CD2   1 
ATOM   874  C CE1   . PHE A 1 121 ? 4.574   -12.612 -13.017 1.00 72.40  ? 167 PHE A CE1   1 
ATOM   875  C CE2   . PHE A 1 121 ? 2.424   -11.626 -13.347 1.00 71.10  ? 167 PHE A CE2   1 
ATOM   876  C CZ    . PHE A 1 121 ? 3.515   -12.308 -13.846 1.00 73.22  ? 167 PHE A CZ    1 
ATOM   877  N N     . ILE A 1 122 ? 2.462   -8.365  -8.108  1.00 62.96  ? 168 ILE A N     1 
ATOM   878  C CA    . ILE A 1 122 ? 1.920   -7.865  -6.857  1.00 60.30  ? 168 ILE A CA    1 
ATOM   879  C C     . ILE A 1 122 ? 0.432   -8.132  -6.840  1.00 60.82  ? 168 ILE A C     1 
ATOM   880  O O     . ILE A 1 122 ? -0.304  -7.645  -7.695  1.00 64.45  ? 168 ILE A O     1 
ATOM   881  C CB    . ILE A 1 122 ? 2.173   -6.359  -6.687  1.00 61.46  ? 168 ILE A CB    1 
ATOM   882  C CG1   . ILE A 1 122 ? 3.675   -6.070  -6.700  1.00 62.13  ? 168 ILE A CG1   1 
ATOM   883  C CG2   . ILE A 1 122 ? 1.543   -5.855  -5.396  1.00 59.55  ? 168 ILE A CG2   1 
ATOM   884  C CD1   . ILE A 1 122 ? 4.013   -4.609  -6.561  1.00 60.89  ? 168 ILE A CD1   1 
ATOM   885  N N     . SER A 1 123 ? -0.011  -8.920  -5.871  1.00 60.36  ? 169 SER A N     1 
ATOM   886  C CA    . SER A 1 123 ? -1.410  -9.307  -5.813  1.00 60.42  ? 169 SER A CA    1 
ATOM   887  C C     . SER A 1 123 ? -1.995  -9.097  -4.425  1.00 56.99  ? 169 SER A C     1 
ATOM   888  O O     . SER A 1 123 ? -1.339  -9.350  -3.414  1.00 56.30  ? 169 SER A O     1 
ATOM   889  C CB    . SER A 1 123 ? -1.576  -10.763 -6.253  1.00 61.97  ? 169 SER A CB    1 
ATOM   890  O OG    . SER A 1 123 ? -0.635  -11.594 -5.598  1.00 62.96  ? 169 SER A OG    1 
ATOM   891  N N     . LEU A 1 124 ? -3.234  -8.622  -4.388  1.00 59.20  ? 170 LEU A N     1 
ATOM   892  C CA    . LEU A 1 124 ? -3.931  -8.423  -3.131  1.00 56.75  ? 170 LEU A CA    1 
ATOM   893  C C     . LEU A 1 124 ? -5.031  -9.456  -2.984  1.00 59.72  ? 170 LEU A C     1 
ATOM   894  O O     . LEU A 1 124 ? -5.893  -9.591  -3.855  1.00 59.16  ? 170 LEU A O     1 
ATOM   895  C CB    . LEU A 1 124 ? -4.527  -7.018  -3.055  1.00 54.34  ? 170 LEU A CB    1 
ATOM   896  C CG    . LEU A 1 124 ? -5.310  -6.709  -1.776  1.00 54.36  ? 170 LEU A CG    1 
ATOM   897  C CD1   . LEU A 1 124 ? -4.423  -6.857  -0.548  1.00 53.34  ? 170 LEU A CD1   1 
ATOM   898  C CD2   . LEU A 1 124 ? -5.916  -5.319  -1.836  1.00 57.84  ? 170 LEU A CD2   1 
ATOM   899  N N     . SER A 1 125 ? -4.994  -10.189 -1.878  1.00 58.84  ? 171 SER A N     1 
ATOM   900  C CA    . SER A 1 125 ? -6.041  -11.144 -1.561  1.00 58.20  ? 171 SER A CA    1 
ATOM   901  C C     . SER A 1 125 ? -6.873  -10.613 -0.402  1.00 57.17  ? 171 SER A C     1 
ATOM   902  O O     . SER A 1 125 ? -6.334  -10.217 0.633   1.00 55.72  ? 171 SER A O     1 
ATOM   903  C CB    . SER A 1 125 ? -5.438  -12.503 -1.204  1.00 59.22  ? 171 SER A CB    1 
ATOM   904  O OG    . SER A 1 125 ? -6.444  -13.427 -0.832  1.00 67.19  ? 171 SER A OG    1 
ATOM   905  N N     . VAL A 1 126 ? -8.188  -10.590 -0.586  1.00 55.65  ? 172 VAL A N     1 
ATOM   906  C CA    . VAL A 1 126 ? -9.091  -10.171 0.473   1.00 56.29  ? 172 VAL A CA    1 
ATOM   907  C C     . VAL A 1 126 ? -10.171 -11.217 0.697   1.00 56.92  ? 172 VAL A C     1 
ATOM   908  O O     . VAL A 1 126 ? -11.014 -11.448 -0.167  1.00 62.07  ? 172 VAL A O     1 
ATOM   909  C CB    . VAL A 1 126 ? -9.743  -8.815  0.161   1.00 60.49  ? 172 VAL A CB    1 
ATOM   910  C CG1   . VAL A 1 126 ? -10.776 -8.466  1.226   1.00 59.07  ? 172 VAL A CG1   1 
ATOM   911  C CG2   . VAL A 1 126 ? -8.679  -7.733  0.067   1.00 60.34  ? 172 VAL A CG2   1 
ATOM   912  N N     . VAL A 1 127 ? -10.132 -11.852 1.861   1.00 55.53  ? 173 VAL A N     1 
ATOM   913  C CA    . VAL A 1 127 ? -11.129 -12.846 2.229   1.00 61.42  ? 173 VAL A CA    1 
ATOM   914  C C     . VAL A 1 127 ? -12.052 -12.279 3.298   1.00 61.80  ? 173 VAL A C     1 
ATOM   915  O O     . VAL A 1 127 ? -11.603 -11.890 4.375   1.00 61.72  ? 173 VAL A O     1 
ATOM   916  C CB    . VAL A 1 127 ? -10.474 -14.143 2.750   1.00 59.52  ? 173 VAL A CB    1 
ATOM   917  C CG1   . VAL A 1 127 ? -11.507 -15.028 3.427   1.00 60.31  ? 173 VAL A CG1   1 
ATOM   918  C CG2   . VAL A 1 127 ? -9.791  -14.883 1.617   1.00 57.20  ? 173 VAL A CG2   1 
ATOM   919  N N     . ASN A 1 128 ? -13.342 -12.230 2.989   1.00 63.01  ? 174 ASN A N     1 
ATOM   920  C CA    . ASN A 1 128 ? -14.328 -11.686 3.911   1.00 66.58  ? 174 ASN A CA    1 
ATOM   921  C C     . ASN A 1 128 ? -15.310 -12.753 4.379   1.00 69.23  ? 174 ASN A C     1 
ATOM   922  O O     . ASN A 1 128 ? -16.167 -13.197 3.617   1.00 71.31  ? 174 ASN A O     1 
ATOM   923  C CB    . ASN A 1 128 ? -15.077 -10.527 3.258   1.00 69.25  ? 174 ASN A CB    1 
ATOM   924  C CG    . ASN A 1 128 ? -15.854 -9.695  4.261   1.00 72.35  ? 174 ASN A CG    1 
ATOM   925  O OD1   . ASN A 1 128 ? -16.421 -10.222 5.220   1.00 73.32  ? 174 ASN A OD1   1 
ATOM   926  N ND2   . ASN A 1 128 ? -15.880 -8.386  4.046   1.00 68.94  ? 174 ASN A ND2   1 
ATOM   927  N N     . ASN A 1 129 ? -15.180 -13.160 5.638   1.00 70.73  ? 175 ASN A N     1 
ATOM   928  C CA    . ASN A 1 129 ? -16.035 -14.199 6.200   1.00 72.95  ? 175 ASN A CA    1 
ATOM   929  C C     . ASN A 1 129 ? -17.399 -13.682 6.652   1.00 77.05  ? 175 ASN A C     1 
ATOM   930  O O     . ASN A 1 129 ? -18.288 -14.468 6.983   1.00 76.73  ? 175 ASN A O     1 
ATOM   931  C CB    . ASN A 1 129 ? -15.325 -14.923 7.349   1.00 69.61  ? 175 ASN A CB    1 
ATOM   932  C CG    . ASN A 1 129 ? -14.211 -15.831 6.862   1.00 68.37  ? 175 ASN A CG    1 
ATOM   933  O OD1   . ASN A 1 129 ? -14.265 -16.354 5.751   1.00 66.57  ? 175 ASN A OD1   1 
ATOM   934  N ND2   . ASN A 1 129 ? -13.196 -16.026 7.698   1.00 69.26  ? 175 ASN A ND2   1 
ATOM   935  N N     . ASN A 1 130 ? -17.559 -12.361 6.667   1.00 76.18  ? 176 ASN A N     1 
ATOM   936  C CA    . ASN A 1 130 ? -18.845 -11.751 6.988   1.00 76.66  ? 176 ASN A CA    1 
ATOM   937  C C     . ASN A 1 130 ? -19.744 -11.692 5.764   1.00 76.72  ? 176 ASN A C     1 
ATOM   938  O O     . ASN A 1 130 ? -20.941 -11.970 5.837   1.00 77.70  ? 176 ASN A O     1 
ATOM   939  C CB    . ASN A 1 130 ? -18.653 -10.336 7.536   1.00 79.05  ? 176 ASN A CB    1 
ATOM   940  C CG    . ASN A 1 130 ? -17.826 -10.308 8.803   1.00 85.75  ? 176 ASN A CG    1 
ATOM   941  O OD1   . ASN A 1 130 ? -17.766 -11.293 9.541   1.00 86.08  ? 176 ASN A OD1   1 
ATOM   942  N ND2   . ASN A 1 130 ? -17.187 -9.172  9.067   1.00 81.84  ? 176 ASN A ND2   1 
ATOM   943  N N     . LEU A 1 131 ? -19.153 -11.319 4.634   1.00 76.94  ? 177 LEU A N     1 
ATOM   944  C CA    . LEU A 1 131 ? -19.895 -11.153 3.394   1.00 73.06  ? 177 LEU A CA    1 
ATOM   945  C C     . LEU A 1 131 ? -19.706 -12.367 2.497   1.00 72.23  ? 177 LEU A C     1 
ATOM   946  O O     . LEU A 1 131 ? -20.264 -12.437 1.403   1.00 71.09  ? 177 LEU A O     1 
ATOM   947  C CB    . LEU A 1 131 ? -19.439 -9.883  2.678   1.00 74.45  ? 177 LEU A CB    1 
ATOM   948  C CG    . LEU A 1 131 ? -19.387 -8.639  3.570   1.00 75.87  ? 177 LEU A CG    1 
ATOM   949  C CD1   . LEU A 1 131 ? -18.845 -7.443  2.807   1.00 75.09  ? 177 LEU A CD1   1 
ATOM   950  C CD2   . LEU A 1 131 ? -20.760 -8.333  4.155   1.00 73.48  ? 177 LEU A CD2   1 
ATOM   951  N N     . LYS A 1 132 ? -18.914 -13.324 2.972   1.00 73.91  ? 178 LYS A N     1 
ATOM   952  C CA    . LYS A 1 132 ? -18.699 -14.570 2.246   1.00 74.84  ? 178 LYS A CA    1 
ATOM   953  C C     . LYS A 1 132 ? -18.083 -14.330 0.870   1.00 70.89  ? 178 LYS A C     1 
ATOM   954  O O     . LYS A 1 132 ? -18.416 -15.015 -0.098  1.00 71.39  ? 178 LYS A O     1 
ATOM   955  C CB    . LYS A 1 132 ? -20.017 -15.338 2.107   1.00 74.57  ? 178 LYS A CB    1 
ATOM   956  C CG    . LYS A 1 132 ? -20.229 -16.420 3.152   1.00 71.56  ? 178 LYS A CG    1 
ATOM   957  C CD    . LYS A 1 132 ? -20.153 -15.876 4.565   1.00 72.75  ? 178 LYS A CD    1 
ATOM   958  C CE    . LYS A 1 132 ? -20.284 -17.003 5.581   1.00 76.77  ? 178 LYS A CE    1 
ATOM   959  N NZ    . LYS A 1 132 ? -20.106 -16.529 6.981   1.00 79.72  ? 178 LYS A NZ    1 
ATOM   960  N N     . THR A 1 133 ? -17.183 -13.356 0.786   1.00 66.85  ? 179 THR A N     1 
ATOM   961  C CA    . THR A 1 133 ? -16.535 -13.032 -0.480  1.00 68.32  ? 179 THR A CA    1 
ATOM   962  C C     . THR A 1 133 ? -15.051 -13.399 -0.475  1.00 67.61  ? 179 THR A C     1 
ATOM   963  O O     . THR A 1 133 ? -14.421 -13.497 0.580   1.00 67.36  ? 179 THR A O     1 
ATOM   964  C CB    . THR A 1 133 ? -16.690 -11.537 -0.838  1.00 66.73  ? 179 THR A CB    1 
ATOM   965  O OG1   . THR A 1 133 ? -16.054 -10.730 0.160   1.00 72.43  ? 179 THR A OG1   1 
ATOM   966  C CG2   . THR A 1 133 ? -18.157 -11.161 -0.928  1.00 68.66  ? 179 THR A CG2   1 
ATOM   967  N N     . ASN A 1 134 ? -14.505 -13.607 -1.667  1.00 62.98  ? 180 ASN A N     1 
ATOM   968  C CA    . ASN A 1 134 ? -13.096 -13.920 -1.826  1.00 62.43  ? 180 ASN A CA    1 
ATOM   969  C C     . ASN A 1 134 ? -12.549 -13.190 -3.048  1.00 63.74  ? 180 ASN A C     1 
ATOM   970  O O     . ASN A 1 134 ? -12.775 -13.610 -4.185  1.00 62.74  ? 180 ASN A O     1 
ATOM   971  C CB    . ASN A 1 134 ? -12.903 -15.430 -1.968  1.00 61.59  ? 180 ASN A CB    1 
ATOM   972  C CG    . ASN A 1 134 ? -11.444 -15.842 -1.940  1.00 62.39  ? 180 ASN A CG    1 
ATOM   973  O OD1   . ASN A 1 134 ? -10.556 -15.063 -2.294  1.00 63.93  ? 180 ASN A OD1   1 
ATOM   974  N ND2   . ASN A 1 134 ? -11.187 -17.077 -1.522  1.00 60.90  ? 180 ASN A ND2   1 
ATOM   975  N N     . ASP A 1 135 ? -11.839 -12.092 -2.810  1.00 60.14  ? 181 ASP A N     1 
ATOM   976  C CA    . ASP A 1 135 ? -11.331 -11.264 -3.897  1.00 63.36  ? 181 ASP A CA    1 
ATOM   977  C C     . ASP A 1 135 ? -9.817  -11.372 -4.037  1.00 62.42  ? 181 ASP A C     1 
ATOM   978  O O     . ASP A 1 135 ? -9.104  -11.549 -3.051  1.00 63.13  ? 181 ASP A O     1 
ATOM   979  C CB    . ASP A 1 135 ? -11.727 -9.801  -3.687  1.00 66.86  ? 181 ASP A CB    1 
ATOM   980  C CG    . ASP A 1 135 ? -13.232 -9.604  -3.643  1.00 73.01  ? 181 ASP A CG    1 
ATOM   981  O OD1   . ASP A 1 135 ? -13.856 -9.534  -4.726  1.00 74.64  ? 181 ASP A OD1   1 
ATOM   982  O OD2   . ASP A 1 135 ? -13.788 -9.512  -2.526  1.00 74.79  ? 181 ASP A OD2   1 
ATOM   983  N N     . ARG A 1 136 ? -9.333  -11.264 -5.269  1.00 58.62  ? 182 ARG A N     1 
ATOM   984  C CA    . ARG A 1 136 ? -7.899  -11.267 -5.527  1.00 62.86  ? 182 ARG A CA    1 
ATOM   985  C C     . ARG A 1 136 ? -7.561  -10.450 -6.769  1.00 64.72  ? 182 ARG A C     1 
ATOM   986  O O     . ARG A 1 136 ? -8.075  -10.710 -7.855  1.00 66.72  ? 182 ARG A O     1 
ATOM   987  C CB    . ARG A 1 136 ? -7.358  -12.691 -5.668  1.00 60.12  ? 182 ARG A CB    1 
ATOM   988  C CG    . ARG A 1 136 ? -5.921  -12.736 -6.163  1.00 65.70  ? 182 ARG A CG    1 
ATOM   989  C CD    . ARG A 1 136 ? -5.324  -14.134 -6.097  1.00 65.59  ? 182 ARG A CD    1 
ATOM   990  N NE    . ARG A 1 136 ? -4.370  -14.259 -4.997  1.00 75.57  ? 182 ARG A NE    1 
ATOM   991  C CZ    . ARG A 1 136 ? -4.560  -15.016 -3.919  1.00 77.78  ? 182 ARG A CZ    1 
ATOM   992  N NH1   . ARG A 1 136 ? -5.668  -15.734 -3.789  1.00 72.58  ? 182 ARG A NH1   1 
ATOM   993  N NH2   . ARG A 1 136 ? -3.633  -15.061 -2.970  1.00 79.41  ? 182 ARG A NH2   1 
ATOM   994  N N     . PHE A 1 137 ? -6.699  -9.455  -6.594  1.00 65.65  ? 183 PHE A N     1 
ATOM   995  C CA    . PHE A 1 137 ? -6.283  -8.598  -7.691  1.00 62.64  ? 183 PHE A CA    1 
ATOM   996  C C     . PHE A 1 137 ? -4.784  -8.716  -7.881  1.00 62.36  ? 183 PHE A C     1 
ATOM   997  O O     . PHE A 1 137 ? -4.016  -8.395  -6.981  1.00 65.22  ? 183 PHE A O     1 
ATOM   998  C CB    . PHE A 1 137 ? -6.637  -7.141  -7.399  1.00 64.46  ? 183 PHE A CB    1 
ATOM   999  C CG    . PHE A 1 137 ? -8.034  -6.943  -6.886  1.00 62.44  ? 183 PHE A CG    1 
ATOM   1000 C CD1   . PHE A 1 137 ? -9.043  -6.517  -7.729  1.00 66.02  ? 183 PHE A CD1   1 
ATOM   1001 C CD2   . PHE A 1 137 ? -8.335  -7.178  -5.556  1.00 64.83  ? 183 PHE A CD2   1 
ATOM   1002 C CE1   . PHE A 1 137 ? -10.326 -6.329  -7.259  1.00 67.89  ? 183 PHE A CE1   1 
ATOM   1003 C CE2   . PHE A 1 137 ? -9.616  -6.994  -5.079  1.00 68.39  ? 183 PHE A CE2   1 
ATOM   1004 C CZ    . PHE A 1 137 ? -10.615 -6.569  -5.932  1.00 67.06  ? 183 PHE A CZ    1 
ATOM   1005 N N     . THR A 1 138 ? -4.369  -9.185  -9.049  1.00 66.54  ? 184 THR A N     1 
ATOM   1006 C CA    . THR A 1 138 ? -2.951  -9.292  -9.362  1.00 67.73  ? 184 THR A CA    1 
ATOM   1007 C C     . THR A 1 138 ? -2.553  -8.261  -10.407 1.00 65.44  ? 184 THR A C     1 
ATOM   1008 O O     . THR A 1 138 ? -3.281  -8.028  -11.373 1.00 66.39  ? 184 THR A O     1 
ATOM   1009 C CB    . THR A 1 138 ? -2.586  -10.693 -9.874  1.00 69.59  ? 184 THR A CB    1 
ATOM   1010 O OG1   . THR A 1 138 ? -2.909  -11.665 -8.872  1.00 73.38  ? 184 THR A OG1   1 
ATOM   1011 C CG2   . THR A 1 138 ? -1.100  -10.769 -10.198 1.00 64.02  ? 184 THR A CG2   1 
ATOM   1012 N N     . VAL A 1 139 ? -1.397  -7.642  -10.204 1.00 64.61  ? 185 VAL A N     1 
ATOM   1013 C CA    . VAL A 1 139 ? -0.894  -6.646  -11.138 1.00 66.01  ? 185 VAL A CA    1 
ATOM   1014 C C     . VAL A 1 139 ? 0.604   -6.830  -11.360 1.00 65.84  ? 185 VAL A C     1 
ATOM   1015 O O     . VAL A 1 139 ? 1.379   -6.878  -10.401 1.00 66.72  ? 185 VAL A O     1 
ATOM   1016 C CB    . VAL A 1 139 ? -1.169  -5.215  -10.641 1.00 63.86  ? 185 VAL A CB    1 
ATOM   1017 C CG1   . VAL A 1 139 ? -0.871  -4.210  -11.739 1.00 64.42  ? 185 VAL A CG1   1 
ATOM   1018 C CG2   . VAL A 1 139 ? -2.609  -5.085  -10.182 1.00 67.03  ? 185 VAL A CG2   1 
ATOM   1019 N N     . PRO A 1 140 ? 1.012   -6.942  -12.634 1.00 64.07  ? 186 PRO A N     1 
ATOM   1020 C CA    . PRO A 1 140 ? 2.414   -7.107  -13.032 1.00 65.91  ? 186 PRO A CA    1 
ATOM   1021 C C     . PRO A 1 140 ? 3.152   -5.777  -12.979 1.00 62.24  ? 186 PRO A C     1 
ATOM   1022 O O     . PRO A 1 140 ? 2.654   -4.781  -13.501 1.00 64.90  ? 186 PRO A O     1 
ATOM   1023 C CB    . PRO A 1 140 ? 2.317   -7.580  -14.491 1.00 66.95  ? 186 PRO A CB    1 
ATOM   1024 C CG    . PRO A 1 140 ? 0.851   -7.823  -14.755 1.00 70.37  ? 186 PRO A CG    1 
ATOM   1025 C CD    . PRO A 1 140 ? 0.110   -6.962  -13.794 1.00 63.43  ? 186 PRO A CD    1 
ATOM   1026 N N     . VAL A 1 141 ? 4.328   -5.763  -12.366 1.00 59.00  ? 187 VAL A N     1 
ATOM   1027 C CA    . VAL A 1 141 ? 5.091   -4.531  -12.236 1.00 67.36  ? 187 VAL A CA    1 
ATOM   1028 C C     . VAL A 1 141 ? 6.484   -4.675  -12.829 1.00 64.59  ? 187 VAL A C     1 
ATOM   1029 O O     . VAL A 1 141 ? 7.306   -5.439  -12.325 1.00 66.27  ? 187 VAL A O     1 
ATOM   1030 C CB    . VAL A 1 141 ? 5.192   -4.082  -10.760 1.00 66.04  ? 187 VAL A CB    1 
ATOM   1031 C CG1   . VAL A 1 141 ? 6.325   -3.088  -10.578 1.00 62.76  ? 187 VAL A CG1   1 
ATOM   1032 C CG2   . VAL A 1 141 ? 3.869   -3.487  -10.298 1.00 61.61  ? 187 VAL A CG2   1 
ATOM   1033 N N     . THR A 1 142 ? 6.740   -3.936  -13.903 1.00 59.60  ? 188 THR A N     1 
ATOM   1034 C CA    . THR A 1 142 ? 8.035   -3.975  -14.564 1.00 63.02  ? 188 THR A CA    1 
ATOM   1035 C C     . THR A 1 142 ? 9.120   -3.490  -13.616 1.00 63.04  ? 188 THR A C     1 
ATOM   1036 O O     . THR A 1 142 ? 8.830   -2.997  -12.529 1.00 65.90  ? 188 THR A O     1 
ATOM   1037 C CB    . THR A 1 142 ? 8.050   -3.097  -15.828 1.00 64.27  ? 188 THR A CB    1 
ATOM   1038 O OG1   . THR A 1 142 ? 7.840   -1.727  -15.466 1.00 64.15  ? 188 THR A OG1   1 
ATOM   1039 C CG2   . THR A 1 142 ? 6.957   -3.534  -16.796 1.00 56.36  ? 188 THR A CG2   1 
ATOM   1040 N N     . THR A 1 143 ? 10.370  -3.634  -14.033 1.00 66.36  ? 189 THR A N     1 
ATOM   1041 C CA    . THR A 1 143 ? 11.499  -3.176  -13.235 1.00 64.78  ? 189 THR A CA    1 
ATOM   1042 C C     . THR A 1 143 ? 11.439  -1.663  -13.051 1.00 63.16  ? 189 THR A C     1 
ATOM   1043 O O     . THR A 1 143 ? 11.678  -1.150  -11.956 1.00 62.46  ? 189 THR A O     1 
ATOM   1044 C CB    . THR A 1 143 ? 12.837  -3.550  -13.899 1.00 63.87  ? 189 THR A CB    1 
ATOM   1045 O OG1   . THR A 1 143 ? 12.890  -4.967  -14.109 1.00 74.94  ? 189 THR A OG1   1 
ATOM   1046 C CG2   . THR A 1 143 ? 14.007  -3.125  -13.026 1.00 62.14  ? 189 THR A CG2   1 
ATOM   1047 N N     . ALA A 1 144 ? 11.114  -0.959  -14.131 1.00 59.26  ? 190 ALA A N     1 
ATOM   1048 C CA    . ALA A 1 144 ? 11.037  0.497   -14.111 1.00 60.49  ? 190 ALA A CA    1 
ATOM   1049 C C     . ALA A 1 144 ? 9.916   1.003   -13.202 1.00 61.02  ? 190 ALA A C     1 
ATOM   1050 O O     . ALA A 1 144 ? 10.094  1.975   -12.472 1.00 58.25  ? 190 ALA A O     1 
ATOM   1051 C CB    . ALA A 1 144 ? 10.864  1.038   -15.521 1.00 54.19  ? 190 ALA A CB    1 
ATOM   1052 N N     . GLU A 1 145 ? 8.765   0.339   -13.253 1.00 61.09  ? 191 GLU A N     1 
ATOM   1053 C CA    . GLU A 1 145 ? 7.624   0.726   -12.428 1.00 59.42  ? 191 GLU A CA    1 
ATOM   1054 C C     . GLU A 1 145 ? 7.924   0.520   -10.951 1.00 60.14  ? 191 GLU A C     1 
ATOM   1055 O O     . GLU A 1 145 ? 7.625   1.376   -10.117 1.00 60.01  ? 191 GLU A O     1 
ATOM   1056 C CB    . GLU A 1 145 ? 6.377   -0.058  -12.837 1.00 61.14  ? 191 GLU A CB    1 
ATOM   1057 C CG    . GLU A 1 145 ? 5.865   0.289   -14.228 1.00 62.09  ? 191 GLU A CG    1 
ATOM   1058 C CD    . GLU A 1 145 ? 4.808   -0.677  -14.729 1.00 65.88  ? 191 GLU A CD    1 
ATOM   1059 O OE1   . GLU A 1 145 ? 3.842   -0.220  -15.378 1.00 65.33  ? 191 GLU A OE1   1 
ATOM   1060 O OE2   . GLU A 1 145 ? 4.947   -1.896  -14.483 1.00 66.62  ? 191 GLU A OE2   1 
ATOM   1061 N N     . PHE A 1 146 ? 8.527   -0.617  -10.630 1.00 59.58  ? 192 PHE A N     1 
ATOM   1062 C CA    . PHE A 1 146 ? 8.904   -0.908  -9.255  1.00 59.02  ? 192 PHE A CA    1 
ATOM   1063 C C     . PHE A 1 146 ? 10.023  0.028   -8.809  1.00 58.42  ? 192 PHE A C     1 
ATOM   1064 O O     . PHE A 1 146 ? 10.224  0.249   -7.615  1.00 56.72  ? 192 PHE A O     1 
ATOM   1065 C CB    . PHE A 1 146 ? 9.335   -2.368  -9.115  1.00 56.44  ? 192 PHE A CB    1 
ATOM   1066 C CG    . PHE A 1 146 ? 9.596   -2.790  -7.701  1.00 56.95  ? 192 PHE A CG    1 
ATOM   1067 C CD1   . PHE A 1 146 ? 8.548   -3.148  -6.869  1.00 58.54  ? 192 PHE A CD1   1 
ATOM   1068 C CD2   . PHE A 1 146 ? 10.886  -2.828  -7.202  1.00 57.98  ? 192 PHE A CD2   1 
ATOM   1069 C CE1   . PHE A 1 146 ? 8.781   -3.536  -5.565  1.00 56.48  ? 192 PHE A CE1   1 
ATOM   1070 C CE2   . PHE A 1 146 ? 11.127  -3.219  -5.895  1.00 60.63  ? 192 PHE A CE2   1 
ATOM   1071 C CZ    . PHE A 1 146 ? 10.075  -3.575  -5.078  1.00 59.68  ? 192 PHE A CZ    1 
ATOM   1072 N N     . ALA A 1 147 ? 10.750  0.575   -9.779  1.00 59.09  ? 193 ALA A N     1 
ATOM   1073 C CA    . ALA A 1 147 ? 11.819  1.526   -9.493  1.00 57.10  ? 193 ALA A CA    1 
ATOM   1074 C C     . ALA A 1 147 ? 11.224  2.862   -9.062  1.00 56.16  ? 193 ALA A C     1 
ATOM   1075 O O     . ALA A 1 147 ? 11.708  3.497   -8.129  1.00 54.62  ? 193 ALA A O     1 
ATOM   1076 C CB    . ALA A 1 147 ? 12.714  1.704   -10.708 1.00 56.89  ? 193 ALA A CB    1 
ATOM   1077 N N     . VAL A 1 148 ? 10.168  3.284   -9.750  1.00 55.34  ? 194 VAL A N     1 
ATOM   1078 C CA    . VAL A 1 148 ? 9.440   4.475   -9.349  1.00 55.97  ? 194 VAL A CA    1 
ATOM   1079 C C     . VAL A 1 148 ? 8.967   4.308   -7.915  1.00 56.59  ? 194 VAL A C     1 
ATOM   1080 O O     . VAL A 1 148 ? 9.161   5.189   -7.081  1.00 57.02  ? 194 VAL A O     1 
ATOM   1081 C CB    . VAL A 1 148 ? 8.221   4.722   -10.247 1.00 55.91  ? 194 VAL A CB    1 
ATOM   1082 C CG1   . VAL A 1 148 ? 7.371   5.842   -9.676  1.00 55.30  ? 194 VAL A CG1   1 
ATOM   1083 C CG2   . VAL A 1 148 ? 8.664   5.047   -11.666 1.00 55.48  ? 194 VAL A CG2   1 
ATOM   1084 N N     . MET A 1 149 ? 8.355   3.163   -7.636  1.00 59.46  ? 195 MET A N     1 
ATOM   1085 C CA    . MET A 1 149 ? 7.845   2.862   -6.305  1.00 55.79  ? 195 MET A CA    1 
ATOM   1086 C C     . MET A 1 149 ? 8.948   2.910   -5.263  1.00 56.52  ? 195 MET A C     1 
ATOM   1087 O O     . MET A 1 149 ? 8.804   3.558   -4.229  1.00 58.92  ? 195 MET A O     1 
ATOM   1088 C CB    . MET A 1 149 ? 7.198   1.481   -6.283  1.00 56.08  ? 195 MET A CB    1 
ATOM   1089 C CG    . MET A 1 149 ? 6.042   1.326   -7.233  1.00 57.09  ? 195 MET A CG    1 
ATOM   1090 S SD    . MET A 1 149 ? 5.359   -0.330  -7.131  1.00 64.26  ? 195 MET A SD    1 
ATOM   1091 C CE    . MET A 1 149 ? 4.055   -0.223  -8.355  1.00 68.31  ? 195 MET A CE    1 
ATOM   1092 N N     . ARG A 1 150 ? 10.044  2.210   -5.527  1.00 54.66  ? 196 ARG A N     1 
ATOM   1093 C CA    . ARG A 1 150 ? 11.160  2.183   -4.590  1.00 58.40  ? 196 ARG A CA    1 
ATOM   1094 C C     . ARG A 1 150 ? 11.634  3.601   -4.263  1.00 55.47  ? 196 ARG A C     1 
ATOM   1095 O O     . ARG A 1 150 ? 11.822  3.947   -3.099  1.00 55.91  ? 196 ARG A O     1 
ATOM   1096 C CB    . ARG A 1 150 ? 12.320  1.343   -5.143  1.00 61.57  ? 196 ARG A CB    1 
ATOM   1097 C CG    . ARG A 1 150 ? 13.630  1.540   -4.391  1.00 63.91  ? 196 ARG A CG    1 
ATOM   1098 C CD    . ARG A 1 150 ? 14.785  0.789   -5.032  1.00 67.04  ? 196 ARG A CD    1 
ATOM   1099 N NE    . ARG A 1 150 ? 14.751  -0.640  -4.733  1.00 71.32  ? 196 ARG A NE    1 
ATOM   1100 C CZ    . ARG A 1 150 ? 14.222  -1.558  -5.534  1.00 71.60  ? 196 ARG A CZ    1 
ATOM   1101 N NH1   . ARG A 1 150 ? 13.681  -1.199  -6.691  1.00 70.21  ? 196 ARG A NH1   1 
ATOM   1102 N NH2   . ARG A 1 150 ? 14.237  -2.838  -5.181  1.00 71.65  ? 196 ARG A NH2   1 
ATOM   1103 N N     . THR A 1 151 ? 11.815  4.418   -5.297  1.00 55.54  ? 197 THR A N     1 
ATOM   1104 C CA    . THR A 1 151 ? 12.293  5.785   -5.124  1.00 55.06  ? 197 THR A CA    1 
ATOM   1105 C C     . THR A 1 151 ? 11.233  6.684   -4.495  1.00 53.05  ? 197 THR A C     1 
ATOM   1106 O O     . THR A 1 151 ? 11.536  7.495   -3.623  1.00 52.06  ? 197 THR A O     1 
ATOM   1107 C CB    . THR A 1 151 ? 12.740  6.402   -6.459  1.00 54.71  ? 197 THR A CB    1 
ATOM   1108 O OG1   . THR A 1 151 ? 13.687  5.535   -7.092  1.00 58.42  ? 197 THR A OG1   1 
ATOM   1109 C CG2   . THR A 1 151 ? 13.381  7.762   -6.227  1.00 52.61  ? 197 THR A CG2   1 
ATOM   1110 N N     . ALA A 1 152 ? 9.990   6.537   -4.938  1.00 50.42  ? 198 ALA A N     1 
ATOM   1111 C CA    . ALA A 1 152 ? 8.898   7.321   -4.378  1.00 50.97  ? 198 ALA A CA    1 
ATOM   1112 C C     . ALA A 1 152 ? 8.681   6.965   -2.913  1.00 51.58  ? 198 ALA A C     1 
ATOM   1113 O O     . ALA A 1 152 ? 8.564   7.845   -2.062  1.00 51.81  ? 198 ALA A O     1 
ATOM   1114 C CB    . ALA A 1 152 ? 7.625   7.106   -5.171  1.00 51.22  ? 198 ALA A CB    1 
ATOM   1115 N N     . PHE A 1 153 ? 8.639   5.669   -2.622  1.00 52.15  ? 199 PHE A N     1 
ATOM   1116 C CA    . PHE A 1 153 ? 8.438   5.195   -1.258  1.00 50.49  ? 199 PHE A CA    1 
ATOM   1117 C C     . PHE A 1 153 ? 9.585   5.623   -0.352  1.00 49.47  ? 199 PHE A C     1 
ATOM   1118 O O     . PHE A 1 153 ? 9.379   5.928   0.821   1.00 49.43  ? 199 PHE A O     1 
ATOM   1119 C CB    . PHE A 1 153 ? 8.287   3.672   -1.220  1.00 54.07  ? 199 PHE A CB    1 
ATOM   1120 C CG    . PHE A 1 153 ? 7.038   3.163   -1.882  1.00 52.96  ? 199 PHE A CG    1 
ATOM   1121 C CD1   . PHE A 1 153 ? 6.267   3.993   -2.676  1.00 53.33  ? 199 PHE A CD1   1 
ATOM   1122 C CD2   . PHE A 1 153 ? 6.626   1.851   -1.696  1.00 54.18  ? 199 PHE A CD2   1 
ATOM   1123 C CE1   . PHE A 1 153 ? 5.116   3.523   -3.283  1.00 54.55  ? 199 PHE A CE1   1 
ATOM   1124 C CE2   . PHE A 1 153 ? 5.477   1.377   -2.297  1.00 53.29  ? 199 PHE A CE2   1 
ATOM   1125 C CZ    . PHE A 1 153 ? 4.719   2.214   -3.093  1.00 53.78  ? 199 PHE A CZ    1 
ATOM   1126 N N     . SER A 1 154 ? 10.799  5.635   -0.890  1.00 50.48  ? 200 SER A N     1 
ATOM   1127 C CA    . SER A 1 154 ? 11.952  6.079   -0.117  1.00 52.91  ? 200 SER A CA    1 
ATOM   1128 C C     . SER A 1 154 ? 11.777  7.539   0.261   1.00 47.93  ? 200 SER A C     1 
ATOM   1129 O O     . SER A 1 154 ? 12.093  7.952   1.370   1.00 45.77  ? 200 SER A O     1 
ATOM   1130 C CB    . SER A 1 154 ? 13.247  5.907   -0.912  1.00 50.83  ? 200 SER A CB    1 
ATOM   1131 O OG    . SER A 1 154 ? 13.543  4.540   -1.115  1.00 61.42  ? 200 SER A OG    1 
ATOM   1132 N N     . PHE A 1 155 ? 11.272  8.320   -0.682  1.00 50.52  ? 201 PHE A N     1 
ATOM   1133 C CA    . PHE A 1 155 ? 11.061  9.737   -0.454  1.00 52.92  ? 201 PHE A CA    1 
ATOM   1134 C C     . PHE A 1 155 ? 10.006  9.952   0.617   1.00 50.27  ? 201 PHE A C     1 
ATOM   1135 O O     . PHE A 1 155 ? 10.159  10.806  1.490   1.00 49.00  ? 201 PHE A O     1 
ATOM   1136 C CB    . PHE A 1 155 ? 10.637  10.429  -1.751  1.00 53.78  ? 201 PHE A CB    1 
ATOM   1137 C CG    . PHE A 1 155 ? 10.176  11.843  -1.556  1.00 55.26  ? 201 PHE A CG    1 
ATOM   1138 C CD1   . PHE A 1 155 ? 11.090  12.858  -1.333  1.00 52.39  ? 201 PHE A CD1   1 
ATOM   1139 C CD2   . PHE A 1 155 ? 8.827   12.158  -1.589  1.00 52.53  ? 201 PHE A CD2   1 
ATOM   1140 C CE1   . PHE A 1 155 ? 10.669  14.162  -1.149  1.00 54.33  ? 201 PHE A CE1   1 
ATOM   1141 C CE2   . PHE A 1 155 ? 8.400   13.461  -1.408  1.00 53.93  ? 201 PHE A CE2   1 
ATOM   1142 C CZ    . PHE A 1 155 ? 9.323   14.464  -1.188  1.00 52.15  ? 201 PHE A CZ    1 
ATOM   1143 N N     . ALA A 1 156 ? 8.946   9.153   0.552   1.00 49.08  ? 202 ALA A N     1 
ATOM   1144 C CA    . ALA A 1 156 ? 7.779   9.345   1.402   1.00 50.38  ? 202 ALA A CA    1 
ATOM   1145 C C     . ALA A 1 156 ? 7.971   8.804   2.817   1.00 51.70  ? 202 ALA A C     1 
ATOM   1146 O O     . ALA A 1 156 ? 7.300   9.250   3.752   1.00 49.44  ? 202 ALA A O     1 
ATOM   1147 C CB    . ALA A 1 156 ? 6.551   8.714   0.755   1.00 47.93  ? 202 ALA A CB    1 
ATOM   1148 N N     . LEU A 1 157 ? 8.879   7.847   2.972   1.00 48.87  ? 203 LEU A N     1 
ATOM   1149 C CA    . LEU A 1 157 ? 9.050   7.172   4.255   1.00 45.41  ? 203 LEU A CA    1 
ATOM   1150 C C     . LEU A 1 157 ? 9.289   8.139   5.421   1.00 50.32  ? 203 LEU A C     1 
ATOM   1151 O O     . LEU A 1 157 ? 8.620   8.043   6.452   1.00 52.88  ? 203 LEU A O     1 
ATOM   1152 C CB    . LEU A 1 157 ? 10.160  6.120   4.175   1.00 48.41  ? 203 LEU A CB    1 
ATOM   1153 C CG    . LEU A 1 157 ? 10.329  5.234   5.411   1.00 48.63  ? 203 LEU A CG    1 
ATOM   1154 C CD1   . LEU A 1 157 ? 9.010   4.593   5.785   1.00 47.97  ? 203 LEU A CD1   1 
ATOM   1155 C CD2   . LEU A 1 157 ? 11.395  4.174   5.176   1.00 50.86  ? 203 LEU A CD2   1 
ATOM   1156 N N     . PRO A 1 158 ? 10.243  9.074   5.266   1.00 50.07  ? 204 PRO A N     1 
ATOM   1157 C CA    . PRO A 1 158 ? 10.482  10.066  6.318   1.00 49.32  ? 204 PRO A CA    1 
ATOM   1158 C C     . PRO A 1 158 ? 9.218   10.857  6.645   1.00 50.95  ? 204 PRO A C     1 
ATOM   1159 O O     . PRO A 1 158 ? 8.990   11.211  7.800   1.00 53.22  ? 204 PRO A O     1 
ATOM   1160 C CB    . PRO A 1 158 ? 11.520  10.996  5.687   1.00 51.89  ? 204 PRO A CB    1 
ATOM   1161 C CG    . PRO A 1 158 ? 12.207  10.164  4.669   1.00 46.66  ? 204 PRO A CG    1 
ATOM   1162 C CD    . PRO A 1 158 ? 11.167  9.242   4.130   1.00 47.26  ? 204 PRO A CD    1 
ATOM   1163 N N     . HIS A 1 159 ? 8.407   11.131  5.630   1.00 50.30  ? 205 HIS A N     1 
ATOM   1164 C CA    . HIS A 1 159 ? 7.195   11.922  5.817   1.00 52.72  ? 205 HIS A CA    1 
ATOM   1165 C C     . HIS A 1 159 ? 6.100   11.157  6.543   1.00 53.23  ? 205 HIS A C     1 
ATOM   1166 O O     . HIS A 1 159 ? 5.490   11.688  7.468   1.00 55.93  ? 205 HIS A O     1 
ATOM   1167 C CB    . HIS A 1 159 ? 6.683   12.443  4.476   1.00 55.58  ? 205 HIS A CB    1 
ATOM   1168 C CG    . HIS A 1 159 ? 7.660   13.320  3.767   1.00 59.36  ? 205 HIS A CG    1 
ATOM   1169 N ND1   . HIS A 1 159 ? 7.672   14.688  3.901   1.00 68.00  ? 205 HIS A ND1   1 
ATOM   1170 C CD2   . HIS A 1 159 ? 8.687   13.015  2.929   1.00 58.02  ? 205 HIS A CD2   1 
ATOM   1171 C CE1   . HIS A 1 159 ? 8.651   15.196  3.173   1.00 66.96  ? 205 HIS A CE1   1 
ATOM   1172 N NE2   . HIS A 1 159 ? 9.280   14.199  2.575   1.00 63.54  ? 205 HIS A NE2   1 
ATOM   1173 N N     . ILE A 1 160 ? 5.844   9.918   6.133   1.00 50.19  ? 206 ILE A N     1 
ATOM   1174 C CA    . ILE A 1 160 ? 4.828   9.115   6.804   1.00 51.84  ? 206 ILE A CA    1 
ATOM   1175 C C     . ILE A 1 160 ? 5.245   8.819   8.238   1.00 51.98  ? 206 ILE A C     1 
ATOM   1176 O O     . ILE A 1 160 ? 4.405   8.508   9.080   1.00 53.25  ? 206 ILE A O     1 
ATOM   1177 C CB    . ILE A 1 160 ? 4.520   7.793   6.068   1.00 49.08  ? 206 ILE A CB    1 
ATOM   1178 C CG1   . ILE A 1 160 ? 5.748   6.882   6.063   1.00 50.71  ? 206 ILE A CG1   1 
ATOM   1179 C CG2   . ILE A 1 160 ? 4.028   8.067   4.661   1.00 46.54  ? 206 ILE A CG2   1 
ATOM   1180 C CD1   . ILE A 1 160 ? 5.454   5.475   5.626   1.00 49.94  ? 206 ILE A CD1   1 
ATOM   1181 N N     . MET A 1 161 ? 6.546   8.913   8.506   1.00 51.01  ? 207 MET A N     1 
ATOM   1182 C CA    . MET A 1 161 ? 7.068   8.725   9.855   1.00 52.68  ? 207 MET A CA    1 
ATOM   1183 C C     . MET A 1 161 ? 6.987   10.015  10.659  1.00 55.41  ? 207 MET A C     1 
ATOM   1184 O O     . MET A 1 161 ? 7.080   9.997   11.885  1.00 56.51  ? 207 MET A O     1 
ATOM   1185 C CB    . MET A 1 161 ? 8.525   8.272   9.808   1.00 56.00  ? 207 MET A CB    1 
ATOM   1186 C CG    . MET A 1 161 ? 8.745   6.866   9.287   1.00 53.70  ? 207 MET A CG    1 
ATOM   1187 S SD    . MET A 1 161 ? 10.498  6.589   8.956   1.00 55.76  ? 207 MET A SD    1 
ATOM   1188 C CE    . MET A 1 161 ? 11.209  6.976   10.554  1.00 54.98  ? 207 MET A CE    1 
ATOM   1189 N N     . GLY A 1 162 ? 6.836   11.137  9.960   1.00 55.30  ? 208 GLY A N     1 
ATOM   1190 C CA    . GLY A 1 162 ? 6.766   12.436  10.604  1.00 56.02  ? 208 GLY A CA    1 
ATOM   1191 C C     . GLY A 1 162 ? 8.131   13.022  10.905  1.00 56.93  ? 208 GLY A C     1 
ATOM   1192 O O     . GLY A 1 162 ? 8.266   13.899  11.761  1.00 54.09  ? 208 GLY A O     1 
ATOM   1193 N N     . TRP A 1 163 ? 9.150   12.535  10.202  1.00 57.41  ? 209 TRP A N     1 
ATOM   1194 C CA    . TRP A 1 163 ? 10.512  13.019  10.408  1.00 56.86  ? 209 TRP A CA    1 
ATOM   1195 C C     . TRP A 1 163 ? 10.801  14.272  9.593   1.00 57.45  ? 209 TRP A C     1 
ATOM   1196 O O     . TRP A 1 163 ? 11.849  14.892  9.751   1.00 58.85  ? 209 TRP A O     1 
ATOM   1197 C CB    . TRP A 1 163 ? 11.543  11.937  10.084  1.00 53.10  ? 209 TRP A CB    1 
ATOM   1198 C CG    . TRP A 1 163 ? 11.772  10.971  11.203  1.00 52.22  ? 209 TRP A CG    1 
ATOM   1199 C CD1   . TRP A 1 163 ? 10.854  10.530  12.107  1.00 53.52  ? 209 TRP A CD1   1 
ATOM   1200 C CD2   . TRP A 1 163 ? 13.010  10.334  11.544  1.00 52.93  ? 209 TRP A CD2   1 
ATOM   1201 N NE1   . TRP A 1 163 ? 11.439  9.652   12.988  1.00 51.87  ? 209 TRP A NE1   1 
ATOM   1202 C CE2   . TRP A 1 163 ? 12.763  9.515   12.663  1.00 51.82  ? 209 TRP A CE2   1 
ATOM   1203 C CE3   . TRP A 1 163 ? 14.303  10.377  11.012  1.00 50.96  ? 209 TRP A CE3   1 
ATOM   1204 C CZ2   . TRP A 1 163 ? 13.760  8.744   13.260  1.00 54.22  ? 209 TRP A CZ2   1 
ATOM   1205 C CZ3   . TRP A 1 163 ? 15.293  9.612   11.607  1.00 53.00  ? 209 TRP A CZ3   1 
ATOM   1206 C CH2   . TRP A 1 163 ? 15.016  8.806   12.718  1.00 53.33  ? 209 TRP A CH2   1 
ATOM   1207 N N     . ASP A 1 164 ? 9.870   14.641  8.721   1.00 59.93  ? 210 ASP A N     1 
ATOM   1208 C CA    . ASP A 1 164 ? 9.994   15.888  7.973   1.00 61.84  ? 210 ASP A CA    1 
ATOM   1209 C C     . ASP A 1 164 ? 9.699   17.091  8.864   1.00 63.53  ? 210 ASP A C     1 
ATOM   1210 O O     . ASP A 1 164 ? 9.945   18.232  8.478   1.00 66.82  ? 210 ASP A O     1 
ATOM   1211 C CB    . ASP A 1 164 ? 9.079   15.892  6.749   1.00 60.47  ? 210 ASP A CB    1 
ATOM   1212 C CG    . ASP A 1 164 ? 7.620   15.708  7.107   1.00 66.27  ? 210 ASP A CG    1 
ATOM   1213 O OD1   . ASP A 1 164 ? 7.331   15.179  8.202   1.00 64.54  ? 210 ASP A OD1   1 
ATOM   1214 O OD2   . ASP A 1 164 ? 6.756   16.085  6.285   1.00 70.97  ? 210 ASP A OD2   1 
ATOM   1215 N N     . ARG A 1 165 ? 9.174   16.826  10.059  1.00 62.89  ? 211 ARG A N     1 
ATOM   1216 C CA    . ARG A 1 165 ? 8.929   17.878  11.039  1.00 66.30  ? 211 ARG A CA    1 
ATOM   1217 C C     . ARG A 1 165 ? 10.235  18.363  11.653  1.00 68.10  ? 211 ARG A C     1 
ATOM   1218 O O     . ARG A 1 165 ? 10.328  19.498  12.116  1.00 76.55  ? 211 ARG A O     1 
ATOM   1219 C CB    . ARG A 1 165 ? 7.994   17.385  12.143  1.00 64.82  ? 211 ARG A CB    1 
ATOM   1220 C CG    . ARG A 1 165 ? 6.541   17.280  11.733  1.00 65.31  ? 211 ARG A CG    1 
ATOM   1221 C CD    . ARG A 1 165 ? 6.003   18.618  11.259  1.00 73.98  ? 211 ARG A CD    1 
ATOM   1222 N NE    . ARG A 1 165 ? 4.544   18.654  11.319  1.00 79.39  ? 211 ARG A NE    1 
ATOM   1223 C CZ    . ARG A 1 165 ? 3.851   19.226  12.298  1.00 75.21  ? 211 ARG A CZ    1 
ATOM   1224 N NH1   . ARG A 1 165 ? 4.485   19.828  13.294  1.00 73.68  ? 211 ARG A NH1   1 
ATOM   1225 N NH2   . ARG A 1 165 ? 2.525   19.204  12.275  1.00 74.58  ? 211 ARG A NH2   1 
ATOM   1226 N N     . PHE A 1 166 ? 11.240  17.494  11.664  1.00 65.53  ? 212 PHE A N     1 
ATOM   1227 C CA    . PHE A 1 166 ? 12.565  17.872  12.136  1.00 64.50  ? 212 PHE A CA    1 
ATOM   1228 C C     . PHE A 1 166 ? 13.282  18.650  11.042  1.00 65.47  ? 212 PHE A C     1 
ATOM   1229 O O     . PHE A 1 166 ? 13.772  18.064  10.081  1.00 69.65  ? 212 PHE A O     1 
ATOM   1230 C CB    . PHE A 1 166 ? 13.389  16.635  12.494  1.00 62.77  ? 212 PHE A CB    1 
ATOM   1231 C CG    . PHE A 1 166 ? 12.754  15.750  13.530  1.00 59.47  ? 212 PHE A CG    1 
ATOM   1232 C CD1   . PHE A 1 166 ? 12.162  14.554  13.166  1.00 56.81  ? 212 PHE A CD1   1 
ATOM   1233 C CD2   . PHE A 1 166 ? 12.766  16.106  14.868  1.00 61.46  ? 212 PHE A CD2   1 
ATOM   1234 C CE1   . PHE A 1 166 ? 11.585  13.732  14.116  1.00 55.87  ? 212 PHE A CE1   1 
ATOM   1235 C CE2   . PHE A 1 166 ? 12.191  15.288  15.824  1.00 61.13  ? 212 PHE A CE2   1 
ATOM   1236 C CZ    . PHE A 1 166 ? 11.598  14.101  15.447  1.00 58.00  ? 212 PHE A CZ    1 
ATOM   1237 N N     . THR A 1 167 ? 13.345  19.969  11.181  1.00 69.33  ? 213 THR A N     1 
ATOM   1238 C CA    . THR A 1 167 ? 13.992  20.792  10.167  1.00 73.28  ? 213 THR A CA    1 
ATOM   1239 C C     . THR A 1 167 ? 14.540  22.101  10.725  1.00 77.19  ? 213 THR A C     1 
ATOM   1240 O O     . THR A 1 167 ? 13.867  22.790  11.495  1.00 79.04  ? 213 THR A O     1 
ATOM   1241 C CB    . THR A 1 167 ? 13.031  21.106  9.012   1.00 73.61  ? 213 THR A CB    1 
ATOM   1242 O OG1   . THR A 1 167 ? 12.485  19.884  8.500   1.00 73.43  ? 213 THR A OG1   1 
ATOM   1243 C CG2   . THR A 1 167 ? 13.763  21.844  7.900   1.00 75.38  ? 213 THR A CG2   1 
ATOM   1244 N N     . ASN A 1 168 ? 15.766  22.431  10.328  1.00 74.34  ? 214 ASN A N     1 
ATOM   1245 C CA    . ASN A 1 168 ? 16.394  23.690  10.712  1.00 74.32  ? 214 ASN A CA    1 
ATOM   1246 C C     . ASN A 1 168 ? 15.783  24.857  9.947   1.00 82.42  ? 214 ASN A C     1 
ATOM   1247 O O     . ASN A 1 168 ? 16.258  25.218  8.868   1.00 82.05  ? 214 ASN A O     1 
ATOM   1248 C CB    . ASN A 1 168 ? 17.901  23.633  10.459  1.00 72.68  ? 214 ASN A CB    1 
ATOM   1249 C CG    . ASN A 1 168 ? 18.585  22.534  11.252  1.00 70.11  ? 214 ASN A CG    1 
ATOM   1250 O OD1   . ASN A 1 168 ? 18.242  22.281  12.407  1.00 69.77  ? 214 ASN A OD1   1 
ATOM   1251 N ND2   . ASN A 1 168 ? 19.555  21.871  10.631  1.00 60.86  ? 214 ASN A ND2   1 
ATOM   1252 N N     . ARG A 1 169 ? 14.726  25.434  10.514  1.00 85.46  ? 215 ARG A N     1 
ATOM   1253 C CA    . ARG A 1 169 ? 13.979  26.523  9.883   1.00 88.21  ? 215 ARG A CA    1 
ATOM   1254 C C     . ARG A 1 169 ? 12.943  25.996  8.892   1.00 89.31  ? 215 ARG A C     1 
ATOM   1255 O O     . ARG A 1 169 ? 13.172  25.005  8.195   1.00 89.25  ? 215 ARG A O     1 
ATOM   1256 C CB    . ARG A 1 169 ? 14.919  27.519  9.195   1.00 88.63  ? 215 ARG A CB    1 
ATOM   1257 C CG    . ARG A 1 169 ? 14.219  28.745  8.628   1.00 90.05  ? 215 ARG A CG    1 
ATOM   1258 C CD    . ARG A 1 169 ? 13.494  29.513  9.721   1.00 92.36  ? 215 ARG A CD    1 
ATOM   1259 N NE    . ARG A 1 169 ? 14.308  29.621  10.930  1.00 93.90  ? 215 ARG A NE    1 
ATOM   1260 C CZ    . ARG A 1 169 ? 14.056  28.975  12.064  1.00 96.15  ? 215 ARG A CZ    1 
ATOM   1261 N NH1   . ARG A 1 169 ? 12.998  28.178  12.157  1.00 93.47  ? 215 ARG A NH1   1 
ATOM   1262 N NH2   . ARG A 1 169 ? 14.856  29.132  13.112  1.00 99.11  ? 215 ARG A NH2   1 
ATOM   1263 P P     . DT  B 2 1   ? -16.541 3.566   3.210   0.74 103.09 ? 1   DT  B P     1 
ATOM   1264 O OP1   . DT  B 2 1   ? -17.033 2.184   3.012   0.74 96.66  ? 1   DT  B OP1   1 
ATOM   1265 O OP2   . DT  B 2 1   ? -17.059 4.387   4.327   0.74 94.69  ? 1   DT  B OP2   1 
ATOM   1266 O "O5'" . DT  B 2 1   ? -14.945 3.536   3.313   0.74 92.44  ? 1   DT  B "O5'" 1 
ATOM   1267 C "C5'" . DT  B 2 1   ? -14.324 2.739   4.310   0.74 86.28  ? 1   DT  B "C5'" 1 
ATOM   1268 C "C4'" . DT  B 2 1   ? -13.032 2.146   3.788   0.74 82.87  ? 1   DT  B "C4'" 1 
ATOM   1269 O "O4'" . DT  B 2 1   ? -12.124 3.214   3.416   0.74 85.30  ? 1   DT  B "O4'" 1 
ATOM   1270 C "C3'" . DT  B 2 1   ? -12.256 1.311   4.794   0.74 78.99  ? 1   DT  B "C3'" 1 
ATOM   1271 O "O3'" . DT  B 2 1   ? -11.431 0.399   4.084   0.74 73.94  ? 1   DT  B "O3'" 1 
ATOM   1272 C "C2'" . DT  B 2 1   ? -11.433 2.373   5.515   0.74 78.19  ? 1   DT  B "C2'" 1 
ATOM   1273 C "C1'" . DT  B 2 1   ? -11.069 3.299   4.357   0.74 81.71  ? 1   DT  B "C1'" 1 
ATOM   1274 N N1    . DT  B 2 1   ? -10.941 4.724   4.751   0.74 84.87  ? 1   DT  B N1    1 
ATOM   1275 C C2    . DT  B 2 1   ? -9.942  5.483   4.185   0.74 86.32  ? 1   DT  B C2    1 
ATOM   1276 O O2    . DT  B 2 1   ? -9.149  5.042   3.370   0.74 81.26  ? 1   DT  B O2    1 
ATOM   1277 N N3    . DT  B 2 1   ? -9.908  6.787   4.612   0.74 88.23  ? 1   DT  B N3    1 
ATOM   1278 C C4    . DT  B 2 1   ? -10.756 7.385   5.527   0.74 89.15  ? 1   DT  B C4    1 
ATOM   1279 O O4    . DT  B 2 1   ? -10.647 8.565   5.849   0.74 93.50  ? 1   DT  B O4    1 
ATOM   1280 C C5    . DT  B 2 1   ? -11.779 6.532   6.077   0.74 87.59  ? 1   DT  B C5    1 
ATOM   1281 C C7    . DT  B 2 1   ? -12.757 7.075   7.076   0.74 87.27  ? 1   DT  B C7    1 
ATOM   1282 C C6    . DT  B 2 1   ? -11.824 5.257   5.668   0.74 84.88  ? 1   DT  B C6    1 
ATOM   1283 P P     . DT  B 2 2   ? -10.930 -0.949  4.792   0.74 71.60  ? 2   DT  B P     1 
ATOM   1284 O OP1   . DT  B 2 2   ? -10.848 -2.000  3.759   0.74 65.69  ? 2   DT  B OP1   1 
ATOM   1285 O OP2   . DT  B 2 2   ? -11.765 -1.167  5.993   0.74 72.95  ? 2   DT  B OP2   1 
ATOM   1286 O "O5'" . DT  B 2 2   ? -9.458  -0.579  5.286   0.74 68.21  ? 2   DT  B "O5'" 1 
ATOM   1287 C "C5'" . DT  B 2 2   ? -8.718  0.420   4.604   0.74 65.57  ? 2   DT  B "C5'" 1 
ATOM   1288 C "C4'" . DT  B 2 2   ? -7.263  0.411   5.034   0.74 61.90  ? 2   DT  B "C4'" 1 
ATOM   1289 O "O4'" . DT  B 2 2   ? -6.863  1.751   5.415   0.74 67.04  ? 2   DT  B "O4'" 1 
ATOM   1290 C "C3'" . DT  B 2 2   ? -6.939  -0.467  6.235   0.74 61.67  ? 2   DT  B "C3'" 1 
ATOM   1291 O "O3'" . DT  B 2 2   ? -5.627  -0.983  6.084   0.74 60.02  ? 2   DT  B "O3'" 1 
ATOM   1292 C "C2'" . DT  B 2 2   ? -7.018  0.513   7.401   0.74 62.87  ? 2   DT  B "C2'" 1 
ATOM   1293 C "C1'" . DT  B 2 2   ? -6.425  1.762   6.757   0.74 67.03  ? 2   DT  B "C1'" 1 
ATOM   1294 N N1    . DT  B 2 2   ? -6.891  3.037   7.362   0.74 74.51  ? 2   DT  B N1    1 
ATOM   1295 C C2    . DT  B 2 2   ? -5.978  4.033   7.632   0.74 76.89  ? 2   DT  B C2    1 
ATOM   1296 O O2    . DT  B 2 2   ? -4.786  3.927   7.403   0.74 71.10  ? 2   DT  B O2    1 
ATOM   1297 N N3    . DT  B 2 2   ? -6.519  5.167   8.189   0.74 79.69  ? 2   DT  B N3    1 
ATOM   1298 C C4    . DT  B 2 2   ? -7.848  5.399   8.493   0.74 81.97  ? 2   DT  B C4    1 
ATOM   1299 O O4    . DT  B 2 2   ? -8.236  6.450   8.991   0.74 86.68  ? 2   DT  B O4    1 
ATOM   1300 C C5    . DT  B 2 2   ? -8.746  4.317   8.182   0.74 79.59  ? 2   DT  B C5    1 
ATOM   1301 C C7    . DT  B 2 2   ? -10.212 4.451   8.466   0.74 82.27  ? 2   DT  B C7    1 
ATOM   1302 C C6    . DT  B 2 2   ? -8.232  3.205   7.638   0.74 76.68  ? 2   DT  B C6    1 
ATOM   1303 P P     . DT  B 2 3   ? -5.394  -2.563  5.959   0.74 54.25  ? 3   DT  B P     1 
ATOM   1304 O OP1   . DT  B 2 3   ? -4.056  -2.777  5.378   0.74 51.70  ? 3   DT  B OP1   1 
ATOM   1305 O OP2   . DT  B 2 3   ? -6.583  -3.144  5.303   0.74 57.37  ? 3   DT  B OP2   1 
ATOM   1306 O "O5'" . DT  B 2 3   ? -5.356  -3.052  7.479   0.74 59.33  ? 3   DT  B "O5'" 1 
ATOM   1307 C "C5'" . DT  B 2 3   ? -4.506  -2.406  8.418   0.74 58.96  ? 3   DT  B "C5'" 1 
ATOM   1308 C "C4'" . DT  B 2 3   ? -4.587  -3.113  9.757   0.74 59.28  ? 3   DT  B "C4'" 1 
ATOM   1309 O "O4'" . DT  B 2 3   ? -3.945  -4.401  9.652   0.74 59.14  ? 3   DT  B "O4'" 1 
ATOM   1310 C "C3'" . DT  B 2 3   ? -3.852  -2.430  10.899  0.74 58.20  ? 3   DT  B "C3'" 1 
ATOM   1311 O "O3'" . DT  B 2 3   ? -4.731  -1.515  11.546  0.74 60.06  ? 3   DT  B "O3'" 1 
ATOM   1312 C "C2'" . DT  B 2 3   ? -3.494  -3.585  11.832  0.74 60.87  ? 3   DT  B "C2'" 1 
ATOM   1313 C "C1'" . DT  B 2 3   ? -3.571  -4.827  10.945  0.74 60.98  ? 3   DT  B "C1'" 1 
ATOM   1314 N N1    . DT  B 2 3   ? -2.278  -5.542  10.836  0.74 61.49  ? 3   DT  B N1    1 
ATOM   1315 C C2    . DT  B 2 3   ? -2.242  -6.900  11.063  0.74 62.27  ? 3   DT  B C2    1 
ATOM   1316 O O2    . DT  B 2 3   ? -3.230  -7.552  11.350  0.74 64.64  ? 3   DT  B O2    1 
ATOM   1317 N N3    . DT  B 2 3   ? -0.997  -7.462  10.942  0.74 60.75  ? 3   DT  B N3    1 
ATOM   1318 C C4    . DT  B 2 3   ? 0.181   -6.812  10.626  0.74 63.08  ? 3   DT  B C4    1 
ATOM   1319 O O4    . DT  B 2 3   ? 1.251   -7.404  10.541  0.74 66.84  ? 3   DT  B O4    1 
ATOM   1320 C C5    . DT  B 2 3   ? 0.070   -5.393  10.401  0.74 62.27  ? 3   DT  B C5    1 
ATOM   1321 C C7    . DT  B 2 3   ? 1.284   -4.586  10.051  0.74 61.73  ? 3   DT  B C7    1 
ATOM   1322 C C6    . DT  B 2 3   ? -1.140  -4.832  10.516  0.74 61.48  ? 3   DT  B C6    1 
ATOM   1323 P P     . DT  B 2 4   ? -4.144  -0.339  12.463  0.74 59.46  ? 4   DT  B P     1 
ATOM   1324 O OP1   . DT  B 2 4   ? -5.158  0.735   12.526  0.74 59.99  ? 4   DT  B OP1   1 
ATOM   1325 O OP2   . DT  B 2 4   ? -2.777  -0.031  11.988  0.74 58.95  ? 4   DT  B OP2   1 
ATOM   1326 O "O5'" . DT  B 2 4   ? -4.005  -1.023  13.900  0.74 59.13  ? 4   DT  B "O5'" 1 
ATOM   1327 C "C5'" . DT  B 2 4   ? -5.165  -1.479  14.579  0.74 62.71  ? 4   DT  B "C5'" 1 
ATOM   1328 C "C4'" . DT  B 2 4   ? -4.872  -1.669  16.054  0.74 65.66  ? 4   DT  B "C4'" 1 
ATOM   1329 O "O4'" . DT  B 2 4   ? -4.085  -2.875  16.244  0.74 69.35  ? 4   DT  B "O4'" 1 
ATOM   1330 C "C3'" . DT  B 2 4   ? -4.075  -0.536  16.693  0.74 67.00  ? 4   DT  B "C3'" 1 
ATOM   1331 O "O3'" . DT  B 2 4   ? -4.610  -0.279  17.989  0.74 70.59  ? 4   DT  B "O3'" 1 
ATOM   1332 C "C2'" . DT  B 2 4   ? -2.654  -1.094  16.763  0.74 67.74  ? 4   DT  B "C2'" 1 
ATOM   1333 C "C1'" . DT  B 2 4   ? -2.922  -2.580  16.987  0.74 68.41  ? 4   DT  B "C1'" 1 
ATOM   1334 N N1    . DT  B 2 4   ? -1.849  -3.490  16.501  0.74 67.58  ? 4   DT  B N1    1 
ATOM   1335 C C2    . DT  B 2 4   ? -1.508  -4.577  17.274  0.74 72.42  ? 4   DT  B C2    1 
ATOM   1336 O O2    . DT  B 2 4   ? -2.040  -4.830  18.342  0.74 72.02  ? 4   DT  B O2    1 
ATOM   1337 N N3    . DT  B 2 4   ? -0.514  -5.364  16.749  0.74 70.18  ? 4   DT  B N3    1 
ATOM   1338 C C4    . DT  B 2 4   ? 0.153   -5.172  15.554  0.74 68.89  ? 4   DT  B C4    1 
ATOM   1339 O O4    . DT  B 2 4   ? 1.033   -5.932  15.163  0.74 68.94  ? 4   DT  B O4    1 
ATOM   1340 C C5    . DT  B 2 4   ? -0.253  -4.018  14.794  0.74 67.87  ? 4   DT  B C5    1 
ATOM   1341 C C7    . DT  B 2 4   ? 0.411   -3.720  13.483  0.74 62.69  ? 4   DT  B C7    1 
ATOM   1342 C C6    . DT  B 2 4   ? -1.222  -3.241  15.296  0.74 67.83  ? 4   DT  B C6    1 
ATOM   1343 P P     . DT  B 2 5   ? -4.122  0.999   18.827  0.74 70.45  ? 5   DT  B P     1 
ATOM   1344 O OP1   . DT  B 2 5   ? -5.263  1.472   19.636  0.74 70.70  ? 5   DT  B OP1   1 
ATOM   1345 O OP2   . DT  B 2 5   ? -3.457  1.928   17.888  0.74 67.88  ? 5   DT  B OP2   1 
ATOM   1346 O "O5'" . DT  B 2 5   ? -3.018  0.394   19.808  0.74 70.97  ? 5   DT  B "O5'" 1 
ATOM   1347 C "C5'" . DT  B 2 5   ? -3.376  -0.683  20.663  0.74 70.45  ? 5   DT  B "C5'" 1 
ATOM   1348 C "C4'" . DT  B 2 5   ? -2.156  -1.286  21.329  0.74 74.33  ? 5   DT  B "C4'" 1 
ATOM   1349 O "O4'" . DT  B 2 5   ? -1.505  -2.196  20.419  0.74 72.72  ? 5   DT  B "O4'" 1 
ATOM   1350 C "C3'" . DT  B 2 5   ? -1.083  -0.276  21.716  0.74 73.12  ? 5   DT  B "C3'" 1 
ATOM   1351 O "O3'" . DT  B 2 5   ? -1.259  0.077   23.085  0.74 74.49  ? 5   DT  B "O3'" 1 
ATOM   1352 C "C2'" . DT  B 2 5   ? 0.243   -1.007  21.485  0.74 72.74  ? 5   DT  B "C2'" 1 
ATOM   1353 C "C1'" . DT  B 2 5   ? -0.153  -2.318  20.807  0.74 71.96  ? 5   DT  B "C1'" 1 
ATOM   1354 N N1    . DT  B 2 5   ? 0.632   -2.636  19.583  0.74 70.75  ? 5   DT  B N1    1 
ATOM   1355 C C2    . DT  B 2 5   ? 1.289   -3.843  19.501  0.74 72.36  ? 5   DT  B C2    1 
ATOM   1356 O O2    . DT  B 2 5   ? 1.272   -4.675  20.392  0.74 75.97  ? 5   DT  B O2    1 
ATOM   1357 N N3    . DT  B 2 5   ? 1.977   -4.041  18.331  0.74 69.94  ? 5   DT  B N3    1 
ATOM   1358 C C4    . DT  B 2 5   ? 2.067   -3.172  17.259  0.74 70.34  ? 5   DT  B C4    1 
ATOM   1359 O O4    . DT  B 2 5   ? 2.710   -3.439  16.248  0.74 69.69  ? 5   DT  B O4    1 
ATOM   1360 C C5    . DT  B 2 5   ? 1.351   -1.930  17.410  0.74 70.81  ? 5   DT  B C5    1 
ATOM   1361 C C7    . DT  B 2 5   ? 1.377   -0.910  16.311  0.74 69.02  ? 5   DT  B C7    1 
ATOM   1362 C C6    . DT  B 2 5   ? 0.677   -1.724  18.548  0.74 70.70  ? 5   DT  B C6    1 
ATOM   1363 P P     . DT  B 2 6   ? -0.577  1.404   23.672  0.74 80.86  ? 6   DT  B P     1 
ATOM   1364 O OP1   . DT  B 2 6   ? -1.393  1.864   24.817  0.74 79.05  ? 6   DT  B OP1   1 
ATOM   1365 O OP2   . DT  B 2 6   ? -0.315  2.319   22.539  0.74 72.84  ? 6   DT  B OP2   1 
ATOM   1366 O "O5'" . DT  B 2 6   ? 0.827   0.884   24.220  0.74 72.77  ? 6   DT  B "O5'" 1 
ATOM   1367 C "C5'" . DT  B 2 6   ? 0.836   -0.143  25.201  0.74 76.08  ? 6   DT  B "C5'" 1 
ATOM   1368 C "C4'" . DT  B 2 6   ? 2.251   -0.625  25.448  0.74 75.87  ? 6   DT  B "C4'" 1 
ATOM   1369 O "O4'" . DT  B 2 6   ? 2.687   -1.447  24.336  0.74 74.50  ? 6   DT  B "O4'" 1 
ATOM   1370 C "C3'" . DT  B 2 6   ? 3.277   0.496   25.586  0.74 75.58  ? 6   DT  B "C3'" 1 
ATOM   1371 O "O3'" . DT  B 2 6   ? 4.177   0.187   26.640  0.74 79.55  ? 6   DT  B "O3'" 1 
ATOM   1372 C "C2'" . DT  B 2 6   ? 3.984   0.483   24.235  0.74 73.57  ? 6   DT  B "C2'" 1 
ATOM   1373 C "C1'" . DT  B 2 6   ? 3.967   -1.009  23.939  0.74 72.97  ? 6   DT  B "C1'" 1 
ATOM   1374 N N1    . DT  B 2 6   ? 4.152   -1.341  22.509  0.74 72.15  ? 6   DT  B N1    1 
ATOM   1375 C C2    . DT  B 2 6   ? 4.620   -2.592  22.186  0.74 72.55  ? 6   DT  B C2    1 
ATOM   1376 O O2    . DT  B 2 6   ? 4.885   -3.436  23.021  0.74 75.74  ? 6   DT  B O2    1 
ATOM   1377 N N3    . DT  B 2 6   ? 4.765   -2.820  20.842  0.74 71.43  ? 6   DT  B N3    1 
ATOM   1378 C C4    . DT  B 2 6   ? 4.491   -1.935  19.817  0.74 69.74  ? 6   DT  B C4    1 
ATOM   1379 O O4    . DT  B 2 6   ? 4.654   -2.234  18.640  0.74 67.63  ? 6   DT  B O4    1 
ATOM   1380 C C5    . DT  B 2 6   ? 4.003   -0.642  20.226  0.74 70.74  ? 6   DT  B C5    1 
ATOM   1381 C C7    . DT  B 2 6   ? 3.675   0.399   19.197  0.74 69.77  ? 6   DT  B C7    1 
ATOM   1382 C C6    . DT  B 2 6   ? 3.858   -0.408  21.537  0.74 70.67  ? 6   DT  B C6    1 
ATOM   1383 P P     . DT  B 2 7   ? 3.865   0.675   28.135  0.74 81.10  ? 7   DT  B P     1 
ATOM   1384 O OP1   . DT  B 2 7   ? 4.560   -0.241  29.060  0.74 86.11  ? 7   DT  B OP1   1 
ATOM   1385 O OP2   . DT  B 2 7   ? 2.402   0.869   28.257  0.74 80.40  ? 7   DT  B OP2   1 
ATOM   1386 O "O5'" . DT  B 2 7   ? 4.565   2.105   28.208  0.74 79.02  ? 7   DT  B "O5'" 1 
ATOM   1387 C "C5'" . DT  B 2 7   ? 5.901   2.209   28.676  0.74 79.76  ? 7   DT  B "C5'" 1 
ATOM   1388 C "C4'" . DT  B 2 7   ? 6.376   3.639   28.536  0.74 82.03  ? 7   DT  B "C4'" 1 
ATOM   1389 O "O4'" . DT  B 2 7   ? 7.168   3.761   27.339  0.74 77.93  ? 7   DT  B "O4'" 1 
ATOM   1390 C "C3'" . DT  B 2 7   ? 5.252   4.658   28.387  0.74 81.47  ? 7   DT  B "C3'" 1 
ATOM   1391 O "O3'" . DT  B 2 7   ? 4.928   5.165   29.694  0.74 81.78  ? 7   DT  B "O3'" 1 
ATOM   1392 C "C2'" . DT  B 2 7   ? 5.801   5.707   27.410  0.74 78.49  ? 7   DT  B "C2'" 1 
ATOM   1393 C "C1'" . DT  B 2 7   ? 7.098   5.093   26.878  0.74 76.38  ? 7   DT  B "C1'" 1 
ATOM   1394 N N1    . DT  B 2 7   ? 7.193   5.025   25.398  0.74 73.03  ? 7   DT  B N1    1 
ATOM   1395 C C2    . DT  B 2 7   ? 6.206   4.392   24.672  0.74 73.73  ? 7   DT  B C2    1 
ATOM   1396 O O2    . DT  B 2 7   ? 5.222   3.873   25.171  0.74 74.50  ? 7   DT  B O2    1 
ATOM   1397 N N3    . DT  B 2 7   ? 6.419   4.396   23.317  0.74 74.37  ? 7   DT  B N3    1 
ATOM   1398 C C4    . DT  B 2 7   ? 7.489   4.950   22.637  0.74 73.99  ? 7   DT  B C4    1 
ATOM   1399 O O4    . DT  B 2 7   ? 7.588   4.899   21.415  0.74 73.50  ? 7   DT  B O4    1 
ATOM   1400 C C5    . DT  B 2 7   ? 8.480   5.590   23.461  0.74 71.94  ? 7   DT  B C5    1 
ATOM   1401 C C7    . DT  B 2 7   ? 9.686   6.228   22.844  0.74 69.51  ? 7   DT  B C7    1 
ATOM   1402 C C6    . DT  B 2 7   ? 8.286   5.595   24.783  0.74 73.27  ? 7   DT  B C6    1 
ATOM   1403 P P     . DT  B 2 8   ? 4.595   6.722   29.899  0.74 88.19  ? 8   DT  B P     1 
ATOM   1404 O OP1   . DT  B 2 8   ? 4.176   6.918   31.305  0.74 88.59  ? 8   DT  B OP1   1 
ATOM   1405 O OP2   . DT  B 2 8   ? 3.671   7.135   28.817  0.74 84.52  ? 8   DT  B OP2   1 
ATOM   1406 O "O5'" . DT  B 2 8   ? 6.011   7.438   29.673  0.74 84.08  ? 8   DT  B "O5'" 1 
ATOM   1407 C "C5'" . DT  B 2 8   ? 6.094   8.519   28.757  0.74 82.55  ? 8   DT  B "C5'" 1 
ATOM   1408 C "C4'" . DT  B 2 8   ? 6.916   9.648   29.341  0.74 83.95  ? 8   DT  B "C4'" 1 
ATOM   1409 O "O4'" . DT  B 2 8   ? 8.205   9.707   28.682  0.74 84.68  ? 8   DT  B "O4'" 1 
ATOM   1410 C "C3'" . DT  B 2 8   ? 6.241   10.994  29.114  0.74 87.25  ? 8   DT  B "C3'" 1 
ATOM   1411 O "O3'" . DT  B 2 8   ? 6.080   11.691  30.344  0.74 92.12  ? 8   DT  B "O3'" 1 
ATOM   1412 C "C2'" . DT  B 2 8   ? 7.154   11.766  28.163  0.74 86.05  ? 8   DT  B "C2'" 1 
ATOM   1413 C "C1'" . DT  B 2 8   ? 8.185   10.735  27.713  0.74 84.58  ? 8   DT  B "C1'" 1 
ATOM   1414 N N1    . DT  B 2 8   ? 7.905   10.147  26.376  0.74 81.73  ? 8   DT  B N1    1 
ATOM   1415 C C2    . DT  B 2 8   ? 8.886   10.243  25.420  0.74 80.83  ? 8   DT  B C2    1 
ATOM   1416 O O2    . DT  B 2 8   ? 9.960   10.773  25.623  0.74 79.83  ? 8   DT  B O2    1 
ATOM   1417 N N3    . DT  B 2 8   ? 8.572   9.687   24.212  0.74 80.09  ? 8   DT  B N3    1 
ATOM   1418 C C4    . DT  B 2 8   ? 7.387   9.063   23.871  0.74 79.14  ? 8   DT  B C4    1 
ATOM   1419 O O4    . DT  B 2 8   ? 7.199   8.597   22.752  0.74 79.40  ? 8   DT  B O4    1 
ATOM   1420 C C5    . DT  B 2 8   ? 6.395   9.001   24.915  0.74 77.54  ? 8   DT  B C5    1 
ATOM   1421 C C7    . DT  B 2 8   ? 5.072   8.344   24.653  0.74 77.96  ? 8   DT  B C7    1 
ATOM   1422 C C6    . DT  B 2 8   ? 6.699   9.531   26.107  0.74 79.77  ? 8   DT  B C6    1 
ATOM   1423 P P     . DT  B 2 9   ? 5.190   13.025  30.395  0.74 97.40  ? 9   DT  B P     1 
ATOM   1424 O OP1   . DT  B 2 9   ? 4.961   13.364  31.817  0.74 96.43  ? 9   DT  B OP1   1 
ATOM   1425 O OP2   . DT  B 2 9   ? 4.029   12.827  29.498  0.74 88.69  ? 9   DT  B OP2   1 
ATOM   1426 O "O5'" . DT  B 2 9   ? 6.147   14.129  29.737  0.74 93.85  ? 9   DT  B "O5'" 1 
ATOM   1427 C "C5'" . DT  B 2 9   ? 7.337   14.518  30.429  0.74 90.94  ? 9   DT  B "C5'" 1 
ATOM   1428 C "C4'" . DT  B 2 9   ? 8.223   15.364  29.535  0.74 90.02  ? 9   DT  B "C4'" 1 
ATOM   1429 O "O4'" . DT  B 2 9   ? 8.916   14.507  28.596  0.74 90.00  ? 9   DT  B "O4'" 1 
ATOM   1430 C "C3'" . DT  B 2 9   ? 7.474   16.376  28.683  0.74 92.15  ? 9   DT  B "C3'" 1 
ATOM   1431 O "O3'" . DT  B 2 9   ? 7.313   17.597  29.402  0.74 92.86  ? 9   DT  B "O3'" 1 
ATOM   1432 C "C2'" . DT  B 2 9   ? 8.405   16.545  27.486  0.74 90.02  ? 9   DT  B "C2'" 1 
ATOM   1433 C "C1'" . DT  B 2 9   ? 9.034   15.158  27.345  0.74 89.17  ? 9   DT  B "C1'" 1 
ATOM   1434 N N1    . DT  B 2 9   ? 8.388   14.293  26.313  0.74 87.35  ? 9   DT  B N1    1 
ATOM   1435 C C2    . DT  B 2 9   ? 9.180   13.601  25.424  0.74 83.79  ? 9   DT  B C2    1 
ATOM   1436 O O2    . DT  B 2 9   ? 10.396  13.657  25.427  0.74 81.15  ? 9   DT  B O2    1 
ATOM   1437 N N3    . DT  B 2 9   ? 8.488   12.832  24.522  0.74 82.05  ? 9   DT  B N3    1 
ATOM   1438 C C4    . DT  B 2 9   ? 7.117   12.693  24.419  0.74 80.62  ? 9   DT  B C4    1 
ATOM   1439 O O4    . DT  B 2 9   ? 6.591   11.980  23.572  0.74 80.18  ? 9   DT  B O4    1 
ATOM   1440 C C5    . DT  B 2 9   ? 6.350   13.443  25.381  0.74 83.91  ? 9   DT  B C5    1 
ATOM   1441 C C7    . DT  B 2 9   ? 4.852   13.368  25.369  0.74 84.27  ? 9   DT  B C7    1 
ATOM   1442 C C6    . DT  B 2 9   ? 7.012   14.197  26.269  0.74 86.36  ? 9   DT  B C6    1 
HETATM 1443 O O     . HOH C 3 .   ? 2.045   -7.411  -17.860 1.00 69.40  ? 1   HOH A O     1 
HETATM 1444 O O     . HOH C 3 .   ? -4.109  4.535   -2.842  1.00 57.15  ? 2   HOH A O     1 
HETATM 1445 O O     . HOH C 3 .   ? 3.564   3.264   9.357   1.00 55.93  ? 3   HOH A O     1 
HETATM 1446 O O     . HOH C 3 .   ? -0.607  -0.489  8.250   1.00 55.67  ? 6   HOH A O     1 
HETATM 1447 O O     . HOH C 3 .   ? 6.023   0.599   11.074  1.00 50.41  ? 7   HOH A O     1 
HETATM 1448 O O     . HOH C 3 .   ? 2.053   -9.630  8.084   1.00 63.50  ? 8   HOH A O     1 
HETATM 1449 O O     . HOH C 3 .   ? 19.399  -7.145  -5.772  1.00 70.02  ? 9   HOH A O     1 
HETATM 1450 O O     . HOH C 3 .   ? -13.292 -7.796  -18.580 1.00 83.21  ? 11  HOH A O     1 
HETATM 1451 O O     . HOH C 3 .   ? 13.909  8.565   -2.983  1.00 52.12  ? 12  HOH A O     1 
HETATM 1452 O O     . HOH C 3 .   ? 7.704   -0.144  -17.708 1.00 61.28  ? 13  HOH A O     1 
HETATM 1453 O O     . HOH C 3 .   ? 1.532   -15.977 -10.592 1.00 70.85  ? 14  HOH A O     1 
HETATM 1454 O O     . HOH C 3 .   ? 7.828   -6.013  7.326   1.00 60.13  ? 15  HOH A O     1 
HETATM 1455 O O     . HOH C 3 .   ? 7.921   -13.135 3.938   1.00 71.56  ? 16  HOH A O     1 
HETATM 1456 O O     . HOH C 3 .   ? 0.762   1.725   10.264  1.00 64.77  ? 17  HOH A O     1 
HETATM 1457 O O     . HOH C 3 .   ? 5.116   -11.287 7.052   1.00 67.26  ? 18  HOH A O     1 
HETATM 1458 O O     . HOH C 3 .   ? -15.464 -13.387 14.226  1.00 81.71  ? 19  HOH A O     1 
HETATM 1459 O O     . HOH C 3 .   ? -4.391  -11.774 8.609   1.00 54.89  ? 20  HOH A O     1 
HETATM 1460 O O     . HOH C 3 .   ? -1.206  -12.306 -1.929  1.00 58.74  ? 21  HOH A O     1 
HETATM 1461 O O     . HOH C 3 .   ? 12.834  -13.287 -0.574  1.00 75.72  ? 22  HOH A O     1 
HETATM 1462 O O     . HOH C 3 .   ? -3.001  6.499   7.886   1.00 67.62  ? 23  HOH A O     1 
HETATM 1463 O O     . HOH C 3 .   ? -10.171 -9.427  18.895  1.00 81.37  ? 24  HOH A O     1 
HETATM 1464 O O     . HOH C 3 .   ? 16.199  5.870   -6.523  1.00 57.98  ? 26  HOH A O     1 
HETATM 1465 O O     . HOH C 3 .   ? -23.470 -12.692 3.544   1.00 65.91  ? 27  HOH A O     1 
HETATM 1466 O O     . HOH C 3 .   ? -8.381  4.715   -2.705  1.00 65.51  ? 29  HOH A O     1 
HETATM 1467 O O     . HOH C 3 .   ? 18.272  -4.343  -6.578  1.00 73.34  ? 30  HOH A O     1 
HETATM 1468 O O     . HOH C 3 .   ? -2.831  12.154  3.972   1.00 58.36  ? 31  HOH A O     1 
HETATM 1469 O O     . HOH C 3 .   ? -10.429 -2.707  1.320   1.00 58.21  ? 225 HOH A O     1 
HETATM 1470 O O     . HOH D 3 .   ? -14.736 6.383   2.131   1.00 84.66  ? 33  HOH B O     1 
HETATM 1471 O O     . HOH D 3 .   ? -12.153 -5.060  4.125   1.00 67.49  ? 34  HOH B O     1 
HETATM 1472 O O     . HOH D 3 .   ? -14.952 5.406   5.801   1.00 81.42  ? 35  HOH B O     1 
# 
loop_
_pdbx_poly_seq_scheme.asym_id 
_pdbx_poly_seq_scheme.entity_id 
_pdbx_poly_seq_scheme.seq_id 
_pdbx_poly_seq_scheme.mon_id 
_pdbx_poly_seq_scheme.ndb_seq_num 
_pdbx_poly_seq_scheme.pdb_seq_num 
_pdbx_poly_seq_scheme.auth_seq_num 
_pdbx_poly_seq_scheme.pdb_mon_id 
_pdbx_poly_seq_scheme.auth_mon_id 
_pdbx_poly_seq_scheme.pdb_strand_id 
_pdbx_poly_seq_scheme.pdb_ins_code 
_pdbx_poly_seq_scheme.hetero 
A 1 1   MET 1   47  ?   ?   ?   A . n 
A 1 2   ALA 2   48  ?   ?   ?   A . n 
A 1 3   ASP 3   49  ?   ?   ?   A . n 
A 1 4   ALA 4   50  ?   ?   ?   A . n 
A 1 5   GLY 5   51  ?   ?   ?   A . n 
A 1 6   LYS 6   52  ?   ?   ?   A . n 
A 1 7   ARG 7   53  ?   ?   ?   A . n 
A 1 8   GLU 8   54  ?   ?   ?   A . n 
A 1 9   GLY 9   55  55  GLY GLY A . n 
A 1 10  ARG 10  56  56  ARG ARG A . n 
A 1 11  VAL 11  57  57  VAL VAL A . n 
A 1 12  PHE 12  58  58  PHE PHE A . n 
A 1 13  ALA 13  59  59  ALA ALA A . n 
A 1 14  PRO 14  60  60  PRO PRO A . n 
A 1 15  TYR 15  61  61  TYR TYR A . n 
A 1 16  SER 16  62  62  SER SER A . n 
A 1 17  VAL 17  63  63  VAL VAL A . n 
A 1 18  PHE 18  64  64  PHE PHE A . n 
A 1 19  LYS 19  65  65  LYS LYS A . n 
A 1 20  GLY 20  66  66  GLY GLY A . n 
A 1 21  ALA 21  67  67  ALA ALA A . n 
A 1 22  ALA 22  68  68  ALA ALA A . n 
A 1 23  ALA 23  69  69  ALA ALA A . n 
A 1 24  LEU 24  70  70  LEU LEU A . n 
A 1 25  SER 25  71  71  SER SER A . n 
A 1 26  ALA 26  72  72  ALA ALA A . n 
A 1 27  GLU 27  73  73  GLU GLU A . n 
A 1 28  PRO 28  74  74  PRO PRO A . n 
A 1 29  ARG 29  75  75  ARG ARG A . n 
A 1 30  LEU 30  76  76  LEU LEU A . n 
A 1 31  PRO 31  77  77  PRO PRO A . n 
A 1 32  THR 32  78  78  THR THR A . n 
A 1 33  PHE 33  79  79  PHE PHE A . n 
A 1 34  ASN 34  80  80  ASN ASN A . n 
A 1 35  ARG 35  81  81  ARG ARG A . n 
A 1 36  LEU 36  82  82  LEU LEU A . n 
A 1 37  ASP 37  83  83  ASP ASP A . n 
A 1 38  SER 38  84  84  SER SER A . n 
A 1 39  GLY 39  85  85  GLY GLY A . n 
A 1 40  GLY 40  86  86  GLY GLY A . n 
A 1 41  VAL 41  87  87  VAL VAL A . n 
A 1 42  LYS 42  88  88  LYS LYS A . n 
A 1 43  LEU 43  89  89  LEU LEU A . n 
A 1 44  ASN 44  90  90  ASN ASN A . n 
A 1 45  ARG 45  91  91  ARG ARG A . n 
A 1 46  ARG 46  92  92  ARG ARG A . n 
A 1 47  GLY 47  93  93  GLY GLY A . n 
A 1 48  VAL 48  94  94  VAL VAL A . n 
A 1 49  ILE 49  95  95  ILE ILE A . n 
A 1 50  MET 50  96  96  MET MET A . n 
A 1 51  LEU 51  97  97  LEU LEU A . n 
A 1 52  THR 52  98  98  THR THR A . n 
A 1 53  PHE 53  99  99  PHE PHE A . n 
A 1 54  TRP 54  100 100 TRP TRP A . n 
A 1 55  PRO 55  101 101 PRO PRO A . n 
A 1 56  SER 56  102 102 SER SER A . n 
A 1 57  VAL 57  103 103 VAL VAL A . n 
A 1 58  GLY 58  104 104 GLY GLY A . n 
A 1 59  GLU 59  105 105 GLU GLU A . n 
A 1 60  ARG 60  106 106 ARG ARG A . n 
A 1 61  LYS 61  107 107 LYS LYS A . n 
A 1 62  TYR 62  108 108 TYR TYR A . n 
A 1 63  ASP 63  109 109 ASP ASP A . n 
A 1 64  TRP 64  110 110 TRP TRP A . n 
A 1 65  GLU 65  111 111 GLU GLU A . n 
A 1 66  LYS 66  112 112 LYS LYS A . n 
A 1 67  ARG 67  113 113 ARG ARG A . n 
A 1 68  GLN 68  114 114 GLN GLN A . n 
A 1 69  LEU 69  115 115 LEU LEU A . n 
A 1 70  PHE 70  116 116 PHE PHE A . n 
A 1 71  ALA 71  117 117 ALA ALA A . n 
A 1 72  LEU 72  118 118 LEU LEU A . n 
A 1 73  SER 73  119 119 SER SER A . n 
A 1 74  ALA 74  120 120 ALA ALA A . n 
A 1 75  THR 75  121 121 THR THR A . n 
A 1 76  GLU 76  122 122 GLU GLU A . n 
A 1 77  VAL 77  123 123 VAL VAL A . n 
A 1 78  GLY 78  124 124 GLY GLY A . n 
A 1 79  SER 79  125 125 SER SER A . n 
A 1 80  LEU 80  126 126 LEU LEU A . n 
A 1 81  ILE 81  127 127 ILE ILE A . n 
A 1 82  SER 82  128 128 SER SER A . n 
A 1 83  MET 83  129 129 MET MET A . n 
A 1 84  GLY 84  130 130 GLY GLY A . n 
A 1 85  THR 85  131 131 THR THR A . n 
A 1 86  ARG 86  132 132 ARG ARG A . n 
A 1 87  ASP 87  133 133 ASP ASP A . n 
A 1 88  SER 88  134 134 SER SER A . n 
A 1 89  SER 89  135 135 SER SER A . n 
A 1 90  GLU 90  136 136 GLU GLU A . n 
A 1 91  PHE 91  137 137 PHE PHE A . n 
A 1 92  PHE 92  138 138 PHE PHE A . n 
A 1 93  HIS 93  139 139 HIS HIS A . n 
A 1 94  ASP 94  140 140 ASP ASP A . n 
A 1 95  PRO 95  141 141 PRO PRO A . n 
A 1 96  SER 96  142 142 SER SER A . n 
A 1 97  MET 97  143 143 MET MET A . n 
A 1 98  LEU 98  144 144 LEU LEU A . n 
A 1 99  SER 99  145 145 SER SER A . n 
A 1 100 SER 100 146 146 SER SER A . n 
A 1 101 ASN 101 147 147 ASN ASN A . n 
A 1 102 ALA 102 148 148 ALA ALA A . n 
A 1 103 GLY 103 149 149 GLY GLY A . n 
A 1 104 GLN 104 150 150 GLN GLN A . n 
A 1 105 VAL 105 151 151 VAL VAL A . n 
A 1 106 ARG 106 152 152 ARG ARG A . n 
A 1 107 LYS 107 153 153 LYS LYS A . n 
A 1 108 SER 108 154 154 SER SER A . n 
A 1 109 LEU 109 155 155 LEU LEU A . n 
A 1 110 SER 110 156 156 SER SER A . n 
A 1 111 ILE 111 157 157 ILE ILE A . n 
A 1 112 LYS 112 158 158 LYS LYS A . n 
A 1 113 PRO 113 159 159 PRO PRO A . n 
A 1 114 ASN 114 160 160 ASN ASN A . n 
A 1 115 ALA 115 161 161 ALA ALA A . n 
A 1 116 ASP 116 162 162 ASP ASP A . n 
A 1 117 GLY 117 163 163 GLY GLY A . n 
A 1 118 SER 118 164 164 SER SER A . n 
A 1 119 GLY 119 165 165 GLY GLY A . n 
A 1 120 TYR 120 166 166 TYR TYR A . n 
A 1 121 PHE 121 167 167 PHE PHE A . n 
A 1 122 ILE 122 168 168 ILE ILE A . n 
A 1 123 SER 123 169 169 SER SER A . n 
A 1 124 LEU 124 170 170 LEU LEU A . n 
A 1 125 SER 125 171 171 SER SER A . n 
A 1 126 VAL 126 172 172 VAL VAL A . n 
A 1 127 VAL 127 173 173 VAL VAL A . n 
A 1 128 ASN 128 174 174 ASN ASN A . n 
A 1 129 ASN 129 175 175 ASN ASN A . n 
A 1 130 ASN 130 176 176 ASN ASN A . n 
A 1 131 LEU 131 177 177 LEU LEU A . n 
A 1 132 LYS 132 178 178 LYS LYS A . n 
A 1 133 THR 133 179 179 THR THR A . n 
A 1 134 ASN 134 180 180 ASN ASN A . n 
A 1 135 ASP 135 181 181 ASP ASP A . n 
A 1 136 ARG 136 182 182 ARG ARG A . n 
A 1 137 PHE 137 183 183 PHE PHE A . n 
A 1 138 THR 138 184 184 THR THR A . n 
A 1 139 VAL 139 185 185 VAL VAL A . n 
A 1 140 PRO 140 186 186 PRO PRO A . n 
A 1 141 VAL 141 187 187 VAL VAL A . n 
A 1 142 THR 142 188 188 THR THR A . n 
A 1 143 THR 143 189 189 THR THR A . n 
A 1 144 ALA 144 190 190 ALA ALA A . n 
A 1 145 GLU 145 191 191 GLU GLU A . n 
A 1 146 PHE 146 192 192 PHE PHE A . n 
A 1 147 ALA 147 193 193 ALA ALA A . n 
A 1 148 VAL 148 194 194 VAL VAL A . n 
A 1 149 MET 149 195 195 MET MET A . n 
A 1 150 ARG 150 196 196 ARG ARG A . n 
A 1 151 THR 151 197 197 THR THR A . n 
A 1 152 ALA 152 198 198 ALA ALA A . n 
A 1 153 PHE 153 199 199 PHE PHE A . n 
A 1 154 SER 154 200 200 SER SER A . n 
A 1 155 PHE 155 201 201 PHE PHE A . n 
A 1 156 ALA 156 202 202 ALA ALA A . n 
A 1 157 LEU 157 203 203 LEU LEU A . n 
A 1 158 PRO 158 204 204 PRO PRO A . n 
A 1 159 HIS 159 205 205 HIS HIS A . n 
A 1 160 ILE 160 206 206 ILE ILE A . n 
A 1 161 MET 161 207 207 MET MET A . n 
A 1 162 GLY 162 208 208 GLY GLY A . n 
A 1 163 TRP 163 209 209 TRP TRP A . n 
A 1 164 ASP 164 210 210 ASP ASP A . n 
A 1 165 ARG 165 211 211 ARG ARG A . n 
A 1 166 PHE 166 212 212 PHE PHE A . n 
A 1 167 THR 167 213 213 THR THR A . n 
A 1 168 ASN 168 214 214 ASN ASN A . n 
A 1 169 ARG 169 215 215 ARG ARG A . n 
A 1 170 PRO 170 216 ?   ?   ?   A . n 
A 1 171 LEU 171 217 ?   ?   ?   A . n 
A 1 172 GLU 172 218 ?   ?   ?   A . n 
A 1 173 HIS 173 219 ?   ?   ?   A . n 
A 1 174 HIS 174 220 ?   ?   ?   A . n 
A 1 175 HIS 175 221 ?   ?   ?   A . n 
A 1 176 HIS 176 222 ?   ?   ?   A . n 
A 1 177 HIS 177 223 ?   ?   ?   A . n 
A 1 178 HIS 178 224 ?   ?   ?   A . n 
B 2 1   DT  1   1   1   DT  DT  B . n 
B 2 2   DT  2   2   2   DT  DT  B . n 
B 2 3   DT  3   3   3   DT  DT  B . n 
B 2 4   DT  4   4   4   DT  DT  B . n 
B 2 5   DT  5   5   5   DT  DT  B . n 
B 2 6   DT  6   6   6   DT  DT  B . n 
B 2 7   DT  7   7   7   DT  DT  B . n 
B 2 8   DT  8   8   8   DT  DT  B . n 
B 2 9   DT  9   9   9   DT  DT  B . n 
B 2 10  DT  10  10  ?   ?   ?   B . n 
B 2 11  DT  11  11  ?   ?   ?   B . n 
B 2 12  DT  12  12  ?   ?   ?   B . n 
B 2 13  DT  13  13  ?   ?   ?   B . n 
B 2 14  DT  14  14  ?   ?   ?   B . n 
B 2 15  DT  15  15  ?   ?   ?   B . n 
B 2 16  DT  16  16  ?   ?   ?   B . n 
B 2 17  DT  17  17  ?   ?   ?   B . n 
B 2 18  DT  18  18  ?   ?   ?   B . n 
B 2 19  DT  19  19  ?   ?   ?   B . n 
B 2 20  DT  20  20  ?   ?   ?   B . n 
B 2 21  DT  21  21  ?   ?   ?   B . n 
B 2 22  DT  22  22  ?   ?   ?   B . n 
B 2 23  DT  23  23  ?   ?   ?   B . n 
B 2 24  DT  24  24  ?   ?   ?   B . n 
B 2 25  DT  25  25  ?   ?   ?   B . n 
B 2 26  DT  26  26  ?   ?   ?   B . n 
B 2 27  DT  27  27  ?   ?   ?   B . n 
B 2 28  DT  28  28  ?   ?   ?   B . n 
B 2 29  DT  29  29  ?   ?   ?   B . n 
B 2 30  DT  30  30  ?   ?   ?   B . n 
B 2 31  DT  31  31  ?   ?   ?   B . n 
B 2 32  DT  32  32  ?   ?   ?   B . n 
# 
loop_
_pdbx_nonpoly_scheme.asym_id 
_pdbx_nonpoly_scheme.entity_id 
_pdbx_nonpoly_scheme.mon_id 
_pdbx_nonpoly_scheme.ndb_seq_num 
_pdbx_nonpoly_scheme.pdb_seq_num 
_pdbx_nonpoly_scheme.auth_seq_num 
_pdbx_nonpoly_scheme.pdb_mon_id 
_pdbx_nonpoly_scheme.auth_mon_id 
_pdbx_nonpoly_scheme.pdb_strand_id 
_pdbx_nonpoly_scheme.pdb_ins_code 
C 3 HOH 1  1   1  HOH HOH A . 
C 3 HOH 2  2   2  HOH HOH A . 
C 3 HOH 3  3   3  HOH HOH A . 
C 3 HOH 4  6   6  HOH HOH A . 
C 3 HOH 5  7   7  HOH HOH A . 
C 3 HOH 6  8   8  HOH HOH A . 
C 3 HOH 7  9   9  HOH HOH A . 
C 3 HOH 8  11  11 HOH HOH A . 
C 3 HOH 9  12  12 HOH HOH A . 
C 3 HOH 10 13  13 HOH HOH A . 
C 3 HOH 11 14  14 HOH HOH A . 
C 3 HOH 12 15  15 HOH HOH A . 
C 3 HOH 13 16  16 HOH HOH A . 
C 3 HOH 14 17  17 HOH HOH A . 
C 3 HOH 15 18  18 HOH HOH A . 
C 3 HOH 16 19  19 HOH HOH A . 
C 3 HOH 17 20  20 HOH HOH A . 
C 3 HOH 18 21  21 HOH HOH A . 
C 3 HOH 19 22  22 HOH HOH A . 
C 3 HOH 20 23  23 HOH HOH A . 
C 3 HOH 21 24  24 HOH HOH A . 
C 3 HOH 22 26  26 HOH HOH A . 
C 3 HOH 23 27  27 HOH HOH A . 
C 3 HOH 24 29  29 HOH HOH A . 
C 3 HOH 25 30  30 HOH HOH A . 
C 3 HOH 26 31  31 HOH HOH A . 
C 3 HOH 27 225 4  HOH HOH A . 
D 3 HOH 1  33  25 HOH HOH B . 
D 3 HOH 2  34  5  HOH HOH B . 
D 3 HOH 3  35  28 HOH HOH B . 
# 
loop_
_pdbx_struct_assembly.id 
_pdbx_struct_assembly.details 
_pdbx_struct_assembly.method_details 
_pdbx_struct_assembly.oligomeric_details 
_pdbx_struct_assembly.oligomeric_count 
1 author_and_software_defined_assembly PISA octameric 8  
2 author_and_software_defined_assembly PISA 48-meric  48 
# 
loop_
_pdbx_struct_assembly_gen.assembly_id 
_pdbx_struct_assembly_gen.oper_expression 
_pdbx_struct_assembly_gen.asym_id_list 
1 1,2,3,4                                                        A,B,C,D 
2 1,5,2,6,7,8,9,10,11,12,13,14,15,16,17,18,19,20,21,22,3,23,4,24 A,B,C,D 
# 
loop_
_pdbx_struct_assembly_prop.biol_id 
_pdbx_struct_assembly_prop.type 
_pdbx_struct_assembly_prop.value 
_pdbx_struct_assembly_prop.details 
1 'ABSA (A^2)' 16820  ? 
1 MORE         -159   ? 
1 'SSA (A^2)'  33800  ? 
2 'ABSA (A^2)' 128320 ? 
2 MORE         -982   ? 
2 'SSA (A^2)'  175390 ? 
# 
loop_
_pdbx_struct_oper_list.id 
_pdbx_struct_oper_list.type 
_pdbx_struct_oper_list.name 
_pdbx_struct_oper_list.symmetry_operation 
_pdbx_struct_oper_list.matrix[1][1] 
_pdbx_struct_oper_list.matrix[1][2] 
_pdbx_struct_oper_list.matrix[1][3] 
_pdbx_struct_oper_list.vector[1] 
_pdbx_struct_oper_list.matrix[2][1] 
_pdbx_struct_oper_list.matrix[2][2] 
_pdbx_struct_oper_list.matrix[2][3] 
_pdbx_struct_oper_list.vector[2] 
_pdbx_struct_oper_list.matrix[3][1] 
_pdbx_struct_oper_list.matrix[3][2] 
_pdbx_struct_oper_list.matrix[3][3] 
_pdbx_struct_oper_list.vector[3] 
1  'identity operation'         1_555  x,y,z          1.0000000000  0.0000000000  0.0000000000  0.0000000000  0.0000000000  1.0000000000  0.0000000000  0.0000000000   0.0000000000  0.0000000000  1.0000000000  0.0000000000   
2  'crystal symmetry operation' 3_654  -x+1,y,-z-1    -0.5558356283 -0.8001898390 -0.2252620160 35.5757253600 -0.8001898390 0.4415919404  0.4058235820  20.5005790992  -0.2252620160 0.4058235820  -0.8857563121 -2.6763739311  
3  'crystal symmetry operation' 21_655 z+1,y,-x       0.2220821858  -0.6390966851 0.7363660298  21.3738167498 -0.1610931539 0.7207959702  0.6741677574  6.6295875549   -0.9616280458 -0.2683441754 0.0571218439  18.5941658660  
4  'crystal symmetry operation' 23_554 -z,y,x-1       0.2220821858  -0.1610931539 -0.9616280458 14.2019086101 -0.6390966851 0.7207959702  -0.2683441754 13.8709915443  0.7363660298  0.6741677574  0.0571218439  -21.2705397971 
5  'crystal symmetry operation' 2_665  -x+1,-y+1,z    -0.5585509951 0.4425331620  -0.7015591112 58.8288407143 0.4425331620  -0.5563800184 -0.7032820740 -58.7614780064 -0.7015591112 -0.7032820740 0.1149310134  -0.0484199675  
6  'crystal symmetry operation' 4_564  x,-y+1,-z-1    0.1143866234  0.3576566770  0.9268211272  49.9078045224 0.3576566770  -0.8852119220 0.2974584920  -52.5419065401 0.9268211272  0.2974584920  -0.2291747013 -39.7321823868 
7  'crystal symmetry operation' 5_654  z+1,x,y-1      -0.4810624220 -0.8633242890 0.1524798947  35.4542992347 0.7431297196  -0.3092848188 0.5933810924  -50.2340947999 -0.4651205931 0.3987656868  0.7903472407  23.6076190616  
8  'crystal symmetry operation' 6_665  z+1,-x+1,-y    -0.2203253923 0.1602139325  0.9621788905  57.8767827859 -0.9682365449 0.0836251524  -0.2356370664 11.6286666858  -0.1182146974 -0.9835335936 0.1367002399  -27.2252159424 
9  'crystal symmetry operation' 7_564  -z,-x+1,y-1    0.9238670289  0.0655841510  -0.3770522936 0.2334135410  -0.2992376264 -0.4904144935 -0.8185050198 -31.7253435683 -0.2385928664 0.8690180342  -0.4334525354 13.1202793366  
10 'crystal symmetry operation' 8_555  -z,x,-y        -0.2224792146 0.6375262054  -0.7376064916 50.7478750351 0.5243444517  0.7160741599  0.4607609939  -20.4720337649 0.8219281569  -0.2842501274 -0.4935949453 -51.9596587412 
11 'crystal symmetry operation' 9_564  y,z+1,x-1      -0.4810624220 0.7431297196  -0.4651205931 65.3665696183 -0.8633242890 -0.3092848188 0.3987656868  5.6580063414   0.1524798947  0.5933810924  0.7903472407  5.7436776474   
12 'crystal symmetry operation' 10_665 -y+1,z+1,-x    0.9238670289  -0.2992376264 -0.2385928664 -6.5786545248 0.0655841510  -0.4904144935 0.8690180342  -26.9756358833 -0.3770522936 -0.8185050198 -0.4334525354 -20.1923255128 
13 'crystal symmetry operation' 11_555 y,-z,-x        -0.2224792146 0.5243444517  0.8219281569  64.7318512406 0.6375262054  0.7160741599  -0.2842501274 -32.4631454395 -0.7376064916 0.4607609939  -0.4935949453 21.2176517714  
14 'crystal symmetry operation' 12_654 -y+1,-z,x-1    -0.2203253923 -0.9682365449 -0.1182146974 20.7926042626 0.1602139325  0.0836251524  -0.9835335936 -37.0220304660 0.9621788905  -0.2356370664 0.1367002399  -49.2259801913 
15 'crystal symmetry operation' 13_554 y,x,-z-1       -0.9242661390 0.2995714629  0.2366200390  78.7358772072 0.2995714629  0.1849793503  0.9359698599  -19.3748948282 0.2366200390  0.9359698599  -0.2607132113 -0.6711451466  
16 'crystal symmetry operation' 14_664 -y+1,-x+1,-z-1 0.4828171341  -0.7421046249 0.4649390721  6.7476526752  -0.7421046249 -0.6285993319 -0.2326877858 -12.6664326127 0.4649390721  -0.2326877858 -0.8542178022 -41.7374111713 
17 'crystal symmetry operation' 15_565 y,-x+1,z       0.2207245025  0.9679027084  0.1201875248  51.3625436517 -0.5253695464 0.2218099908  -0.8214543004 -7.4302442698  -0.8217466360 0.1181722264  0.5574655067  27.6324745654  
18 'crystal symmetry operation' 16_655 -y+1,x,z       0.2207245025  -0.5253695464 -0.8217466360 7.4662970626  0.9679027084  0.2218099908  0.1181722264  -51.3312337366 0.1201875248  -0.8214543004 0.5574655067  -27.6808945329 
19 'crystal symmetry operation' 17_565 x,z+1,-y       0.5571933117  0.7996444541  0.2238400333  36.5040034201 -0.4419877770 0.0573940390  0.8951830702  4.0499511431   0.7029810939  -0.5977245782 0.3854126493  -45.4543643252 
20 'crystal symmetry operation' 18_664 -x+1,z+1,y-1   -0.1143887048 -0.3557523609 -0.9275534928 22.2839116734 -0.3557523609 -0.8570933513 0.3726006507  -25.3675806850 -0.9275534928 0.3726006507  -0.0285179439 31.0057164597  
21 'crystal symmetry operation' 19_655 -x+1,-z,-y     -0.9999979186 -0.0019043161 0.0007323656  72.1206544009 -0.0019043161 0.7423052733  -0.6700591428 -12.8933182223 0.0007323656  -0.6700591428 -0.7423073547 -33.7305103584 
22 'crystal symmetry operation' 20_554 x,-z,y-1       0.5571933117  -0.4419877770 0.7029810939  13.4038011023 0.7996444541  0.0573940390  -0.5977245782 -56.5918576832 0.2238400333  0.8951830702  0.3854126493  5.7221819384   
23 'crystal symmetry operation' 22_664 z+1,-y+1,x-1   -0.9234700001 -0.0640136714 0.3782927554  71.9572652707 -0.0640136714 -0.9464556366 -0.3164237314 -45.2350156689 0.3782927554  -0.3164237314 0.8699256367  -22.2117627468 
24 'crystal symmetry operation' 24_565 -z,-y+1,-x     0.4793056284  0.8642035104  -0.1530307394 36.7793799660 0.8642035104  -0.4951363038 -0.0893998506 -66.0683688776 -0.1530307394 -0.0893998506 -0.9841693246 -17.5688396075    
# 
loop_
_pdbx_audit_revision_history.ordinal 
_pdbx_audit_revision_history.data_content_type 
_pdbx_audit_revision_history.major_revision 
_pdbx_audit_revision_history.minor_revision 
_pdbx_audit_revision_history.revision_date 
1 'Structure model' 1 0 2011-09-28 
2 'Structure model' 1 1 2012-01-11 
3 'Structure model' 1 2 2023-09-13 
# 
_pdbx_audit_revision_details.ordinal             1 
_pdbx_audit_revision_details.revision_ordinal    1 
_pdbx_audit_revision_details.data_content_type   'Structure model' 
_pdbx_audit_revision_details.provider            repository 
_pdbx_audit_revision_details.type                'Initial release' 
_pdbx_audit_revision_details.description         ? 
_pdbx_audit_revision_details.details             ? 
# 
loop_
_pdbx_audit_revision_group.ordinal 
_pdbx_audit_revision_group.revision_ordinal 
_pdbx_audit_revision_group.data_content_type 
_pdbx_audit_revision_group.group 
1 2 'Structure model' 'Database references'    
2 3 'Structure model' 'Data collection'        
3 3 'Structure model' 'Database references'    
4 3 'Structure model' 'Refinement description' 
# 
loop_
_pdbx_audit_revision_category.ordinal 
_pdbx_audit_revision_category.revision_ordinal 
_pdbx_audit_revision_category.data_content_type 
_pdbx_audit_revision_category.category 
1 3 'Structure model' chem_comp_atom                
2 3 'Structure model' chem_comp_bond                
3 3 'Structure model' database_2                    
4 3 'Structure model' pdbx_initial_refinement_model 
5 3 'Structure model' struct_ref_seq_dif            
# 
loop_
_pdbx_audit_revision_item.ordinal 
_pdbx_audit_revision_item.revision_ordinal 
_pdbx_audit_revision_item.data_content_type 
_pdbx_audit_revision_item.item 
1 3 'Structure model' '_database_2.pdbx_DOI'                
2 3 'Structure model' '_database_2.pdbx_database_accession' 
3 3 'Structure model' '_struct_ref_seq_dif.details'         
# 
loop_
_software.pdbx_ordinal 
_software.name 
_software.version 
_software.date 
_software.type 
_software.contact_author 
_software.contact_author_email 
_software.classification 
_software.location 
_software.language 
_software.citation_id 
1 PHENIX      .    ?               package 'Paul D. Adams' PDAdams@lbl.gov          refinement        
http://www.phenix-online.org/             C++ ? 
2 PDB_EXTRACT 3.10 'June 10, 2010' package PDB             deposit@deposit.rcsb.org 'data extraction' 
http://sw-tools.pdb.org/apps/PDB_EXTRACT/ C++ ? 
3 HKL-2000    .    ?               ?       ?               ?                        'data collection' ? ?   ? 
4 HKL-2000    .    ?               ?       ?               ?                        'data reduction'  ? ?   ? 
5 HKL-2000    .    ?               ?       ?               ?                        'data scaling'    ? ?   ? 
6 PHENIX      .    ?               ?       ?               ?                        phasing           ? ?   ? 
# 
_pdbx_entry_details.entry_id                 3RA0 
_pdbx_entry_details.nonpolymer_details       ? 
_pdbx_entry_details.sequence_details         
;THE SEQUENCE OF THE CRYSTALLIZED DNA IS A 32-MER OLIGONUCLEOTIDE WITH SEQUENCE TTTTTTTTTTTTTTTTTTTTTTTTTTTTTTTT. ONLY 9 RESIDUES WERE MODELED IN THE COORDINATES OF THE ASYMMETRIC UNIT. ACCORDING TO THE AUTHORS, THE 32-MER DNA BINDS A TETRAMER THAT INCLUDE FOUR MONOMERS OF FOUR ASYMMETRIC UNITS; THE STWHY2-DNA BINDING IS NOT SEQUENCE SPECIFIC THUS EACH TETRAMERIC PROTEIN BINDS A 32-MER DNA IN DIFFERENT SEQUENCE REGISTERS; AS A RESULT ONLY THREE OF THE FOUR DNA-BINDING SITES OF EACH TETRAMER WOULD BE PHYSICALLY OCCUPIED BY THE DNA.
;
_pdbx_entry_details.compound_details         ? 
_pdbx_entry_details.source_details           ? 
_pdbx_entry_details.has_ligand_of_interest   ? 
# 
loop_
_pdbx_validate_torsion.id 
_pdbx_validate_torsion.PDB_model_num 
_pdbx_validate_torsion.auth_comp_id 
_pdbx_validate_torsion.auth_asym_id 
_pdbx_validate_torsion.auth_seq_id 
_pdbx_validate_torsion.PDB_ins_code 
_pdbx_validate_torsion.label_alt_id 
_pdbx_validate_torsion.phi 
_pdbx_validate_torsion.psi 
1 1 ASN A 90  ? ? -105.52 -82.34 
2 1 GLU A 105 ? ? -47.53  106.77 
3 1 LYS A 107 ? ? -160.92 113.83 
4 1 LYS A 112 ? ? -96.58  41.80  
5 1 SER A 142 ? ? -109.42 48.53  
6 1 ASN A 147 ? ? -115.19 62.38  
7 1 SER A 164 ? ? -79.24  43.26  
# 
loop_
_pdbx_unobs_or_zero_occ_residues.id 
_pdbx_unobs_or_zero_occ_residues.PDB_model_num 
_pdbx_unobs_or_zero_occ_residues.polymer_flag 
_pdbx_unobs_or_zero_occ_residues.occupancy_flag 
_pdbx_unobs_or_zero_occ_residues.auth_asym_id 
_pdbx_unobs_or_zero_occ_residues.auth_comp_id 
_pdbx_unobs_or_zero_occ_residues.auth_seq_id 
_pdbx_unobs_or_zero_occ_residues.PDB_ins_code 
_pdbx_unobs_or_zero_occ_residues.label_asym_id 
_pdbx_unobs_or_zero_occ_residues.label_comp_id 
_pdbx_unobs_or_zero_occ_residues.label_seq_id 
1  1 Y 1 A MET 47  ? A MET 1   
2  1 Y 1 A ALA 48  ? A ALA 2   
3  1 Y 1 A ASP 49  ? A ASP 3   
4  1 Y 1 A ALA 50  ? A ALA 4   
5  1 Y 1 A GLY 51  ? A GLY 5   
6  1 Y 1 A LYS 52  ? A LYS 6   
7  1 Y 1 A ARG 53  ? A ARG 7   
8  1 Y 1 A GLU 54  ? A GLU 8   
9  1 Y 1 A PRO 216 ? A PRO 170 
10 1 Y 1 A LEU 217 ? A LEU 171 
11 1 Y 1 A GLU 218 ? A GLU 172 
12 1 Y 1 A HIS 219 ? A HIS 173 
13 1 Y 1 A HIS 220 ? A HIS 174 
14 1 Y 1 A HIS 221 ? A HIS 175 
15 1 Y 1 A HIS 222 ? A HIS 176 
16 1 Y 1 A HIS 223 ? A HIS 177 
17 1 Y 1 A HIS 224 ? A HIS 178 
18 1 Y 1 B DT  10  ? B DT  10  
19 1 Y 1 B DT  11  ? B DT  11  
20 1 Y 1 B DT  12  ? B DT  12  
21 1 Y 1 B DT  13  ? B DT  13  
22 1 Y 1 B DT  14  ? B DT  14  
23 1 Y 1 B DT  15  ? B DT  15  
24 1 Y 1 B DT  16  ? B DT  16  
25 1 Y 1 B DT  17  ? B DT  17  
26 1 Y 1 B DT  18  ? B DT  18  
27 1 Y 1 B DT  19  ? B DT  19  
28 1 Y 1 B DT  20  ? B DT  20  
29 1 Y 1 B DT  21  ? B DT  21  
30 1 Y 1 B DT  22  ? B DT  22  
31 1 Y 1 B DT  23  ? B DT  23  
32 1 Y 1 B DT  24  ? B DT  24  
33 1 Y 1 B DT  25  ? B DT  25  
34 1 Y 1 B DT  26  ? B DT  26  
35 1 Y 1 B DT  27  ? B DT  27  
36 1 Y 1 B DT  28  ? B DT  28  
37 1 Y 1 B DT  29  ? B DT  29  
38 1 Y 1 B DT  30  ? B DT  30  
39 1 Y 1 B DT  31  ? B DT  31  
40 1 Y 1 B DT  32  ? B DT  32  
# 
loop_
_chem_comp_atom.comp_id 
_chem_comp_atom.atom_id 
_chem_comp_atom.type_symbol 
_chem_comp_atom.pdbx_aromatic_flag 
_chem_comp_atom.pdbx_stereo_config 
_chem_comp_atom.pdbx_ordinal 
ALA N      N N N 1   
ALA CA     C N S 2   
ALA C      C N N 3   
ALA O      O N N 4   
ALA CB     C N N 5   
ALA OXT    O N N 6   
ALA H      H N N 7   
ALA H2     H N N 8   
ALA HA     H N N 9   
ALA HB1    H N N 10  
ALA HB2    H N N 11  
ALA HB3    H N N 12  
ALA HXT    H N N 13  
ARG N      N N N 14  
ARG CA     C N S 15  
ARG C      C N N 16  
ARG O      O N N 17  
ARG CB     C N N 18  
ARG CG     C N N 19  
ARG CD     C N N 20  
ARG NE     N N N 21  
ARG CZ     C N N 22  
ARG NH1    N N N 23  
ARG NH2    N N N 24  
ARG OXT    O N N 25  
ARG H      H N N 26  
ARG H2     H N N 27  
ARG HA     H N N 28  
ARG HB2    H N N 29  
ARG HB3    H N N 30  
ARG HG2    H N N 31  
ARG HG3    H N N 32  
ARG HD2    H N N 33  
ARG HD3    H N N 34  
ARG HE     H N N 35  
ARG HH11   H N N 36  
ARG HH12   H N N 37  
ARG HH21   H N N 38  
ARG HH22   H N N 39  
ARG HXT    H N N 40  
ASN N      N N N 41  
ASN CA     C N S 42  
ASN C      C N N 43  
ASN O      O N N 44  
ASN CB     C N N 45  
ASN CG     C N N 46  
ASN OD1    O N N 47  
ASN ND2    N N N 48  
ASN OXT    O N N 49  
ASN H      H N N 50  
ASN H2     H N N 51  
ASN HA     H N N 52  
ASN HB2    H N N 53  
ASN HB3    H N N 54  
ASN HD21   H N N 55  
ASN HD22   H N N 56  
ASN HXT    H N N 57  
ASP N      N N N 58  
ASP CA     C N S 59  
ASP C      C N N 60  
ASP O      O N N 61  
ASP CB     C N N 62  
ASP CG     C N N 63  
ASP OD1    O N N 64  
ASP OD2    O N N 65  
ASP OXT    O N N 66  
ASP H      H N N 67  
ASP H2     H N N 68  
ASP HA     H N N 69  
ASP HB2    H N N 70  
ASP HB3    H N N 71  
ASP HD2    H N N 72  
ASP HXT    H N N 73  
DT  OP3    O N N 74  
DT  P      P N N 75  
DT  OP1    O N N 76  
DT  OP2    O N N 77  
DT  "O5'"  O N N 78  
DT  "C5'"  C N N 79  
DT  "C4'"  C N R 80  
DT  "O4'"  O N N 81  
DT  "C3'"  C N S 82  
DT  "O3'"  O N N 83  
DT  "C2'"  C N N 84  
DT  "C1'"  C N R 85  
DT  N1     N N N 86  
DT  C2     C N N 87  
DT  O2     O N N 88  
DT  N3     N N N 89  
DT  C4     C N N 90  
DT  O4     O N N 91  
DT  C5     C N N 92  
DT  C7     C N N 93  
DT  C6     C N N 94  
DT  HOP3   H N N 95  
DT  HOP2   H N N 96  
DT  "H5'"  H N N 97  
DT  "H5''" H N N 98  
DT  "H4'"  H N N 99  
DT  "H3'"  H N N 100 
DT  "HO3'" H N N 101 
DT  "H2'"  H N N 102 
DT  "H2''" H N N 103 
DT  "H1'"  H N N 104 
DT  H3     H N N 105 
DT  H71    H N N 106 
DT  H72    H N N 107 
DT  H73    H N N 108 
DT  H6     H N N 109 
GLN N      N N N 110 
GLN CA     C N S 111 
GLN C      C N N 112 
GLN O      O N N 113 
GLN CB     C N N 114 
GLN CG     C N N 115 
GLN CD     C N N 116 
GLN OE1    O N N 117 
GLN NE2    N N N 118 
GLN OXT    O N N 119 
GLN H      H N N 120 
GLN H2     H N N 121 
GLN HA     H N N 122 
GLN HB2    H N N 123 
GLN HB3    H N N 124 
GLN HG2    H N N 125 
GLN HG3    H N N 126 
GLN HE21   H N N 127 
GLN HE22   H N N 128 
GLN HXT    H N N 129 
GLU N      N N N 130 
GLU CA     C N S 131 
GLU C      C N N 132 
GLU O      O N N 133 
GLU CB     C N N 134 
GLU CG     C N N 135 
GLU CD     C N N 136 
GLU OE1    O N N 137 
GLU OE2    O N N 138 
GLU OXT    O N N 139 
GLU H      H N N 140 
GLU H2     H N N 141 
GLU HA     H N N 142 
GLU HB2    H N N 143 
GLU HB3    H N N 144 
GLU HG2    H N N 145 
GLU HG3    H N N 146 
GLU HE2    H N N 147 
GLU HXT    H N N 148 
GLY N      N N N 149 
GLY CA     C N N 150 
GLY C      C N N 151 
GLY O      O N N 152 
GLY OXT    O N N 153 
GLY H      H N N 154 
GLY H2     H N N 155 
GLY HA2    H N N 156 
GLY HA3    H N N 157 
GLY HXT    H N N 158 
HIS N      N N N 159 
HIS CA     C N S 160 
HIS C      C N N 161 
HIS O      O N N 162 
HIS CB     C N N 163 
HIS CG     C Y N 164 
HIS ND1    N Y N 165 
HIS CD2    C Y N 166 
HIS CE1    C Y N 167 
HIS NE2    N Y N 168 
HIS OXT    O N N 169 
HIS H      H N N 170 
HIS H2     H N N 171 
HIS HA     H N N 172 
HIS HB2    H N N 173 
HIS HB3    H N N 174 
HIS HD1    H N N 175 
HIS HD2    H N N 176 
HIS HE1    H N N 177 
HIS HE2    H N N 178 
HIS HXT    H N N 179 
HOH O      O N N 180 
HOH H1     H N N 181 
HOH H2     H N N 182 
ILE N      N N N 183 
ILE CA     C N S 184 
ILE C      C N N 185 
ILE O      O N N 186 
ILE CB     C N S 187 
ILE CG1    C N N 188 
ILE CG2    C N N 189 
ILE CD1    C N N 190 
ILE OXT    O N N 191 
ILE H      H N N 192 
ILE H2     H N N 193 
ILE HA     H N N 194 
ILE HB     H N N 195 
ILE HG12   H N N 196 
ILE HG13   H N N 197 
ILE HG21   H N N 198 
ILE HG22   H N N 199 
ILE HG23   H N N 200 
ILE HD11   H N N 201 
ILE HD12   H N N 202 
ILE HD13   H N N 203 
ILE HXT    H N N 204 
LEU N      N N N 205 
LEU CA     C N S 206 
LEU C      C N N 207 
LEU O      O N N 208 
LEU CB     C N N 209 
LEU CG     C N N 210 
LEU CD1    C N N 211 
LEU CD2    C N N 212 
LEU OXT    O N N 213 
LEU H      H N N 214 
LEU H2     H N N 215 
LEU HA     H N N 216 
LEU HB2    H N N 217 
LEU HB3    H N N 218 
LEU HG     H N N 219 
LEU HD11   H N N 220 
LEU HD12   H N N 221 
LEU HD13   H N N 222 
LEU HD21   H N N 223 
LEU HD22   H N N 224 
LEU HD23   H N N 225 
LEU HXT    H N N 226 
LYS N      N N N 227 
LYS CA     C N S 228 
LYS C      C N N 229 
LYS O      O N N 230 
LYS CB     C N N 231 
LYS CG     C N N 232 
LYS CD     C N N 233 
LYS CE     C N N 234 
LYS NZ     N N N 235 
LYS OXT    O N N 236 
LYS H      H N N 237 
LYS H2     H N N 238 
LYS HA     H N N 239 
LYS HB2    H N N 240 
LYS HB3    H N N 241 
LYS HG2    H N N 242 
LYS HG3    H N N 243 
LYS HD2    H N N 244 
LYS HD3    H N N 245 
LYS HE2    H N N 246 
LYS HE3    H N N 247 
LYS HZ1    H N N 248 
LYS HZ2    H N N 249 
LYS HZ3    H N N 250 
LYS HXT    H N N 251 
MET N      N N N 252 
MET CA     C N S 253 
MET C      C N N 254 
MET O      O N N 255 
MET CB     C N N 256 
MET CG     C N N 257 
MET SD     S N N 258 
MET CE     C N N 259 
MET OXT    O N N 260 
MET H      H N N 261 
MET H2     H N N 262 
MET HA     H N N 263 
MET HB2    H N N 264 
MET HB3    H N N 265 
MET HG2    H N N 266 
MET HG3    H N N 267 
MET HE1    H N N 268 
MET HE2    H N N 269 
MET HE3    H N N 270 
MET HXT    H N N 271 
PHE N      N N N 272 
PHE CA     C N S 273 
PHE C      C N N 274 
PHE O      O N N 275 
PHE CB     C N N 276 
PHE CG     C Y N 277 
PHE CD1    C Y N 278 
PHE CD2    C Y N 279 
PHE CE1    C Y N 280 
PHE CE2    C Y N 281 
PHE CZ     C Y N 282 
PHE OXT    O N N 283 
PHE H      H N N 284 
PHE H2     H N N 285 
PHE HA     H N N 286 
PHE HB2    H N N 287 
PHE HB3    H N N 288 
PHE HD1    H N N 289 
PHE HD2    H N N 290 
PHE HE1    H N N 291 
PHE HE2    H N N 292 
PHE HZ     H N N 293 
PHE HXT    H N N 294 
PRO N      N N N 295 
PRO CA     C N S 296 
PRO C      C N N 297 
PRO O      O N N 298 
PRO CB     C N N 299 
PRO CG     C N N 300 
PRO CD     C N N 301 
PRO OXT    O N N 302 
PRO H      H N N 303 
PRO HA     H N N 304 
PRO HB2    H N N 305 
PRO HB3    H N N 306 
PRO HG2    H N N 307 
PRO HG3    H N N 308 
PRO HD2    H N N 309 
PRO HD3    H N N 310 
PRO HXT    H N N 311 
SER N      N N N 312 
SER CA     C N S 313 
SER C      C N N 314 
SER O      O N N 315 
SER CB     C N N 316 
SER OG     O N N 317 
SER OXT    O N N 318 
SER H      H N N 319 
SER H2     H N N 320 
SER HA     H N N 321 
SER HB2    H N N 322 
SER HB3    H N N 323 
SER HG     H N N 324 
SER HXT    H N N 325 
THR N      N N N 326 
THR CA     C N S 327 
THR C      C N N 328 
THR O      O N N 329 
THR CB     C N R 330 
THR OG1    O N N 331 
THR CG2    C N N 332 
THR OXT    O N N 333 
THR H      H N N 334 
THR H2     H N N 335 
THR HA     H N N 336 
THR HB     H N N 337 
THR HG1    H N N 338 
THR HG21   H N N 339 
THR HG22   H N N 340 
THR HG23   H N N 341 
THR HXT    H N N 342 
TRP N      N N N 343 
TRP CA     C N S 344 
TRP C      C N N 345 
TRP O      O N N 346 
TRP CB     C N N 347 
TRP CG     C Y N 348 
TRP CD1    C Y N 349 
TRP CD2    C Y N 350 
TRP NE1    N Y N 351 
TRP CE2    C Y N 352 
TRP CE3    C Y N 353 
TRP CZ2    C Y N 354 
TRP CZ3    C Y N 355 
TRP CH2    C Y N 356 
TRP OXT    O N N 357 
TRP H      H N N 358 
TRP H2     H N N 359 
TRP HA     H N N 360 
TRP HB2    H N N 361 
TRP HB3    H N N 362 
TRP HD1    H N N 363 
TRP HE1    H N N 364 
TRP HE3    H N N 365 
TRP HZ2    H N N 366 
TRP HZ3    H N N 367 
TRP HH2    H N N 368 
TRP HXT    H N N 369 
TYR N      N N N 370 
TYR CA     C N S 371 
TYR C      C N N 372 
TYR O      O N N 373 
TYR CB     C N N 374 
TYR CG     C Y N 375 
TYR CD1    C Y N 376 
TYR CD2    C Y N 377 
TYR CE1    C Y N 378 
TYR CE2    C Y N 379 
TYR CZ     C Y N 380 
TYR OH     O N N 381 
TYR OXT    O N N 382 
TYR H      H N N 383 
TYR H2     H N N 384 
TYR HA     H N N 385 
TYR HB2    H N N 386 
TYR HB3    H N N 387 
TYR HD1    H N N 388 
TYR HD2    H N N 389 
TYR HE1    H N N 390 
TYR HE2    H N N 391 
TYR HH     H N N 392 
TYR HXT    H N N 393 
VAL N      N N N 394 
VAL CA     C N S 395 
VAL C      C N N 396 
VAL O      O N N 397 
VAL CB     C N N 398 
VAL CG1    C N N 399 
VAL CG2    C N N 400 
VAL OXT    O N N 401 
VAL H      H N N 402 
VAL H2     H N N 403 
VAL HA     H N N 404 
VAL HB     H N N 405 
VAL HG11   H N N 406 
VAL HG12   H N N 407 
VAL HG13   H N N 408 
VAL HG21   H N N 409 
VAL HG22   H N N 410 
VAL HG23   H N N 411 
VAL HXT    H N N 412 
# 
loop_
_chem_comp_bond.comp_id 
_chem_comp_bond.atom_id_1 
_chem_comp_bond.atom_id_2 
_chem_comp_bond.value_order 
_chem_comp_bond.pdbx_aromatic_flag 
_chem_comp_bond.pdbx_stereo_config 
_chem_comp_bond.pdbx_ordinal 
ALA N     CA     sing N N 1   
ALA N     H      sing N N 2   
ALA N     H2     sing N N 3   
ALA CA    C      sing N N 4   
ALA CA    CB     sing N N 5   
ALA CA    HA     sing N N 6   
ALA C     O      doub N N 7   
ALA C     OXT    sing N N 8   
ALA CB    HB1    sing N N 9   
ALA CB    HB2    sing N N 10  
ALA CB    HB3    sing N N 11  
ALA OXT   HXT    sing N N 12  
ARG N     CA     sing N N 13  
ARG N     H      sing N N 14  
ARG N     H2     sing N N 15  
ARG CA    C      sing N N 16  
ARG CA    CB     sing N N 17  
ARG CA    HA     sing N N 18  
ARG C     O      doub N N 19  
ARG C     OXT    sing N N 20  
ARG CB    CG     sing N N 21  
ARG CB    HB2    sing N N 22  
ARG CB    HB3    sing N N 23  
ARG CG    CD     sing N N 24  
ARG CG    HG2    sing N N 25  
ARG CG    HG3    sing N N 26  
ARG CD    NE     sing N N 27  
ARG CD    HD2    sing N N 28  
ARG CD    HD3    sing N N 29  
ARG NE    CZ     sing N N 30  
ARG NE    HE     sing N N 31  
ARG CZ    NH1    sing N N 32  
ARG CZ    NH2    doub N N 33  
ARG NH1   HH11   sing N N 34  
ARG NH1   HH12   sing N N 35  
ARG NH2   HH21   sing N N 36  
ARG NH2   HH22   sing N N 37  
ARG OXT   HXT    sing N N 38  
ASN N     CA     sing N N 39  
ASN N     H      sing N N 40  
ASN N     H2     sing N N 41  
ASN CA    C      sing N N 42  
ASN CA    CB     sing N N 43  
ASN CA    HA     sing N N 44  
ASN C     O      doub N N 45  
ASN C     OXT    sing N N 46  
ASN CB    CG     sing N N 47  
ASN CB    HB2    sing N N 48  
ASN CB    HB3    sing N N 49  
ASN CG    OD1    doub N N 50  
ASN CG    ND2    sing N N 51  
ASN ND2   HD21   sing N N 52  
ASN ND2   HD22   sing N N 53  
ASN OXT   HXT    sing N N 54  
ASP N     CA     sing N N 55  
ASP N     H      sing N N 56  
ASP N     H2     sing N N 57  
ASP CA    C      sing N N 58  
ASP CA    CB     sing N N 59  
ASP CA    HA     sing N N 60  
ASP C     O      doub N N 61  
ASP C     OXT    sing N N 62  
ASP CB    CG     sing N N 63  
ASP CB    HB2    sing N N 64  
ASP CB    HB3    sing N N 65  
ASP CG    OD1    doub N N 66  
ASP CG    OD2    sing N N 67  
ASP OD2   HD2    sing N N 68  
ASP OXT   HXT    sing N N 69  
DT  OP3   P      sing N N 70  
DT  OP3   HOP3   sing N N 71  
DT  P     OP1    doub N N 72  
DT  P     OP2    sing N N 73  
DT  P     "O5'"  sing N N 74  
DT  OP2   HOP2   sing N N 75  
DT  "O5'" "C5'"  sing N N 76  
DT  "C5'" "C4'"  sing N N 77  
DT  "C5'" "H5'"  sing N N 78  
DT  "C5'" "H5''" sing N N 79  
DT  "C4'" "O4'"  sing N N 80  
DT  "C4'" "C3'"  sing N N 81  
DT  "C4'" "H4'"  sing N N 82  
DT  "O4'" "C1'"  sing N N 83  
DT  "C3'" "O3'"  sing N N 84  
DT  "C3'" "C2'"  sing N N 85  
DT  "C3'" "H3'"  sing N N 86  
DT  "O3'" "HO3'" sing N N 87  
DT  "C2'" "C1'"  sing N N 88  
DT  "C2'" "H2'"  sing N N 89  
DT  "C2'" "H2''" sing N N 90  
DT  "C1'" N1     sing N N 91  
DT  "C1'" "H1'"  sing N N 92  
DT  N1    C2     sing N N 93  
DT  N1    C6     sing N N 94  
DT  C2    O2     doub N N 95  
DT  C2    N3     sing N N 96  
DT  N3    C4     sing N N 97  
DT  N3    H3     sing N N 98  
DT  C4    O4     doub N N 99  
DT  C4    C5     sing N N 100 
DT  C5    C7     sing N N 101 
DT  C5    C6     doub N N 102 
DT  C7    H71    sing N N 103 
DT  C7    H72    sing N N 104 
DT  C7    H73    sing N N 105 
DT  C6    H6     sing N N 106 
GLN N     CA     sing N N 107 
GLN N     H      sing N N 108 
GLN N     H2     sing N N 109 
GLN CA    C      sing N N 110 
GLN CA    CB     sing N N 111 
GLN CA    HA     sing N N 112 
GLN C     O      doub N N 113 
GLN C     OXT    sing N N 114 
GLN CB    CG     sing N N 115 
GLN CB    HB2    sing N N 116 
GLN CB    HB3    sing N N 117 
GLN CG    CD     sing N N 118 
GLN CG    HG2    sing N N 119 
GLN CG    HG3    sing N N 120 
GLN CD    OE1    doub N N 121 
GLN CD    NE2    sing N N 122 
GLN NE2   HE21   sing N N 123 
GLN NE2   HE22   sing N N 124 
GLN OXT   HXT    sing N N 125 
GLU N     CA     sing N N 126 
GLU N     H      sing N N 127 
GLU N     H2     sing N N 128 
GLU CA    C      sing N N 129 
GLU CA    CB     sing N N 130 
GLU CA    HA     sing N N 131 
GLU C     O      doub N N 132 
GLU C     OXT    sing N N 133 
GLU CB    CG     sing N N 134 
GLU CB    HB2    sing N N 135 
GLU CB    HB3    sing N N 136 
GLU CG    CD     sing N N 137 
GLU CG    HG2    sing N N 138 
GLU CG    HG3    sing N N 139 
GLU CD    OE1    doub N N 140 
GLU CD    OE2    sing N N 141 
GLU OE2   HE2    sing N N 142 
GLU OXT   HXT    sing N N 143 
GLY N     CA     sing N N 144 
GLY N     H      sing N N 145 
GLY N     H2     sing N N 146 
GLY CA    C      sing N N 147 
GLY CA    HA2    sing N N 148 
GLY CA    HA3    sing N N 149 
GLY C     O      doub N N 150 
GLY C     OXT    sing N N 151 
GLY OXT   HXT    sing N N 152 
HIS N     CA     sing N N 153 
HIS N     H      sing N N 154 
HIS N     H2     sing N N 155 
HIS CA    C      sing N N 156 
HIS CA    CB     sing N N 157 
HIS CA    HA     sing N N 158 
HIS C     O      doub N N 159 
HIS C     OXT    sing N N 160 
HIS CB    CG     sing N N 161 
HIS CB    HB2    sing N N 162 
HIS CB    HB3    sing N N 163 
HIS CG    ND1    sing Y N 164 
HIS CG    CD2    doub Y N 165 
HIS ND1   CE1    doub Y N 166 
HIS ND1   HD1    sing N N 167 
HIS CD2   NE2    sing Y N 168 
HIS CD2   HD2    sing N N 169 
HIS CE1   NE2    sing Y N 170 
HIS CE1   HE1    sing N N 171 
HIS NE2   HE2    sing N N 172 
HIS OXT   HXT    sing N N 173 
HOH O     H1     sing N N 174 
HOH O     H2     sing N N 175 
ILE N     CA     sing N N 176 
ILE N     H      sing N N 177 
ILE N     H2     sing N N 178 
ILE CA    C      sing N N 179 
ILE CA    CB     sing N N 180 
ILE CA    HA     sing N N 181 
ILE C     O      doub N N 182 
ILE C     OXT    sing N N 183 
ILE CB    CG1    sing N N 184 
ILE CB    CG2    sing N N 185 
ILE CB    HB     sing N N 186 
ILE CG1   CD1    sing N N 187 
ILE CG1   HG12   sing N N 188 
ILE CG1   HG13   sing N N 189 
ILE CG2   HG21   sing N N 190 
ILE CG2   HG22   sing N N 191 
ILE CG2   HG23   sing N N 192 
ILE CD1   HD11   sing N N 193 
ILE CD1   HD12   sing N N 194 
ILE CD1   HD13   sing N N 195 
ILE OXT   HXT    sing N N 196 
LEU N     CA     sing N N 197 
LEU N     H      sing N N 198 
LEU N     H2     sing N N 199 
LEU CA    C      sing N N 200 
LEU CA    CB     sing N N 201 
LEU CA    HA     sing N N 202 
LEU C     O      doub N N 203 
LEU C     OXT    sing N N 204 
LEU CB    CG     sing N N 205 
LEU CB    HB2    sing N N 206 
LEU CB    HB3    sing N N 207 
LEU CG    CD1    sing N N 208 
LEU CG    CD2    sing N N 209 
LEU CG    HG     sing N N 210 
LEU CD1   HD11   sing N N 211 
LEU CD1   HD12   sing N N 212 
LEU CD1   HD13   sing N N 213 
LEU CD2   HD21   sing N N 214 
LEU CD2   HD22   sing N N 215 
LEU CD2   HD23   sing N N 216 
LEU OXT   HXT    sing N N 217 
LYS N     CA     sing N N 218 
LYS N     H      sing N N 219 
LYS N     H2     sing N N 220 
LYS CA    C      sing N N 221 
LYS CA    CB     sing N N 222 
LYS CA    HA     sing N N 223 
LYS C     O      doub N N 224 
LYS C     OXT    sing N N 225 
LYS CB    CG     sing N N 226 
LYS CB    HB2    sing N N 227 
LYS CB    HB3    sing N N 228 
LYS CG    CD     sing N N 229 
LYS CG    HG2    sing N N 230 
LYS CG    HG3    sing N N 231 
LYS CD    CE     sing N N 232 
LYS CD    HD2    sing N N 233 
LYS CD    HD3    sing N N 234 
LYS CE    NZ     sing N N 235 
LYS CE    HE2    sing N N 236 
LYS CE    HE3    sing N N 237 
LYS NZ    HZ1    sing N N 238 
LYS NZ    HZ2    sing N N 239 
LYS NZ    HZ3    sing N N 240 
LYS OXT   HXT    sing N N 241 
MET N     CA     sing N N 242 
MET N     H      sing N N 243 
MET N     H2     sing N N 244 
MET CA    C      sing N N 245 
MET CA    CB     sing N N 246 
MET CA    HA     sing N N 247 
MET C     O      doub N N 248 
MET C     OXT    sing N N 249 
MET CB    CG     sing N N 250 
MET CB    HB2    sing N N 251 
MET CB    HB3    sing N N 252 
MET CG    SD     sing N N 253 
MET CG    HG2    sing N N 254 
MET CG    HG3    sing N N 255 
MET SD    CE     sing N N 256 
MET CE    HE1    sing N N 257 
MET CE    HE2    sing N N 258 
MET CE    HE3    sing N N 259 
MET OXT   HXT    sing N N 260 
PHE N     CA     sing N N 261 
PHE N     H      sing N N 262 
PHE N     H2     sing N N 263 
PHE CA    C      sing N N 264 
PHE CA    CB     sing N N 265 
PHE CA    HA     sing N N 266 
PHE C     O      doub N N 267 
PHE C     OXT    sing N N 268 
PHE CB    CG     sing N N 269 
PHE CB    HB2    sing N N 270 
PHE CB    HB3    sing N N 271 
PHE CG    CD1    doub Y N 272 
PHE CG    CD2    sing Y N 273 
PHE CD1   CE1    sing Y N 274 
PHE CD1   HD1    sing N N 275 
PHE CD2   CE2    doub Y N 276 
PHE CD2   HD2    sing N N 277 
PHE CE1   CZ     doub Y N 278 
PHE CE1   HE1    sing N N 279 
PHE CE2   CZ     sing Y N 280 
PHE CE2   HE2    sing N N 281 
PHE CZ    HZ     sing N N 282 
PHE OXT   HXT    sing N N 283 
PRO N     CA     sing N N 284 
PRO N     CD     sing N N 285 
PRO N     H      sing N N 286 
PRO CA    C      sing N N 287 
PRO CA    CB     sing N N 288 
PRO CA    HA     sing N N 289 
PRO C     O      doub N N 290 
PRO C     OXT    sing N N 291 
PRO CB    CG     sing N N 292 
PRO CB    HB2    sing N N 293 
PRO CB    HB3    sing N N 294 
PRO CG    CD     sing N N 295 
PRO CG    HG2    sing N N 296 
PRO CG    HG3    sing N N 297 
PRO CD    HD2    sing N N 298 
PRO CD    HD3    sing N N 299 
PRO OXT   HXT    sing N N 300 
SER N     CA     sing N N 301 
SER N     H      sing N N 302 
SER N     H2     sing N N 303 
SER CA    C      sing N N 304 
SER CA    CB     sing N N 305 
SER CA    HA     sing N N 306 
SER C     O      doub N N 307 
SER C     OXT    sing N N 308 
SER CB    OG     sing N N 309 
SER CB    HB2    sing N N 310 
SER CB    HB3    sing N N 311 
SER OG    HG     sing N N 312 
SER OXT   HXT    sing N N 313 
THR N     CA     sing N N 314 
THR N     H      sing N N 315 
THR N     H2     sing N N 316 
THR CA    C      sing N N 317 
THR CA    CB     sing N N 318 
THR CA    HA     sing N N 319 
THR C     O      doub N N 320 
THR C     OXT    sing N N 321 
THR CB    OG1    sing N N 322 
THR CB    CG2    sing N N 323 
THR CB    HB     sing N N 324 
THR OG1   HG1    sing N N 325 
THR CG2   HG21   sing N N 326 
THR CG2   HG22   sing N N 327 
THR CG2   HG23   sing N N 328 
THR OXT   HXT    sing N N 329 
TRP N     CA     sing N N 330 
TRP N     H      sing N N 331 
TRP N     H2     sing N N 332 
TRP CA    C      sing N N 333 
TRP CA    CB     sing N N 334 
TRP CA    HA     sing N N 335 
TRP C     O      doub N N 336 
TRP C     OXT    sing N N 337 
TRP CB    CG     sing N N 338 
TRP CB    HB2    sing N N 339 
TRP CB    HB3    sing N N 340 
TRP CG    CD1    doub Y N 341 
TRP CG    CD2    sing Y N 342 
TRP CD1   NE1    sing Y N 343 
TRP CD1   HD1    sing N N 344 
TRP CD2   CE2    doub Y N 345 
TRP CD2   CE3    sing Y N 346 
TRP NE1   CE2    sing Y N 347 
TRP NE1   HE1    sing N N 348 
TRP CE2   CZ2    sing Y N 349 
TRP CE3   CZ3    doub Y N 350 
TRP CE3   HE3    sing N N 351 
TRP CZ2   CH2    doub Y N 352 
TRP CZ2   HZ2    sing N N 353 
TRP CZ3   CH2    sing Y N 354 
TRP CZ3   HZ3    sing N N 355 
TRP CH2   HH2    sing N N 356 
TRP OXT   HXT    sing N N 357 
TYR N     CA     sing N N 358 
TYR N     H      sing N N 359 
TYR N     H2     sing N N 360 
TYR CA    C      sing N N 361 
TYR CA    CB     sing N N 362 
TYR CA    HA     sing N N 363 
TYR C     O      doub N N 364 
TYR C     OXT    sing N N 365 
TYR CB    CG     sing N N 366 
TYR CB    HB2    sing N N 367 
TYR CB    HB3    sing N N 368 
TYR CG    CD1    doub Y N 369 
TYR CG    CD2    sing Y N 370 
TYR CD1   CE1    sing Y N 371 
TYR CD1   HD1    sing N N 372 
TYR CD2   CE2    doub Y N 373 
TYR CD2   HD2    sing N N 374 
TYR CE1   CZ     doub Y N 375 
TYR CE1   HE1    sing N N 376 
TYR CE2   CZ     sing Y N 377 
TYR CE2   HE2    sing N N 378 
TYR CZ    OH     sing N N 379 
TYR OH    HH     sing N N 380 
TYR OXT   HXT    sing N N 381 
VAL N     CA     sing N N 382 
VAL N     H      sing N N 383 
VAL N     H2     sing N N 384 
VAL CA    C      sing N N 385 
VAL CA    CB     sing N N 386 
VAL CA    HA     sing N N 387 
VAL C     O      doub N N 388 
VAL C     OXT    sing N N 389 
VAL CB    CG1    sing N N 390 
VAL CB    CG2    sing N N 391 
VAL CB    HB     sing N N 392 
VAL CG1   HG11   sing N N 393 
VAL CG1   HG12   sing N N 394 
VAL CG1   HG13   sing N N 395 
VAL CG2   HG21   sing N N 396 
VAL CG2   HG22   sing N N 397 
VAL CG2   HG23   sing N N 398 
VAL OXT   HXT    sing N N 399 
# 
_pdbx_entity_nonpoly.entity_id   3 
_pdbx_entity_nonpoly.name        water 
_pdbx_entity_nonpoly.comp_id     HOH 
# 
_pdbx_initial_refinement_model.id               1 
_pdbx_initial_refinement_model.entity_id_list   ? 
_pdbx_initial_refinement_model.type             'experimental model' 
_pdbx_initial_refinement_model.source_name      PDB 
_pdbx_initial_refinement_model.accession_code   3N1J 
_pdbx_initial_refinement_model.details          'PDB 3N1J' 
# 
